data_4X14
#
_entry.id   4X14
#
_cell.length_a   150.450
_cell.length_b   95.590
_cell.length_c   129.670
_cell.angle_alpha   90.00
_cell.angle_beta   110.17
_cell.angle_gamma   90.00
#
_symmetry.space_group_name_H-M   'C 1 2 1'
#
loop_
_entity.id
_entity.type
_entity.pdbx_description
1 polymer 'Major capsid protein VP1'
2 branched 'beta-D-galactopyranose-(1-3)-2-acetamido-2-deoxy-beta-D-galactopyranose-(1-4)-[N-acetyl-alpha-neuraminic acid-(2-3)]beta-D-galactopyranose'
3 branched 'beta-D-galactopyranose-(1-3)-2-acetamido-2-deoxy-beta-D-galactopyranose-(1-4)-[N-acetyl-alpha-neuraminic acid-(2-3)]beta-D-galactopyranose-(1-4)-beta-D-glucopyranose'
4 non-polymer GLYCEROL
5 non-polymer 1,2-ETHANEDIOL
6 non-polymer 'POTASSIUM ION'
7 water water
#
_entity_poly.entity_id   1
_entity_poly.type   'polypeptide(L)'
_entity_poly.pdbx_seq_one_letter_code
;GSHMGGVEVLEVKTGVDSITEVECFLTPEMGDPDEHLRGFSKSISISDTFESDSPNRDMLPCYSVARIPLPNLNEDLTCG
NILMWEAVTLKTEVIGVTSLMNVHSNGQATHDNGAGKPVQGTSFHFFSVGGEALELQGVLFNYRTKYPDGTIFPKNATVQ
SQVMNTEHKAYLDKNKAYPVECWVPDPTRNENTRYFGTLTGGENVPPVLHITNTATTVLLDEFGVGPLCKGDNLYLSAVD
VCGMFTNRSGSQQWRGLSRYFKVQLRKRRVKN
;
_entity_poly.pdbx_strand_id   A,B,C,D,E
#
loop_
_chem_comp.id
_chem_comp.type
_chem_comp.name
_chem_comp.formula
BGC D-saccharide, beta linking beta-D-glucopyranose 'C6 H12 O6'
EDO non-polymer 1,2-ETHANEDIOL 'C2 H6 O2'
GAL D-saccharide, beta linking beta-D-galactopyranose 'C6 H12 O6'
GOL non-polymer GLYCEROL 'C3 H8 O3'
K non-polymer 'POTASSIUM ION' 'K 1'
NGA D-saccharide, beta linking 2-acetamido-2-deoxy-beta-D-galactopyranose 'C8 H15 N O6'
SIA D-saccharide, alpha linking 'N-acetyl-alpha-neuraminic acid' 'C11 H19 N O9'
#
# COMPACT_ATOMS: atom_id res chain seq x y z
N VAL A 7 -5.57 -27.48 -31.81
CA VAL A 7 -4.45 -28.26 -31.21
C VAL A 7 -4.95 -29.02 -30.00
N GLU A 8 -5.00 -30.35 -30.10
CA GLU A 8 -5.03 -31.21 -28.91
C GLU A 8 -3.59 -31.23 -28.36
N VAL A 9 -3.44 -30.86 -27.08
CA VAL A 9 -2.15 -30.87 -26.42
C VAL A 9 -1.89 -32.22 -25.80
N LEU A 10 -0.76 -32.84 -26.12
CA LEU A 10 -0.42 -34.15 -25.58
C LEU A 10 0.78 -34.02 -24.63
N GLU A 11 1.67 -35.00 -24.60
CA GLU A 11 2.71 -35.03 -23.56
C GLU A 11 3.95 -34.16 -23.83
N VAL A 12 4.63 -33.82 -22.75
CA VAL A 12 5.89 -33.12 -22.77
C VAL A 12 7.03 -34.07 -23.09
N LYS A 13 7.96 -33.66 -23.96
CA LYS A 13 9.15 -34.46 -24.23
C LYS A 13 10.15 -34.24 -23.11
N THR A 14 10.90 -35.29 -22.78
CA THR A 14 11.97 -35.20 -21.79
C THR A 14 13.30 -35.57 -22.45
N GLY A 15 14.39 -35.45 -21.70
CA GLY A 15 15.73 -35.67 -22.25
C GLY A 15 16.52 -34.38 -22.32
N VAL A 16 17.83 -34.51 -22.43
CA VAL A 16 18.73 -33.35 -22.42
C VAL A 16 18.41 -32.34 -23.54
N ASP A 17 17.98 -32.86 -24.70
CA ASP A 17 17.68 -32.05 -25.90
C ASP A 17 16.31 -31.30 -25.85
N SER A 18 15.54 -31.49 -24.78
CA SER A 18 14.12 -31.16 -24.79
C SER A 18 13.77 -29.79 -24.21
N ILE A 19 14.77 -29.04 -23.72
CA ILE A 19 14.54 -27.71 -23.16
C ILE A 19 15.44 -26.69 -23.83
N THR A 20 15.01 -25.45 -23.82
CA THR A 20 15.81 -24.35 -24.33
C THR A 20 15.47 -23.08 -23.58
N GLU A 21 16.30 -22.08 -23.77
CA GLU A 21 16.26 -20.90 -22.95
C GLU A 21 16.41 -19.68 -23.86
N VAL A 22 15.57 -18.68 -23.68
CA VAL A 22 15.72 -17.41 -24.37
C VAL A 22 16.02 -16.29 -23.37
N GLU A 23 17.09 -15.55 -23.64
CA GLU A 23 17.52 -14.45 -22.78
C GLU A 23 17.83 -13.22 -23.61
N CYS A 24 17.18 -12.09 -23.28
CA CYS A 24 17.35 -10.84 -24.06
C CYS A 24 16.79 -9.61 -23.34
N PHE A 25 16.94 -8.47 -23.99
CA PHE A 25 16.37 -7.24 -23.47
C PHE A 25 15.66 -6.50 -24.61
N LEU A 26 14.57 -5.81 -24.25
CA LEU A 26 13.85 -4.96 -25.18
C LEU A 26 14.10 -3.50 -24.78
N THR A 27 14.57 -2.70 -25.73
CA THR A 27 14.81 -1.28 -25.45
C THR A 27 13.50 -0.52 -25.52
N PRO A 28 13.37 0.57 -24.76
CA PRO A 28 12.14 1.34 -24.82
C PRO A 28 12.10 2.21 -26.07
N GLU A 29 10.88 2.53 -26.52
CA GLU A 29 10.69 3.39 -27.69
C GLU A 29 9.80 4.56 -27.30
N MET A 30 10.44 5.59 -26.74
CA MET A 30 9.73 6.72 -26.12
C MET A 30 9.52 7.88 -27.08
N GLY A 31 10.17 7.84 -28.25
CA GLY A 31 10.00 8.89 -29.25
C GLY A 31 11.31 9.34 -29.87
N ASP A 32 12.36 9.44 -29.05
CA ASP A 32 13.72 9.74 -29.51
C ASP A 32 13.78 11.00 -30.37
N PRO A 33 13.50 12.16 -29.76
CA PRO A 33 13.36 13.40 -30.53
C PRO A 33 14.62 13.91 -31.22
N ASP A 34 15.79 13.55 -30.73
CA ASP A 34 17.04 13.83 -31.44
C ASP A 34 18.09 12.77 -31.12
N GLU A 35 19.30 12.95 -31.67
CA GLU A 35 20.39 11.98 -31.58
C GLU A 35 21.03 11.85 -30.18
N HIS A 36 20.64 12.70 -29.24
CA HIS A 36 21.12 12.61 -27.85
C HIS A 36 20.08 12.09 -26.86
N LEU A 37 18.87 11.82 -27.33
CA LEU A 37 17.75 11.62 -26.40
C LEU A 37 17.06 10.26 -26.51
N ARG A 38 17.81 9.23 -26.88
CA ARG A 38 17.30 7.85 -26.83
C ARG A 38 16.80 7.58 -25.42
N GLY A 39 15.57 7.07 -25.31
CA GLY A 39 14.97 6.78 -24.01
C GLY A 39 14.02 7.87 -23.54
N PHE A 40 14.02 9.02 -24.22
CA PHE A 40 13.13 10.12 -23.91
C PHE A 40 12.12 10.37 -25.03
N SER A 41 11.01 10.99 -24.71
CA SER A 41 10.12 11.54 -25.72
C SER A 41 10.51 12.99 -26.00
N LYS A 42 9.88 13.55 -27.02
CA LYS A 42 9.85 14.98 -27.21
C LYS A 42 9.13 15.60 -26.01
N SER A 43 9.48 16.85 -25.70
CA SER A 43 8.72 17.57 -24.69
C SER A 43 7.26 17.55 -25.09
N ILE A 44 6.39 17.46 -24.10
CA ILE A 44 4.96 17.35 -24.34
C ILE A 44 4.38 18.75 -24.48
N SER A 45 3.59 18.95 -25.52
CA SER A 45 2.78 20.15 -25.63
C SER A 45 1.30 19.82 -25.68
N ILE A 46 0.47 20.77 -25.28
CA ILE A 46 -0.97 20.57 -25.13
C ILE A 46 -1.70 21.29 -26.26
N SER A 47 -2.60 20.62 -26.95
CA SER A 47 -3.46 21.30 -27.93
C SER A 47 -4.47 22.21 -27.23
N ASP A 48 -4.94 23.23 -27.92
CA ASP A 48 -5.86 24.21 -27.27
C ASP A 48 -7.34 23.77 -27.37
N THR A 49 -7.66 22.74 -28.17
CA THR A 49 -8.99 22.14 -28.18
C THR A 49 -8.87 20.65 -28.34
N PHE A 50 -9.96 19.95 -28.07
CA PHE A 50 -10.01 18.51 -28.33
C PHE A 50 -9.82 18.20 -29.81
N GLU A 51 -10.55 18.92 -30.65
CA GLU A 51 -10.56 18.62 -32.07
C GLU A 51 -9.21 18.92 -32.75
N SER A 52 -8.39 19.79 -32.15
CA SER A 52 -7.07 20.09 -32.70
C SER A 52 -5.92 19.28 -32.09
N ASP A 53 -6.22 18.28 -31.26
CA ASP A 53 -5.21 17.40 -30.74
C ASP A 53 -4.48 16.69 -31.88
N SER A 54 -3.15 16.81 -31.88
CA SER A 54 -2.37 16.47 -33.03
C SER A 54 -0.92 16.14 -32.69
N PRO A 55 -0.69 15.09 -31.89
CA PRO A 55 0.65 14.86 -31.37
C PRO A 55 1.66 14.49 -32.45
N ASN A 56 2.87 15.02 -32.33
CA ASN A 56 3.97 14.58 -33.17
C ASN A 56 4.39 13.17 -32.84
N ARG A 57 4.95 12.49 -33.83
CA ARG A 57 5.39 11.13 -33.67
C ARG A 57 6.41 10.98 -32.53
N ASP A 58 7.37 11.88 -32.46
CA ASP A 58 8.43 11.75 -31.46
C ASP A 58 7.97 12.12 -30.06
N MET A 59 6.69 12.45 -29.90
CA MET A 59 6.08 12.69 -28.60
C MET A 59 5.27 11.49 -28.06
N LEU A 60 5.16 10.42 -28.86
CA LEU A 60 4.34 9.26 -28.50
C LEU A 60 5.16 8.01 -28.23
N PRO A 61 5.25 7.61 -26.93
CA PRO A 61 5.81 6.29 -26.65
C PRO A 61 5.04 5.19 -27.36
N CYS A 62 5.75 4.13 -27.78
CA CYS A 62 5.15 2.99 -28.48
C CYS A 62 5.48 1.68 -27.78
N TYR A 63 4.69 0.65 -28.04
CA TYR A 63 4.95 -0.71 -27.55
C TYR A 63 6.24 -1.20 -28.17
N SER A 64 7.05 -1.89 -27.40
CA SER A 64 8.21 -2.62 -27.92
C SER A 64 7.84 -4.09 -28.12
N VAL A 65 8.42 -4.70 -29.14
CA VAL A 65 8.18 -6.10 -29.45
C VAL A 65 9.46 -6.72 -30.01
N ALA A 66 9.71 -7.97 -29.66
CA ALA A 66 10.70 -8.80 -30.34
C ALA A 66 10.12 -10.17 -30.67
N ARG A 67 10.34 -10.61 -31.90
CA ARG A 67 10.04 -11.94 -32.34
C ARG A 67 11.36 -12.70 -32.28
N ILE A 68 11.44 -13.73 -31.44
CA ILE A 68 12.67 -14.47 -31.23
C ILE A 68 12.54 -15.85 -31.88
N PRO A 69 13.40 -16.14 -32.86
CA PRO A 69 13.37 -17.49 -33.47
C PRO A 69 13.87 -18.54 -32.49
N LEU A 70 13.25 -19.73 -32.52
CA LEU A 70 13.60 -20.84 -31.65
C LEU A 70 14.14 -21.99 -32.47
N PRO A 71 14.88 -22.92 -31.83
CA PRO A 71 15.36 -24.06 -32.61
C PRO A 71 14.23 -24.74 -33.41
N ASN A 72 14.50 -24.97 -34.68
CA ASN A 72 13.54 -25.54 -35.60
C ASN A 72 13.13 -26.94 -35.18
N LEU A 73 11.84 -27.22 -35.23
CA LEU A 73 11.30 -28.52 -34.84
C LEU A 73 10.87 -29.46 -36.00
N ILE A 82 4.07 -33.81 -34.67
CA ILE A 82 4.19 -32.33 -34.51
C ILE A 82 4.55 -31.86 -33.08
N LEU A 83 5.73 -31.25 -32.94
CA LEU A 83 6.18 -30.70 -31.68
C LEU A 83 6.10 -29.17 -31.73
N MET A 84 5.92 -28.56 -30.56
CA MET A 84 5.98 -27.12 -30.41
C MET A 84 6.70 -26.75 -29.13
N TRP A 85 7.40 -25.62 -29.16
CA TRP A 85 8.01 -25.08 -27.96
C TRP A 85 6.94 -24.47 -27.08
N GLU A 86 6.99 -24.78 -25.79
CA GLU A 86 6.03 -24.31 -24.82
C GLU A 86 6.77 -23.43 -23.81
N ALA A 87 6.32 -22.19 -23.66
CA ALA A 87 6.96 -21.29 -22.72
C ALA A 87 6.43 -21.60 -21.32
N VAL A 88 7.33 -21.83 -20.37
CA VAL A 88 6.97 -22.32 -19.06
C VAL A 88 7.19 -21.30 -17.94
N THR A 89 8.33 -20.63 -17.94
CA THR A 89 8.66 -19.68 -16.88
C THR A 89 9.26 -18.43 -17.46
N LEU A 90 9.13 -17.33 -16.70
CA LEU A 90 9.67 -16.01 -17.07
C LEU A 90 10.35 -15.36 -15.86
N LYS A 91 11.58 -14.89 -16.04
CA LYS A 91 12.16 -13.88 -15.16
C LYS A 91 12.25 -12.58 -15.95
N THR A 92 11.85 -11.49 -15.32
CA THR A 92 11.89 -10.20 -15.98
C THR A 92 12.26 -9.09 -14.98
N GLU A 93 12.93 -8.05 -15.46
CA GLU A 93 13.06 -6.83 -14.68
C GLU A 93 13.44 -5.61 -15.53
N VAL A 94 13.19 -4.44 -14.96
CA VAL A 94 13.54 -3.20 -15.60
C VAL A 94 15.03 -2.97 -15.37
N ILE A 95 15.73 -2.60 -16.43
CA ILE A 95 17.18 -2.42 -16.41
C ILE A 95 17.55 -0.93 -16.31
N GLY A 96 18.30 -0.61 -15.27
CA GLY A 96 18.81 0.75 -15.09
C GLY A 96 17.97 1.62 -14.15
N VAL A 97 17.35 0.99 -13.16
CA VAL A 97 16.47 1.72 -12.26
C VAL A 97 17.17 2.86 -11.53
N THR A 98 18.46 2.68 -11.23
CA THR A 98 19.24 3.68 -10.49
C THR A 98 19.58 4.94 -11.28
N SER A 99 19.50 4.88 -12.60
CA SER A 99 19.71 6.07 -13.42
C SER A 99 18.78 7.19 -13.01
N LEU A 100 17.60 6.85 -12.49
CA LEU A 100 16.61 7.83 -12.06
C LEU A 100 17.07 8.62 -10.81
N MET A 101 18.24 8.29 -10.27
CA MET A 101 18.84 9.08 -9.19
C MET A 101 19.69 10.25 -9.67
N ASN A 102 19.81 10.41 -10.99
CA ASN A 102 20.47 11.61 -11.51
C ASN A 102 19.52 12.79 -11.38
N VAL A 103 19.72 13.56 -10.31
CA VAL A 103 18.93 14.76 -10.02
C VAL A 103 19.81 16.02 -10.10
N HIS A 104 20.84 15.96 -10.94
CA HIS A 104 21.77 17.08 -11.12
C HIS A 104 21.98 17.50 -12.58
N SER A 105 21.15 16.98 -13.49
CA SER A 105 21.33 17.10 -14.92
C SER A 105 20.19 17.90 -15.49
N ASN A 106 20.31 19.22 -15.43
CA ASN A 106 19.38 20.11 -16.08
C ASN A 106 17.91 19.91 -15.76
N GLY A 107 17.63 19.62 -14.50
CA GLY A 107 16.24 19.48 -14.08
C GLY A 107 15.77 20.67 -13.28
N GLN A 108 14.47 20.72 -13.02
CA GLN A 108 13.86 21.82 -12.31
C GLN A 108 14.05 21.58 -10.82
N ALA A 109 14.57 22.58 -10.13
CA ALA A 109 14.75 22.48 -8.70
C ALA A 109 13.40 22.32 -8.02
N THR A 110 13.38 21.51 -6.98
CA THR A 110 12.18 21.30 -6.18
C THR A 110 11.78 22.55 -5.42
N HIS A 111 12.77 23.34 -5.04
CA HIS A 111 12.57 24.61 -4.36
C HIS A 111 13.91 25.35 -4.45
N ASP A 112 13.96 26.60 -3.96
CA ASP A 112 15.19 27.42 -4.07
C ASP A 112 16.38 26.74 -3.43
N ASN A 113 17.46 26.58 -4.21
CA ASN A 113 18.70 25.91 -3.79
C ASN A 113 18.65 24.39 -3.68
N GLY A 114 17.53 23.79 -4.08
CA GLY A 114 17.31 22.34 -3.94
C GLY A 114 17.82 21.53 -5.11
N ALA A 115 17.78 20.21 -4.96
CA ALA A 115 18.13 19.30 -6.03
C ALA A 115 17.06 19.32 -7.12
N GLY A 116 17.38 18.74 -8.27
CA GLY A 116 16.42 18.63 -9.36
C GLY A 116 15.33 17.61 -9.03
N LYS A 117 14.16 17.82 -9.62
CA LYS A 117 13.05 16.89 -9.50
C LYS A 117 13.40 15.59 -10.19
N PRO A 118 13.10 14.48 -9.52
CA PRO A 118 13.33 13.22 -10.20
C PRO A 118 12.22 12.93 -11.18
N VAL A 119 12.45 11.97 -12.04
CA VAL A 119 11.39 11.39 -12.87
C VAL A 119 10.25 10.90 -11.99
N GLN A 120 9.03 11.25 -12.38
CA GLN A 120 7.84 10.90 -11.61
C GLN A 120 6.60 11.20 -12.45
N GLY A 121 5.44 10.81 -11.93
CA GLY A 121 4.18 10.96 -12.63
C GLY A 121 3.78 9.70 -13.37
N THR A 122 2.84 9.85 -14.30
CA THR A 122 2.19 8.73 -14.94
C THR A 122 3.17 7.70 -15.47
N SER A 123 2.92 6.42 -15.15
CA SER A 123 3.75 5.31 -15.59
C SER A 123 2.89 4.19 -16.16
N PHE A 124 3.43 3.46 -17.12
CA PHE A 124 2.82 2.22 -17.59
C PHE A 124 3.94 1.19 -17.66
N HIS A 125 3.79 0.12 -16.90
CA HIS A 125 4.73 -0.99 -16.92
C HIS A 125 3.99 -2.22 -17.36
N PHE A 126 4.47 -2.82 -18.44
CA PHE A 126 3.76 -3.86 -19.13
C PHE A 126 4.73 -4.84 -19.75
N PHE A 127 4.40 -6.13 -19.70
CA PHE A 127 5.17 -7.14 -20.40
C PHE A 127 4.29 -8.36 -20.76
N SER A 128 4.61 -9.01 -21.87
CA SER A 128 3.90 -10.21 -22.27
C SER A 128 4.83 -11.19 -22.93
N VAL A 129 4.46 -12.47 -22.83
CA VAL A 129 5.15 -13.57 -23.47
C VAL A 129 4.10 -14.40 -24.19
N GLY A 130 4.29 -14.64 -25.49
CA GLY A 130 3.32 -15.40 -26.26
C GLY A 130 3.90 -16.22 -27.41
N GLY A 131 3.10 -17.14 -27.89
CA GLY A 131 3.47 -17.99 -29.01
C GLY A 131 2.99 -17.46 -30.34
N GLU A 132 2.60 -16.18 -30.35
CA GLU A 132 2.17 -15.45 -31.54
C GLU A 132 2.10 -13.96 -31.15
N ALA A 133 1.89 -13.10 -32.13
CA ALA A 133 1.89 -11.67 -31.86
C ALA A 133 0.82 -11.29 -30.85
N LEU A 134 1.17 -10.41 -29.94
CA LEU A 134 0.19 -9.86 -29.01
C LEU A 134 -0.94 -9.25 -29.82
N GLU A 135 -2.17 -9.55 -29.43
CA GLU A 135 -3.35 -9.00 -30.11
C GLU A 135 -3.85 -7.76 -29.38
N LEU A 136 -4.09 -6.69 -30.15
CA LEU A 136 -4.39 -5.38 -29.59
C LEU A 136 -5.80 -4.92 -29.92
N GLN A 137 -6.39 -4.17 -28.97
CA GLN A 137 -7.67 -3.49 -29.14
C GLN A 137 -7.42 -2.00 -28.98
N GLY A 138 -7.98 -1.20 -29.89
CA GLY A 138 -7.82 0.24 -29.87
C GLY A 138 -8.87 0.93 -29.00
N VAL A 139 -8.39 1.82 -28.11
CA VAL A 139 -9.26 2.71 -27.34
C VAL A 139 -8.60 4.09 -27.32
N LEU A 140 -9.40 5.13 -27.61
CA LEU A 140 -8.87 6.48 -27.71
C LEU A 140 -9.38 7.38 -26.60
N PHE A 141 -8.49 8.13 -25.97
CA PHE A 141 -8.94 9.16 -25.05
C PHE A 141 -9.90 10.13 -25.75
N ASN A 142 -9.53 10.52 -26.97
CA ASN A 142 -10.21 11.54 -27.76
C ASN A 142 -10.24 11.06 -29.21
N TYR A 143 -11.42 10.79 -29.76
CA TYR A 143 -11.50 10.15 -31.08
C TYR A 143 -11.06 11.08 -32.21
N ARG A 144 -11.06 12.40 -31.95
CA ARG A 144 -10.68 13.40 -32.95
C ARG A 144 -9.17 13.69 -32.93
N THR A 145 -8.42 12.97 -32.10
CA THR A 145 -6.98 13.09 -32.11
C THR A 145 -6.45 12.67 -33.50
N LYS A 146 -5.70 13.55 -34.15
CA LYS A 146 -5.05 13.17 -35.42
C LYS A 146 -3.68 12.56 -35.11
N TYR A 147 -3.58 11.24 -35.28
CA TYR A 147 -2.32 10.52 -35.03
C TYR A 147 -1.35 10.66 -36.22
N PRO A 148 -0.04 10.71 -35.95
CA PRO A 148 0.88 11.15 -36.99
C PRO A 148 1.32 10.04 -37.94
N ASP A 149 1.78 10.47 -39.11
CA ASP A 149 2.37 9.57 -40.13
C ASP A 149 3.51 8.80 -39.51
N GLY A 150 3.62 7.52 -39.84
CA GLY A 150 4.65 6.67 -39.29
C GLY A 150 4.21 5.88 -38.07
N THR A 151 3.02 6.21 -37.52
CA THR A 151 2.42 5.38 -36.47
C THR A 151 1.24 4.57 -37.02
N ILE A 152 0.93 3.47 -36.34
CA ILE A 152 -0.21 2.64 -36.71
C ILE A 152 -1.21 2.78 -35.58
N PHE A 153 -2.38 3.32 -35.93
CA PHE A 153 -3.34 3.79 -34.96
C PHE A 153 -4.73 3.37 -35.42
N PRO A 154 -5.73 3.41 -34.51
CA PRO A 154 -7.08 3.04 -34.91
C PRO A 154 -7.61 3.90 -36.07
N LYS A 155 -8.04 3.25 -37.14
CA LYS A 155 -8.56 3.90 -38.35
C LYS A 155 -10.09 3.97 -38.33
N ASN A 156 -10.65 4.96 -39.02
CA ASN A 156 -12.10 5.18 -39.06
C ASN A 156 -12.68 5.39 -37.65
N ALA A 157 -11.98 6.17 -36.83
CA ALA A 157 -12.39 6.42 -35.47
C ALA A 157 -13.76 7.09 -35.47
N THR A 158 -14.58 6.75 -34.48
CA THR A 158 -15.85 7.42 -34.23
C THR A 158 -15.91 7.74 -32.72
N VAL A 159 -16.98 8.38 -32.30
CA VAL A 159 -17.13 8.72 -30.90
C VAL A 159 -17.18 7.45 -30.03
N GLN A 160 -17.69 6.35 -30.58
CA GLN A 160 -17.68 5.08 -29.90
C GLN A 160 -16.26 4.55 -29.62
N SER A 161 -15.27 4.98 -30.40
CA SER A 161 -13.87 4.58 -30.19
C SER A 161 -13.34 5.07 -28.83
N GLN A 162 -14.01 6.06 -28.24
CA GLN A 162 -13.66 6.53 -26.89
C GLN A 162 -14.03 5.55 -25.75
N VAL A 163 -14.86 4.55 -26.06
CA VAL A 163 -15.21 3.52 -25.07
C VAL A 163 -14.99 2.07 -25.54
N MET A 164 -15.47 1.73 -26.74
CA MET A 164 -15.20 0.40 -27.36
C MET A 164 -15.77 0.31 -28.77
N ASN A 165 -14.86 0.31 -29.75
CA ASN A 165 -15.22 0.12 -31.14
C ASN A 165 -14.48 -1.12 -31.59
N THR A 166 -15.21 -2.19 -31.84
CA THR A 166 -14.61 -3.49 -32.14
C THR A 166 -13.89 -3.55 -33.50
N GLU A 167 -14.05 -2.53 -34.34
CA GLU A 167 -13.29 -2.48 -35.57
C GLU A 167 -11.78 -2.33 -35.31
N HIS A 168 -11.39 -1.76 -34.17
CA HIS A 168 -9.98 -1.48 -33.93
C HIS A 168 -9.19 -2.68 -33.40
N LYS A 169 -8.94 -3.65 -34.28
CA LYS A 169 -8.11 -4.83 -33.97
C LYS A 169 -6.78 -4.76 -34.71
N ALA A 170 -5.71 -5.17 -34.05
CA ALA A 170 -4.40 -5.17 -34.66
C ALA A 170 -3.51 -6.18 -33.96
N TYR A 171 -2.37 -6.47 -34.61
CA TYR A 171 -1.32 -7.29 -34.03
C TYR A 171 -0.12 -6.41 -33.74
N LEU A 172 0.51 -6.60 -32.58
CA LEU A 172 1.76 -5.92 -32.28
C LEU A 172 2.87 -6.62 -33.07
N ASP A 173 3.03 -6.18 -34.31
CA ASP A 173 3.86 -6.87 -35.29
C ASP A 173 5.01 -5.98 -35.82
N LYS A 174 5.26 -4.86 -35.15
CA LYS A 174 6.24 -3.89 -35.63
C LYS A 174 6.69 -2.94 -34.52
N ASN A 175 7.97 -2.60 -34.50
CA ASN A 175 8.51 -1.65 -33.54
C ASN A 175 8.33 -0.20 -33.94
N LYS A 176 8.43 0.70 -32.94
CA LYS A 176 8.27 2.14 -33.09
C LYS A 176 7.04 2.50 -33.91
N ALA A 177 5.94 1.78 -33.72
CA ALA A 177 4.78 1.95 -34.59
C ALA A 177 3.46 2.12 -33.86
N TYR A 178 3.26 1.34 -32.80
CA TYR A 178 1.98 1.27 -32.09
C TYR A 178 2.00 2.14 -30.83
N PRO A 179 1.32 3.30 -30.87
CA PRO A 179 1.42 4.15 -29.70
C PRO A 179 0.73 3.56 -28.47
N VAL A 180 1.37 3.71 -27.32
CA VAL A 180 0.85 3.17 -26.08
C VAL A 180 -0.56 3.70 -25.78
N GLU A 181 -0.77 4.99 -26.02
CA GLU A 181 -2.02 5.64 -25.64
C GLU A 181 -3.25 5.19 -26.45
N CYS A 182 -3.02 4.57 -27.61
CA CYS A 182 -4.09 4.09 -28.49
C CYS A 182 -4.51 2.67 -28.33
N TRP A 183 -3.62 1.84 -27.80
CA TRP A 183 -3.77 0.39 -27.87
C TRP A 183 -3.58 -0.27 -26.53
N VAL A 184 -4.37 -1.31 -26.27
CA VAL A 184 -4.18 -2.21 -25.14
C VAL A 184 -4.27 -3.66 -25.63
N PRO A 185 -3.77 -4.59 -24.81
CA PRO A 185 -4.05 -6.00 -25.10
C PRO A 185 -5.55 -6.25 -25.20
N ASP A 186 -5.95 -6.96 -26.26
CA ASP A 186 -7.34 -7.30 -26.48
C ASP A 186 -7.73 -8.45 -25.53
N PRO A 187 -8.54 -8.16 -24.50
CA PRO A 187 -8.90 -9.21 -23.57
C PRO A 187 -9.83 -10.28 -24.15
N THR A 188 -10.45 -10.00 -25.31
CA THR A 188 -11.31 -10.96 -25.98
C THR A 188 -10.51 -11.98 -26.76
N ARG A 189 -9.21 -11.78 -26.93
CA ARG A 189 -8.37 -12.75 -27.65
C ARG A 189 -7.17 -13.09 -26.76
N ASN A 190 -5.98 -13.19 -27.33
CA ASN A 190 -4.74 -13.48 -26.60
C ASN A 190 -4.70 -14.76 -25.75
N GLU A 191 -5.44 -15.79 -26.16
CA GLU A 191 -5.49 -17.02 -25.38
C GLU A 191 -4.11 -17.72 -25.36
N ASN A 192 -3.27 -17.46 -26.37
CA ASN A 192 -1.93 -18.05 -26.46
C ASN A 192 -0.80 -17.09 -26.03
N THR A 193 -1.12 -16.16 -25.14
CA THR A 193 -0.18 -15.18 -24.62
C THR A 193 -0.49 -15.03 -23.13
N ARG A 194 0.52 -14.63 -22.35
CA ARG A 194 0.30 -14.20 -20.98
C ARG A 194 0.74 -12.76 -20.91
N TYR A 195 -0.13 -11.87 -20.44
CA TYR A 195 0.24 -10.45 -20.33
C TYR A 195 -0.03 -9.87 -18.95
N PHE A 196 0.77 -8.87 -18.58
CA PHE A 196 0.70 -8.24 -17.28
C PHE A 196 1.03 -6.78 -17.43
N GLY A 197 0.18 -5.90 -16.87
CA GLY A 197 0.43 -4.48 -16.94
C GLY A 197 -0.19 -3.67 -15.81
N THR A 198 0.46 -2.55 -15.47
CA THR A 198 -0.07 -1.62 -14.49
C THR A 198 0.09 -0.19 -15.01
N LEU A 199 -1.02 0.54 -15.03
CA LEU A 199 -1.06 1.96 -15.29
C LEU A 199 -1.19 2.63 -13.94
N THR A 200 -0.24 3.51 -13.60
CA THR A 200 -0.35 4.32 -12.39
C THR A 200 -0.35 5.78 -12.85
N GLY A 201 -1.50 6.46 -12.75
CA GLY A 201 -1.65 7.83 -13.28
C GLY A 201 -1.55 8.92 -12.22
N GLY A 202 -1.18 10.11 -12.61
CA GLY A 202 -1.13 11.23 -11.65
C GLY A 202 0.21 11.90 -11.75
N GLU A 203 0.25 13.23 -11.71
CA GLU A 203 1.50 13.96 -12.02
C GLU A 203 2.60 13.79 -10.98
N ASN A 204 2.24 13.38 -9.77
CA ASN A 204 3.23 13.24 -8.71
C ASN A 204 3.45 11.81 -8.24
N VAL A 205 2.98 10.84 -9.01
CA VAL A 205 3.18 9.45 -8.63
C VAL A 205 4.66 9.13 -8.58
N PRO A 206 5.12 8.54 -7.47
CA PRO A 206 6.50 8.10 -7.33
C PRO A 206 6.73 6.77 -8.04
N PRO A 207 7.83 6.67 -8.80
CA PRO A 207 8.23 5.36 -9.32
C PRO A 207 8.62 4.41 -8.18
N VAL A 208 8.13 3.17 -8.23
CA VAL A 208 8.50 2.13 -7.26
C VAL A 208 8.94 0.92 -8.06
N LEU A 209 10.25 0.74 -8.19
CA LEU A 209 10.83 -0.26 -9.08
C LEU A 209 11.65 -1.25 -8.28
N HIS A 210 11.22 -2.51 -8.31
CA HIS A 210 11.89 -3.59 -7.59
C HIS A 210 12.78 -4.37 -8.55
N ILE A 211 13.95 -4.75 -8.09
CA ILE A 211 14.80 -5.66 -8.85
C ILE A 211 15.22 -6.83 -7.95
N THR A 212 15.29 -8.01 -8.56
CA THR A 212 15.83 -9.20 -7.92
C THR A 212 16.00 -10.27 -8.98
N ASN A 213 16.99 -11.16 -8.80
CA ASN A 213 17.14 -12.32 -9.66
C ASN A 213 16.55 -13.61 -9.04
N THR A 214 15.68 -13.46 -8.05
CA THR A 214 15.14 -14.61 -7.35
C THR A 214 13.66 -14.85 -7.60
N ALA A 215 13.03 -14.07 -8.48
CA ALA A 215 11.59 -14.16 -8.70
C ALA A 215 11.27 -14.73 -10.09
N THR A 216 10.40 -15.73 -10.13
CA THR A 216 10.02 -16.40 -11.36
C THR A 216 8.49 -16.32 -11.51
N THR A 217 8.01 -16.02 -12.70
CA THR A 217 6.60 -16.12 -13.01
C THR A 217 6.32 -17.37 -13.86
N VAL A 218 5.40 -18.22 -13.37
CA VAL A 218 5.02 -19.42 -14.09
C VAL A 218 3.99 -19.04 -15.17
N LEU A 219 4.20 -19.50 -16.40
CA LEU A 219 3.37 -19.09 -17.54
C LEU A 219 2.26 -20.08 -17.89
N LEU A 220 2.18 -21.19 -17.16
CA LEU A 220 1.18 -22.21 -17.41
C LEU A 220 -0.23 -21.72 -17.07
N ASP A 221 -1.20 -22.07 -17.91
CA ASP A 221 -2.62 -21.79 -17.63
C ASP A 221 -3.20 -22.82 -16.65
N GLU A 222 -4.50 -22.74 -16.39
CA GLU A 222 -5.17 -23.62 -15.41
C GLU A 222 -5.14 -25.13 -15.79
N PHE A 223 -4.80 -25.44 -17.03
CA PHE A 223 -4.64 -26.82 -17.47
C PHE A 223 -3.17 -27.25 -17.55
N GLY A 224 -2.24 -26.45 -17.03
CA GLY A 224 -0.81 -26.80 -17.06
C GLY A 224 -0.12 -26.57 -18.40
N VAL A 225 -0.70 -25.71 -19.24
CA VAL A 225 -0.17 -25.46 -20.58
C VAL A 225 0.26 -24.01 -20.77
N GLY A 226 1.51 -23.81 -21.15
CA GLY A 226 2.02 -22.48 -21.44
C GLY A 226 1.72 -22.05 -22.87
N PRO A 227 2.14 -20.85 -23.24
CA PRO A 227 2.06 -20.44 -24.65
C PRO A 227 2.81 -21.43 -25.56
N LEU A 228 2.16 -21.77 -26.67
CA LEU A 228 2.73 -22.67 -27.67
C LEU A 228 3.20 -21.88 -28.89
N CYS A 229 4.47 -22.00 -29.22
CA CYS A 229 5.09 -21.11 -30.18
C CYS A 229 4.86 -21.54 -31.61
N LYS A 230 3.96 -20.85 -32.30
CA LYS A 230 3.65 -21.14 -33.72
C LYS A 230 4.80 -20.74 -34.63
N GLY A 231 5.14 -21.61 -35.57
CA GLY A 231 6.25 -21.37 -36.46
C GLY A 231 7.58 -21.27 -35.76
N ASP A 232 7.70 -21.79 -34.54
CA ASP A 232 8.94 -21.70 -33.74
C ASP A 232 9.39 -20.23 -33.50
N ASN A 233 8.44 -19.38 -33.15
CA ASN A 233 8.76 -18.02 -32.74
C ASN A 233 8.14 -17.68 -31.39
N LEU A 234 8.96 -17.06 -30.54
CA LEU A 234 8.52 -16.56 -29.25
C LEU A 234 8.32 -15.05 -29.39
N TYR A 235 7.17 -14.54 -28.95
CA TYR A 235 6.88 -13.13 -29.02
C TYR A 235 6.97 -12.48 -27.63
N LEU A 236 7.88 -11.52 -27.50
CA LEU A 236 8.03 -10.75 -26.27
C LEU A 236 7.64 -9.30 -26.52
N SER A 237 6.84 -8.73 -25.61
CA SER A 237 6.39 -7.34 -25.72
C SER A 237 6.54 -6.62 -24.39
N ALA A 238 6.68 -5.31 -24.46
CA ALA A 238 6.96 -4.51 -23.27
C ALA A 238 6.68 -3.01 -23.43
N VAL A 239 6.29 -2.38 -22.34
CA VAL A 239 6.32 -0.94 -22.22
C VAL A 239 6.78 -0.68 -20.81
N ASP A 240 7.74 0.23 -20.64
CA ASP A 240 8.14 0.71 -19.34
C ASP A 240 8.34 2.21 -19.37
N VAL A 241 7.21 2.93 -19.40
CA VAL A 241 7.19 4.37 -19.23
C VAL A 241 7.27 4.63 -17.73
N CYS A 242 8.40 5.14 -17.29
CA CYS A 242 8.71 5.25 -15.86
C CYS A 242 8.10 6.49 -15.24
N GLY A 243 7.76 7.47 -16.08
CA GLY A 243 7.32 8.78 -15.60
C GLY A 243 7.76 9.88 -16.56
N MET A 244 7.80 11.09 -16.06
CA MET A 244 8.22 12.23 -16.84
C MET A 244 9.41 12.90 -16.19
N PHE A 245 10.37 13.32 -17.01
CA PHE A 245 11.48 14.15 -16.57
C PHE A 245 11.14 15.61 -16.82
N THR A 246 11.30 16.45 -15.81
CA THR A 246 11.02 17.87 -15.93
C THR A 246 12.30 18.67 -16.08
N ASN A 247 12.45 19.36 -17.21
CA ASN A 247 13.68 20.15 -17.36
C ASN A 247 13.51 21.49 -16.65
N ARG A 248 14.62 22.21 -16.52
CA ARG A 248 14.65 23.53 -15.88
C ARG A 248 13.59 24.53 -16.34
N SER A 249 13.24 24.46 -17.61
CA SER A 249 12.19 25.34 -18.13
C SER A 249 10.77 24.93 -17.69
N GLY A 250 10.63 23.71 -17.16
CA GLY A 250 9.33 23.20 -16.81
C GLY A 250 8.77 22.24 -17.84
N SER A 251 9.31 22.24 -19.05
CA SER A 251 8.81 21.31 -20.07
C SER A 251 9.08 19.87 -19.64
N GLN A 252 8.24 18.95 -20.07
CA GLN A 252 8.27 17.58 -19.59
C GLN A 252 8.38 16.56 -20.70
N GLN A 253 9.16 15.50 -20.45
CA GLN A 253 9.41 14.43 -21.41
C GLN A 253 9.20 13.07 -20.74
N TRP A 254 8.54 12.16 -21.45
CA TRP A 254 8.47 10.77 -20.98
C TRP A 254 9.89 10.19 -20.88
N ARG A 255 10.16 9.41 -19.83
CA ARG A 255 11.42 8.66 -19.73
C ARG A 255 11.11 7.17 -19.57
N GLY A 256 11.76 6.35 -20.40
CA GLY A 256 11.56 4.89 -20.36
C GLY A 256 12.86 4.15 -20.15
N LEU A 257 12.75 2.88 -19.78
CA LEU A 257 13.91 2.03 -19.53
C LEU A 257 13.72 0.67 -20.21
N SER A 258 14.84 -0.02 -20.46
CA SER A 258 14.83 -1.34 -21.09
C SER A 258 14.30 -2.41 -20.14
N ARG A 259 13.86 -3.55 -20.69
CA ARG A 259 13.35 -4.67 -19.89
C ARG A 259 14.04 -5.97 -20.27
N TYR A 260 14.51 -6.67 -19.25
CA TYR A 260 15.13 -7.99 -19.38
C TYR A 260 14.08 -9.08 -19.37
N PHE A 261 14.25 -10.08 -20.24
CA PHE A 261 13.41 -11.27 -20.30
C PHE A 261 14.32 -12.51 -20.27
N LYS A 262 13.97 -13.50 -19.45
CA LYS A 262 14.54 -14.85 -19.55
C LYS A 262 13.40 -15.84 -19.52
N VAL A 263 13.21 -16.56 -20.62
CA VAL A 263 12.12 -17.51 -20.75
C VAL A 263 12.65 -18.92 -20.95
N GLN A 264 12.11 -19.87 -20.19
CA GLN A 264 12.45 -21.28 -20.34
C GLN A 264 11.35 -22.00 -21.09
N LEU A 265 11.74 -22.83 -22.04
CA LEU A 265 10.77 -23.54 -22.86
C LEU A 265 11.05 -25.02 -22.90
N ARG A 266 10.01 -25.79 -23.17
CA ARG A 266 10.13 -27.22 -23.33
C ARG A 266 9.32 -27.67 -24.54
N LYS A 267 9.71 -28.80 -25.12
CA LYS A 267 9.02 -29.34 -26.28
C LYS A 267 7.75 -30.06 -25.86
N ARG A 268 6.67 -29.79 -26.57
CA ARG A 268 5.37 -30.34 -26.31
C ARG A 268 4.79 -30.96 -27.58
N ARG A 269 4.31 -32.19 -27.51
CA ARG A 269 3.62 -32.78 -28.66
C ARG A 269 2.16 -32.32 -28.74
N VAL A 270 1.70 -32.08 -29.97
CA VAL A 270 0.31 -31.73 -30.26
C VAL A 270 -0.21 -32.45 -31.52
N LYS A 271 -1.52 -32.56 -31.69
CA LYS A 271 -2.10 -33.30 -32.83
C LYS A 271 -3.01 -32.41 -33.69
N VAL B 7 31.15 -26.88 -12.61
CA VAL B 7 30.88 -27.40 -11.23
C VAL B 7 29.62 -28.25 -11.19
N GLU B 8 29.79 -29.57 -11.07
CA GLU B 8 28.71 -30.45 -10.63
C GLU B 8 28.63 -30.25 -9.11
N VAL B 9 27.43 -29.94 -8.61
CA VAL B 9 27.19 -29.82 -7.16
C VAL B 9 26.76 -31.15 -6.57
N LEU B 10 27.47 -31.63 -5.57
CA LEU B 10 27.16 -32.92 -4.95
C LEU B 10 26.62 -32.67 -3.53
N GLU B 11 26.92 -33.56 -2.60
CA GLU B 11 26.24 -33.52 -1.29
C GLU B 11 26.80 -32.49 -0.29
N VAL B 12 25.92 -32.13 0.65
CA VAL B 12 26.26 -31.29 1.77
C VAL B 12 26.99 -32.09 2.85
N LYS B 13 28.05 -31.51 3.43
CA LYS B 13 28.75 -32.15 4.56
C LYS B 13 27.94 -31.88 5.81
N THR B 14 27.93 -32.84 6.74
CA THR B 14 27.31 -32.66 8.04
C THR B 14 28.39 -32.78 9.12
N GLY B 15 27.97 -32.67 10.38
CA GLY B 15 28.90 -32.73 11.51
C GLY B 15 29.11 -31.34 12.09
N VAL B 16 29.59 -31.29 13.33
CA VAL B 16 29.72 -30.01 14.07
C VAL B 16 30.60 -28.99 13.30
N ASP B 17 31.64 -29.51 12.62
CA ASP B 17 32.62 -28.71 11.88
C ASP B 17 32.12 -28.14 10.53
N SER B 18 30.87 -28.43 10.15
CA SER B 18 30.44 -28.26 8.78
C SER B 18 29.64 -26.98 8.49
N ILE B 19 29.42 -26.15 9.51
CA ILE B 19 28.70 -24.90 9.33
C ILE B 19 29.50 -23.74 9.87
N THR B 20 29.25 -22.54 9.36
CA THR B 20 29.89 -21.33 9.86
C THR B 20 28.98 -20.13 9.61
N GLU B 21 29.31 -19.03 10.26
CA GLU B 21 28.42 -17.90 10.34
C GLU B 21 29.24 -16.64 10.06
N VAL B 22 28.73 -15.75 9.24
CA VAL B 22 29.35 -14.45 9.04
C VAL B 22 28.40 -13.36 9.53
N GLU B 23 28.91 -12.47 10.36
CA GLU B 23 28.11 -11.37 10.90
C GLU B 23 28.90 -10.08 10.79
N CYS B 24 28.31 -9.05 10.17
CA CYS B 24 29.01 -7.77 9.97
C CYS B 24 28.07 -6.66 9.53
N PHE B 25 28.64 -5.46 9.33
CA PHE B 25 27.90 -4.34 8.82
C PHE B 25 28.70 -3.63 7.73
N LEU B 26 27.99 -3.11 6.73
CA LEU B 26 28.58 -2.32 5.68
C LEU B 26 28.18 -0.88 5.90
N THR B 27 29.17 0.02 5.96
CA THR B 27 28.88 1.44 6.10
C THR B 27 28.48 2.03 4.73
N PRO B 28 27.64 3.07 4.74
CA PRO B 28 27.26 3.69 3.48
C PRO B 28 28.39 4.56 2.96
N GLU B 29 28.40 4.78 1.63
CA GLU B 29 29.37 5.65 0.99
C GLU B 29 28.64 6.68 0.15
N MET B 30 28.24 7.76 0.82
CA MET B 30 27.38 8.77 0.23
C MET B 30 28.15 9.92 -0.42
N GLY B 31 29.44 10.02 -0.14
CA GLY B 31 30.28 11.07 -0.72
C GLY B 31 31.24 11.69 0.29
N ASP B 32 30.78 11.88 1.52
CA ASP B 32 31.62 12.36 2.64
C ASP B 32 32.37 13.68 2.32
N PRO B 33 31.61 14.75 2.08
CA PRO B 33 32.20 16.00 1.55
C PRO B 33 33.24 16.66 2.49
N ASP B 34 33.16 16.42 3.78
CA ASP B 34 34.21 16.87 4.69
C ASP B 34 34.33 15.92 5.88
N GLU B 35 35.19 16.29 6.82
CA GLU B 35 35.51 15.46 7.98
C GLU B 35 34.39 15.34 9.02
N HIS B 36 33.32 16.13 8.89
CA HIS B 36 32.17 16.05 9.79
C HIS B 36 30.95 15.35 9.19
N LEU B 37 31.01 14.96 7.92
CA LEU B 37 29.79 14.59 7.20
C LEU B 37 29.82 13.17 6.63
N ARG B 38 30.42 12.24 7.35
CA ARG B 38 30.30 10.83 7.04
C ARG B 38 28.82 10.46 7.03
N GLY B 39 28.37 9.79 5.96
CA GLY B 39 26.97 9.40 5.83
C GLY B 39 26.15 10.35 4.97
N PHE B 40 26.72 11.51 4.64
CA PHE B 40 26.07 12.49 3.80
C PHE B 40 26.83 12.68 2.47
N SER B 41 26.12 13.12 1.44
CA SER B 41 26.77 13.59 0.23
C SER B 41 27.01 15.09 0.33
N LYS B 42 27.79 15.59 -0.61
CA LYS B 42 27.88 17.02 -0.84
C LYS B 42 26.49 17.50 -1.24
N SER B 43 26.18 18.78 -0.95
CA SER B 43 24.94 19.38 -1.41
C SER B 43 24.85 19.23 -2.94
N ILE B 44 23.66 18.98 -3.43
CA ILE B 44 23.45 18.69 -4.83
C ILE B 44 23.24 19.95 -5.65
N SER B 45 24.05 20.12 -6.69
CA SER B 45 23.87 21.21 -7.65
C SER B 45 23.35 20.66 -8.99
N ILE B 46 22.76 21.55 -9.78
CA ILE B 46 22.13 21.20 -11.05
C ILE B 46 22.86 21.87 -12.22
N SER B 47 23.27 21.09 -13.22
CA SER B 47 23.90 21.66 -14.40
C SER B 47 22.87 22.41 -15.30
N ASP B 48 23.37 23.40 -16.04
CA ASP B 48 22.52 24.22 -16.90
C ASP B 48 22.08 23.54 -18.19
N THR B 49 22.85 22.54 -18.62
CA THR B 49 22.53 21.75 -19.80
C THR B 49 22.88 20.29 -19.56
N PHE B 50 22.32 19.43 -20.38
CA PHE B 50 22.66 18.03 -20.31
C PHE B 50 24.16 17.79 -20.59
N GLU B 51 24.67 18.44 -21.62
CA GLU B 51 26.06 18.20 -22.00
C GLU B 51 27.08 18.70 -20.97
N SER B 52 26.66 19.65 -20.13
CA SER B 52 27.52 20.15 -19.06
C SER B 52 27.31 19.50 -17.69
N ASP B 53 26.51 18.43 -17.63
CA ASP B 53 26.38 17.66 -16.38
C ASP B 53 27.73 17.10 -15.97
N SER B 54 28.14 17.42 -14.75
CA SER B 54 29.52 17.22 -14.34
C SER B 54 29.67 17.04 -12.83
N PRO B 55 29.06 16.00 -12.27
CA PRO B 55 29.00 15.92 -10.81
C PRO B 55 30.36 15.71 -10.13
N ASN B 56 30.56 16.40 -9.01
CA ASN B 56 31.74 16.15 -8.19
C ASN B 56 31.65 14.79 -7.52
N ARG B 57 32.80 14.19 -7.29
CA ARG B 57 32.88 12.88 -6.68
C ARG B 57 32.11 12.81 -5.36
N ASP B 58 32.30 13.81 -4.50
CA ASP B 58 31.69 13.78 -3.18
C ASP B 58 30.18 14.06 -3.20
N MET B 59 29.61 14.21 -4.40
CA MET B 59 28.17 14.32 -4.60
C MET B 59 27.52 13.02 -5.05
N LEU B 60 28.32 11.97 -5.32
CA LEU B 60 27.80 10.71 -5.85
C LEU B 60 27.86 9.58 -4.83
N PRO B 61 26.70 9.16 -4.34
CA PRO B 61 26.70 7.90 -3.58
C PRO B 61 27.22 6.72 -4.43
N CYS B 62 27.92 5.80 -3.77
CA CYS B 62 28.48 4.63 -4.43
C CYS B 62 27.98 3.34 -3.77
N TYR B 63 28.10 2.22 -4.49
CA TYR B 63 27.81 0.90 -3.94
C TYR B 63 28.84 0.61 -2.85
N SER B 64 28.40 -0.02 -1.78
CA SER B 64 29.30 -0.57 -0.77
C SER B 64 29.49 -2.05 -1.00
N VAL B 65 30.69 -2.55 -0.74
CA VAL B 65 31.02 -3.96 -0.90
C VAL B 65 32.00 -4.39 0.19
N ALA B 66 31.82 -5.61 0.68
CA ALA B 66 32.83 -6.25 1.50
C ALA B 66 33.09 -7.68 1.01
N ARG B 67 34.36 -8.02 0.90
CA ARG B 67 34.80 -9.38 0.63
C ARG B 67 35.25 -10.02 1.95
N ILE B 68 34.49 -10.98 2.43
CA ILE B 68 34.72 -11.58 3.75
C ILE B 68 35.41 -12.92 3.60
N PRO B 69 36.63 -13.07 4.14
CA PRO B 69 37.31 -14.37 4.09
C PRO B 69 36.66 -15.41 4.99
N LEU B 70 36.56 -16.64 4.50
CA LEU B 70 35.92 -17.74 5.22
C LEU B 70 36.97 -18.76 5.64
N PRO B 71 36.64 -19.63 6.60
CA PRO B 71 37.62 -20.66 6.98
C PRO B 71 38.12 -21.43 5.78
N ASN B 72 39.44 -21.58 5.69
CA ASN B 72 40.05 -22.11 4.51
C ASN B 72 39.73 -23.59 4.32
N LEU B 73 39.35 -23.98 3.11
CA LEU B 73 38.94 -25.37 2.85
C LEU B 73 39.91 -26.34 2.18
N ASN B 74 40.56 -25.97 1.08
CA ASN B 74 41.38 -26.94 0.34
C ASN B 74 42.86 -26.58 0.32
N ILE B 82 37.14 -31.53 -3.47
CA ILE B 82 36.89 -30.07 -3.44
C ILE B 82 35.60 -29.66 -2.71
N LEU B 83 35.75 -28.91 -1.62
CA LEU B 83 34.63 -28.37 -0.86
C LEU B 83 34.53 -26.85 -1.03
N MET B 84 33.29 -26.35 -0.98
CA MET B 84 33.04 -24.92 -1.02
C MET B 84 31.99 -24.53 0.00
N TRP B 85 32.13 -23.34 0.56
CA TRP B 85 31.12 -22.80 1.45
C TRP B 85 29.92 -22.37 0.62
N GLU B 86 28.74 -22.75 1.09
CA GLU B 86 27.49 -22.44 0.43
C GLU B 86 26.69 -21.53 1.35
N ALA B 87 26.29 -20.37 0.83
CA ALA B 87 25.50 -19.44 1.63
C ALA B 87 24.04 -19.89 1.57
N VAL B 88 23.42 -20.04 2.75
CA VAL B 88 22.10 -20.65 2.85
C VAL B 88 21.01 -19.69 3.32
N THR B 89 21.30 -18.85 4.31
CA THR B 89 20.31 -17.92 4.85
C THR B 89 20.93 -16.55 5.10
N LEU B 90 20.07 -15.53 5.10
CA LEU B 90 20.46 -14.15 5.38
C LEU B 90 19.47 -13.48 6.33
N LYS B 91 19.97 -12.83 7.36
CA LYS B 91 19.23 -11.79 8.07
C LYS B 91 19.89 -10.47 7.77
N THR B 92 19.10 -9.44 7.48
CA THR B 92 19.66 -8.13 7.20
C THR B 92 18.74 -7.02 7.72
N GLU B 93 19.31 -5.90 8.11
CA GLU B 93 18.51 -4.69 8.36
C GLU B 93 19.33 -3.40 8.33
N VAL B 94 18.63 -2.30 8.13
CA VAL B 94 19.26 -0.98 8.14
C VAL B 94 19.46 -0.59 9.59
N ILE B 95 20.66 -0.10 9.89
CA ILE B 95 21.05 0.26 11.25
C ILE B 95 20.94 1.75 11.46
N GLY B 96 20.16 2.14 12.45
CA GLY B 96 20.05 3.55 12.87
C GLY B 96 18.84 4.28 12.30
N VAL B 97 17.76 3.54 12.05
CA VAL B 97 16.58 4.13 11.40
C VAL B 97 16.05 5.33 12.18
N THR B 98 16.13 5.28 13.50
CA THR B 98 15.56 6.33 14.35
C THR B 98 16.32 7.66 14.30
N SER B 99 17.57 7.65 13.84
CA SER B 99 18.34 8.88 13.68
C SER B 99 17.61 9.87 12.77
N LEU B 100 16.77 9.36 11.87
CA LEU B 100 15.98 10.19 10.96
C LEU B 100 14.88 10.98 11.68
N MET B 101 14.73 10.79 12.99
CA MET B 101 13.83 11.62 13.77
C MET B 101 14.47 12.88 14.31
N ASN B 102 15.73 13.12 14.00
CA ASN B 102 16.34 14.40 14.33
C ASN B 102 15.84 15.46 13.37
N VAL B 103 14.84 16.20 13.82
CA VAL B 103 14.22 17.30 13.05
C VAL B 103 14.51 18.66 13.66
N HIS B 104 15.60 18.76 14.43
CA HIS B 104 15.94 19.99 15.14
C HIS B 104 17.34 20.54 14.79
N SER B 105 18.00 19.92 13.81
CA SER B 105 19.40 20.20 13.53
C SER B 105 19.62 21.04 12.25
N ASN B 106 19.25 22.31 12.34
CA ASN B 106 19.39 23.30 11.27
C ASN B 106 18.81 22.88 9.91
N GLY B 107 17.65 22.25 9.96
CA GLY B 107 16.88 21.86 8.77
C GLY B 107 15.98 23.01 8.36
N GLN B 108 15.23 22.79 7.28
CA GLN B 108 14.25 23.77 6.79
C GLN B 108 12.88 23.53 7.40
N ALA B 109 12.36 24.55 8.06
CA ALA B 109 11.09 24.45 8.75
C ALA B 109 10.00 24.21 7.72
N THR B 110 9.08 23.31 8.06
CA THR B 110 7.98 22.98 7.17
C THR B 110 7.09 24.21 6.95
N HIS B 111 6.93 25.01 7.99
CA HIS B 111 6.12 26.23 7.98
C HIS B 111 6.56 27.12 9.17
N ASP B 112 6.00 28.30 9.30
CA ASP B 112 6.40 29.22 10.38
C ASP B 112 6.28 28.60 11.78
N ASN B 113 7.40 28.61 12.50
CA ASN B 113 7.54 28.04 13.85
C ASN B 113 7.53 26.53 13.90
N GLY B 114 7.52 25.85 12.76
CA GLY B 114 7.42 24.40 12.71
C GLY B 114 8.74 23.71 12.93
N ALA B 115 8.69 22.38 13.01
CA ALA B 115 9.89 21.56 13.10
C ALA B 115 10.54 21.48 11.74
N GLY B 116 11.77 20.98 11.70
CA GLY B 116 12.49 20.78 10.45
C GLY B 116 11.98 19.63 9.62
N LYS B 117 12.08 19.76 8.30
CA LYS B 117 11.67 18.72 7.39
C LYS B 117 12.57 17.51 7.60
N PRO B 118 11.97 16.32 7.72
CA PRO B 118 12.79 15.11 7.88
C PRO B 118 13.37 14.66 6.55
N VAL B 119 14.39 13.80 6.62
CA VAL B 119 14.92 13.12 5.43
C VAL B 119 13.79 12.47 4.66
N GLN B 120 13.79 12.69 3.36
CA GLN B 120 12.72 12.16 2.51
C GLN B 120 13.13 12.31 1.05
N GLY B 121 12.29 11.79 0.15
CA GLY B 121 12.58 11.82 -1.27
C GLY B 121 13.26 10.53 -1.74
N THR B 122 13.83 10.60 -2.94
CA THR B 122 14.33 9.44 -3.63
C THR B 122 15.19 8.54 -2.76
N SER B 123 14.89 7.24 -2.75
CA SER B 123 15.65 6.26 -1.98
C SER B 123 16.00 5.04 -2.84
N PHE B 124 17.14 4.42 -2.56
CA PHE B 124 17.49 3.15 -3.15
C PHE B 124 17.98 2.27 -2.02
N HIS B 125 17.31 1.14 -1.81
CA HIS B 125 17.68 0.15 -0.80
C HIS B 125 17.97 -1.17 -1.50
N PHE B 126 19.18 -1.64 -1.32
CA PHE B 126 19.71 -2.73 -2.09
C PHE B 126 20.66 -3.56 -1.25
N PHE B 127 20.63 -4.88 -1.46
CA PHE B 127 21.61 -5.75 -0.85
C PHE B 127 21.75 -7.05 -1.62
N SER B 128 22.98 -7.60 -1.62
CA SER B 128 23.25 -8.86 -2.30
C SER B 128 24.26 -9.71 -1.53
N VAL B 129 24.12 -11.02 -1.70
CA VAL B 129 25.02 -12.00 -1.13
C VAL B 129 25.47 -12.93 -2.26
N GLY B 130 26.78 -13.05 -2.44
CA GLY B 130 27.29 -13.90 -3.51
C GLY B 130 28.57 -14.60 -3.18
N GLY B 131 28.91 -15.58 -4.02
CA GLY B 131 30.17 -16.31 -3.92
C GLY B 131 31.24 -15.79 -4.84
N GLU B 132 31.02 -14.56 -5.33
CA GLU B 132 31.95 -13.84 -6.17
C GLU B 132 31.44 -12.41 -6.27
N ALA B 133 32.23 -11.53 -6.89
CA ALA B 133 31.85 -10.14 -6.98
C ALA B 133 30.53 -9.97 -7.73
N LEU B 134 29.68 -9.10 -7.23
CA LEU B 134 28.46 -8.71 -7.94
C LEU B 134 28.82 -8.20 -9.32
N GLU B 135 28.11 -8.69 -10.33
CA GLU B 135 28.34 -8.26 -11.72
C GLU B 135 27.38 -7.13 -12.08
N LEU B 136 27.94 -6.07 -12.68
CA LEU B 136 27.21 -4.83 -12.93
C LEU B 136 27.02 -4.58 -14.42
N GLN B 137 25.92 -3.90 -14.74
CA GLN B 137 25.61 -3.37 -16.07
C GLN B 137 25.43 -1.87 -15.94
N GLY B 138 26.05 -1.12 -16.83
CA GLY B 138 25.96 0.33 -16.82
C GLY B 138 24.76 0.83 -17.58
N VAL B 139 24.02 1.76 -16.96
CA VAL B 139 22.96 2.50 -17.63
C VAL B 139 23.00 3.96 -17.16
N LEU B 140 22.98 4.89 -18.10
CA LEU B 140 23.13 6.30 -17.78
C LEU B 140 21.83 7.07 -18.03
N PHE B 141 21.45 7.91 -17.07
CA PHE B 141 20.35 8.85 -17.33
C PHE B 141 20.68 9.73 -18.55
N ASN B 142 21.93 10.21 -18.58
CA ASN B 142 22.41 11.17 -19.57
C ASN B 142 23.80 10.75 -20.01
N TYR B 143 23.97 10.34 -21.28
CA TYR B 143 25.24 9.75 -21.70
C TYR B 143 26.36 10.76 -21.75
N ARG B 144 26.03 12.04 -21.76
CA ARG B 144 27.04 13.10 -21.83
C ARG B 144 27.49 13.57 -20.45
N THR B 145 26.99 12.94 -19.40
CA THR B 145 27.47 13.24 -18.07
C THR B 145 28.97 12.95 -17.97
N LYS B 146 29.75 13.94 -17.55
CA LYS B 146 31.17 13.74 -17.26
C LYS B 146 31.34 13.24 -15.82
N TYR B 147 31.63 11.96 -15.66
CA TYR B 147 31.84 11.40 -14.32
C TYR B 147 33.24 11.72 -13.81
N PRO B 148 33.39 11.91 -12.48
CA PRO B 148 34.63 12.49 -11.99
C PRO B 148 35.76 11.47 -11.76
N ASP B 149 36.98 12.01 -11.73
CA ASP B 149 38.18 11.23 -11.39
C ASP B 149 37.98 10.56 -10.04
N GLY B 150 38.44 9.32 -9.94
CA GLY B 150 38.31 8.57 -8.71
C GLY B 150 37.10 7.67 -8.69
N THR B 151 36.17 7.85 -9.64
CA THR B 151 35.06 6.92 -9.81
C THR B 151 35.32 5.97 -10.97
N ILE B 152 34.60 4.85 -10.96
CA ILE B 152 34.65 3.90 -12.06
C ILE B 152 33.25 3.89 -12.67
N PHE B 153 33.18 4.27 -13.93
CA PHE B 153 31.93 4.59 -14.59
C PHE B 153 31.96 4.02 -15.99
N PRO B 154 30.79 3.92 -16.65
CA PRO B 154 30.77 3.40 -18.02
C PRO B 154 31.65 4.22 -18.98
N LYS B 155 32.58 3.56 -19.66
CA LYS B 155 33.52 4.19 -20.60
C LYS B 155 32.99 4.07 -22.03
N ASN B 156 33.40 5.01 -22.90
CA ASN B 156 32.95 5.05 -24.29
C ASN B 156 31.43 5.08 -24.36
N ALA B 157 30.82 5.95 -23.55
CA ALA B 157 29.37 6.12 -23.55
C ALA B 157 28.88 6.62 -24.89
N THR B 158 27.73 6.14 -25.32
CA THR B 158 27.05 6.64 -26.51
C THR B 158 25.60 6.88 -26.14
N VAL B 159 24.81 7.38 -27.07
CA VAL B 159 23.41 7.64 -26.79
C VAL B 159 22.66 6.35 -26.44
N GLN B 160 23.10 5.22 -26.97
CA GLN B 160 22.55 3.92 -26.60
C GLN B 160 22.79 3.55 -25.14
N SER B 161 23.80 4.14 -24.50
CA SER B 161 24.06 3.91 -23.08
C SER B 161 22.90 4.40 -22.20
N GLN B 162 22.06 5.28 -22.73
CA GLN B 162 20.85 5.76 -22.04
C GLN B 162 19.73 4.72 -21.93
N VAL B 163 19.83 3.61 -22.68
CA VAL B 163 18.87 2.51 -22.60
C VAL B 163 19.48 1.09 -22.40
N MET B 164 20.50 0.76 -23.18
CA MET B 164 21.27 -0.48 -23.00
C MET B 164 22.44 -0.53 -23.96
N ASN B 165 23.65 -0.46 -23.41
CA ASN B 165 24.88 -0.64 -24.16
C ASN B 165 25.63 -1.78 -23.48
N THR B 166 25.72 -2.92 -24.15
CA THR B 166 26.29 -4.12 -23.57
C THR B 166 27.80 -4.07 -23.38
N GLU B 167 28.46 -3.01 -23.84
CA GLU B 167 29.87 -2.81 -23.52
C GLU B 167 30.09 -2.47 -22.05
N HIS B 168 29.08 -1.93 -21.36
CA HIS B 168 29.27 -1.48 -19.97
C HIS B 168 29.11 -2.59 -18.93
N LYS B 169 30.10 -3.49 -18.87
CA LYS B 169 30.16 -4.56 -17.87
C LYS B 169 31.26 -4.28 -16.85
N ALA B 170 31.00 -4.61 -15.60
CA ALA B 170 32.00 -4.43 -14.56
C ALA B 170 31.71 -5.34 -13.39
N TYR B 171 32.67 -5.45 -12.48
CA TYR B 171 32.52 -6.15 -11.21
C TYR B 171 32.54 -5.13 -10.08
N LEU B 172 31.65 -5.29 -9.10
CA LEU B 172 31.71 -4.48 -7.90
C LEU B 172 32.84 -4.99 -7.02
N ASP B 173 34.04 -4.51 -7.31
CA ASP B 173 35.28 -5.05 -6.76
C ASP B 173 36.09 -3.98 -6.00
N LYS B 174 35.43 -2.89 -5.60
CA LYS B 174 36.11 -1.78 -4.93
C LYS B 174 35.12 -0.83 -4.27
N ASN B 175 35.47 -0.33 -3.09
CA ASN B 175 34.66 0.65 -2.38
C ASN B 175 34.87 2.08 -2.81
N LYS B 176 33.88 2.93 -2.50
CA LYS B 176 33.87 4.34 -2.87
C LYS B 176 34.24 4.57 -4.32
N ALA B 177 33.78 3.70 -5.22
CA ALA B 177 34.24 3.75 -6.60
C ALA B 177 33.13 3.74 -7.63
N TYR B 178 32.11 2.90 -7.42
CA TYR B 178 31.06 2.65 -8.40
C TYR B 178 29.82 3.46 -8.07
N PRO B 179 29.54 4.52 -8.84
CA PRO B 179 28.39 5.35 -8.48
C PRO B 179 27.06 4.64 -8.68
N VAL B 180 26.16 4.81 -7.72
CA VAL B 180 24.85 4.16 -7.75
C VAL B 180 24.09 4.50 -9.04
N GLU B 181 24.15 5.77 -9.45
CA GLU B 181 23.34 6.22 -10.60
C GLU B 181 23.78 5.66 -11.96
N CYS B 182 25.00 5.13 -12.03
CA CYS B 182 25.55 4.54 -13.28
C CYS B 182 25.34 3.07 -13.47
N TRP B 183 25.20 2.35 -12.36
CA TRP B 183 25.32 0.90 -12.38
C TRP B 183 24.15 0.20 -11.69
N VAL B 184 23.75 -0.92 -12.28
CA VAL B 184 22.81 -1.85 -11.66
C VAL B 184 23.33 -3.28 -11.78
N PRO B 185 22.81 -4.17 -10.92
CA PRO B 185 23.12 -5.59 -11.12
C PRO B 185 22.78 -6.03 -12.55
N ASP B 186 23.70 -6.74 -13.18
CA ASP B 186 23.51 -7.24 -14.52
C ASP B 186 22.58 -8.47 -14.45
N PRO B 187 21.35 -8.33 -14.94
CA PRO B 187 20.45 -9.48 -14.87
C PRO B 187 20.80 -10.62 -15.82
N THR B 188 21.69 -10.36 -16.78
CA THR B 188 22.15 -11.39 -17.72
C THR B 188 23.22 -12.27 -17.10
N ARG B 189 23.76 -11.89 -15.95
CA ARG B 189 24.77 -12.71 -15.27
C ARG B 189 24.33 -12.92 -13.82
N ASN B 190 25.26 -12.86 -12.87
CA ASN B 190 24.95 -13.03 -11.44
C ASN B 190 24.27 -14.34 -11.01
N GLU B 191 24.57 -15.43 -11.71
CA GLU B 191 23.98 -16.72 -11.37
C GLU B 191 24.44 -17.20 -9.98
N ASN B 192 25.61 -16.77 -9.54
CA ASN B 192 26.15 -17.16 -8.24
C ASN B 192 25.98 -16.08 -7.15
N THR B 193 24.96 -15.26 -7.29
CA THR B 193 24.64 -14.19 -6.35
C THR B 193 23.13 -14.12 -6.19
N ARG B 194 22.66 -13.67 -5.04
CA ARG B 194 21.26 -13.33 -4.87
C ARG B 194 21.18 -11.86 -4.57
N TYR B 195 20.41 -11.10 -5.35
CA TYR B 195 20.30 -9.65 -5.12
C TYR B 195 18.86 -9.17 -5.02
N PHE B 196 18.67 -8.09 -4.24
CA PHE B 196 17.36 -7.54 -3.95
C PHE B 196 17.48 -6.02 -3.83
N GLY B 197 16.62 -5.29 -4.55
CA GLY B 197 16.64 -3.82 -4.49
C GLY B 197 15.33 -3.15 -4.83
N THR B 198 15.12 -1.98 -4.21
CA THR B 198 13.96 -1.14 -4.50
C THR B 198 14.36 0.33 -4.64
N LEU B 199 14.00 0.90 -5.77
CA LEU B 199 14.12 2.31 -6.06
C LEU B 199 12.74 2.91 -5.82
N THR B 200 12.66 3.89 -4.91
CA THR B 200 11.44 4.65 -4.72
C THR B 200 11.74 6.12 -5.02
N GLY B 201 11.26 6.62 -6.15
CA GLY B 201 11.62 7.97 -6.62
C GLY B 201 10.55 9.01 -6.34
N GLY B 202 10.93 10.26 -6.22
CA GLY B 202 9.94 11.33 -6.03
C GLY B 202 10.43 12.16 -4.91
N GLU B 203 10.30 13.50 -5.00
CA GLU B 203 10.95 14.38 -4.04
C GLU B 203 10.36 14.30 -2.66
N ASN B 204 9.11 13.88 -2.52
CA ASN B 204 8.43 13.86 -1.22
C ASN B 204 8.20 12.47 -0.67
N VAL B 205 8.78 11.44 -1.28
CA VAL B 205 8.49 10.09 -0.78
C VAL B 205 8.98 9.89 0.66
N PRO B 206 8.08 9.41 1.53
CA PRO B 206 8.41 9.13 2.91
C PRO B 206 9.23 7.85 3.05
N PRO B 207 10.33 7.89 3.82
CA PRO B 207 11.03 6.66 4.17
C PRO B 207 10.13 5.72 4.97
N VAL B 208 10.13 4.43 4.62
CA VAL B 208 9.41 3.41 5.37
C VAL B 208 10.43 2.31 5.64
N LEU B 209 10.92 2.26 6.87
CA LEU B 209 12.01 1.37 7.24
C LEU B 209 11.57 0.44 8.38
N HIS B 210 11.57 -0.85 8.08
CA HIS B 210 11.17 -1.88 9.03
C HIS B 210 12.39 -2.52 9.64
N ILE B 211 12.36 -2.77 10.94
CA ILE B 211 13.40 -3.54 11.61
C ILE B 211 12.77 -4.69 12.40
N THR B 212 13.45 -5.84 12.40
CA THR B 212 13.09 -6.98 13.22
C THR B 212 14.23 -7.99 13.17
N ASN B 213 14.39 -8.76 14.25
CA ASN B 213 15.35 -9.88 14.26
C ASN B 213 14.67 -11.24 14.04
N THR B 214 13.46 -11.23 13.49
CA THR B 214 12.71 -12.46 13.32
C THR B 214 12.55 -12.89 11.86
N ALA B 215 13.13 -12.16 10.91
CA ALA B 215 12.94 -12.42 9.49
C ALA B 215 14.23 -13.00 8.85
N THR B 216 14.06 -14.08 8.11
CA THR B 216 15.18 -14.76 7.46
C THR B 216 14.87 -14.89 5.97
N THR B 217 15.84 -14.59 5.11
CA THR B 217 15.72 -14.84 3.69
C THR B 217 16.50 -16.11 3.35
N VAL B 218 15.87 -17.06 2.68
CA VAL B 218 16.55 -18.25 2.21
C VAL B 218 17.23 -17.93 0.88
N LEU B 219 18.51 -18.32 0.74
CA LEU B 219 19.32 -17.97 -0.43
C LEU B 219 19.42 -19.08 -1.46
N LEU B 220 18.79 -20.22 -1.20
CA LEU B 220 18.82 -21.35 -2.12
C LEU B 220 18.02 -21.07 -3.39
N ASP B 221 18.56 -21.47 -4.53
CA ASP B 221 17.82 -21.39 -5.78
C ASP B 221 16.78 -22.52 -5.90
N GLU B 222 16.13 -22.57 -7.06
CA GLU B 222 15.07 -23.55 -7.30
C GLU B 222 15.57 -25.02 -7.26
N PHE B 223 16.88 -25.25 -7.31
CA PHE B 223 17.48 -26.58 -7.18
C PHE B 223 17.98 -26.89 -5.77
N GLY B 224 17.79 -25.97 -4.82
CA GLY B 224 18.29 -26.16 -3.44
C GLY B 224 19.76 -25.75 -3.23
N VAL B 225 20.30 -24.94 -4.12
CA VAL B 225 21.72 -24.55 -4.07
C VAL B 225 21.87 -23.05 -3.85
N GLY B 226 22.61 -22.69 -2.80
CA GLY B 226 22.92 -21.29 -2.53
C GLY B 226 24.17 -20.85 -3.26
N PRO B 227 24.52 -19.58 -3.14
CA PRO B 227 25.80 -19.10 -3.67
C PRO B 227 27.00 -19.89 -3.15
N LEU B 228 27.88 -20.30 -4.05
CA LEU B 228 29.08 -21.06 -3.72
C LEU B 228 30.29 -20.13 -3.72
N CYS B 229 31.01 -20.12 -2.60
CA CYS B 229 32.05 -19.11 -2.40
C CYS B 229 33.40 -19.45 -2.98
N LYS B 230 33.70 -18.89 -4.14
CA LYS B 230 34.96 -19.14 -4.83
C LYS B 230 36.12 -18.59 -4.03
N GLY B 231 37.21 -19.34 -3.94
CA GLY B 231 38.38 -18.94 -3.17
C GLY B 231 38.08 -18.67 -1.69
N ASP B 232 37.01 -19.27 -1.17
CA ASP B 232 36.61 -19.07 0.24
C ASP B 232 36.37 -17.59 0.60
N ASN B 233 35.70 -16.87 -0.29
CA ASN B 233 35.28 -15.50 -0.01
C ASN B 233 33.80 -15.32 -0.22
N LEU B 234 33.18 -14.63 0.73
CA LEU B 234 31.78 -14.26 0.65
C LEU B 234 31.67 -12.78 0.27
N TYR B 235 30.92 -12.46 -0.76
CA TYR B 235 30.79 -11.08 -1.20
C TYR B 235 29.46 -10.52 -0.75
N LEU B 236 29.52 -9.44 0.02
CA LEU B 236 28.33 -8.71 0.43
C LEU B 236 28.34 -7.33 -0.21
N SER B 237 27.18 -6.90 -0.71
CA SER B 237 27.05 -5.57 -1.31
C SER B 237 25.76 -4.91 -0.85
N ALA B 238 25.76 -3.57 -0.85
CA ALA B 238 24.66 -2.80 -0.29
C ALA B 238 24.62 -1.35 -0.77
N VAL B 239 23.41 -0.81 -0.87
CA VAL B 239 23.19 0.63 -0.97
C VAL B 239 21.97 0.88 -0.11
N ASP B 240 22.05 1.90 0.74
CA ASP B 240 20.89 2.38 1.48
C ASP B 240 20.89 3.91 1.50
N VAL B 241 20.51 4.47 0.35
CA VAL B 241 20.24 5.91 0.23
C VAL B 241 18.83 6.08 0.76
N CYS B 242 18.71 6.74 1.90
CA CYS B 242 17.44 6.83 2.59
C CYS B 242 16.57 7.96 2.10
N GLY B 243 17.18 8.93 1.42
CA GLY B 243 16.48 10.14 1.00
C GLY B 243 17.45 11.30 1.03
N MET B 244 16.91 12.51 1.07
CA MET B 244 17.70 13.72 1.14
C MET B 244 17.38 14.50 2.40
N PHE B 245 18.43 15.07 3.00
CA PHE B 245 18.28 16.02 4.10
C PHE B 245 18.27 17.40 3.51
N THR B 246 17.29 18.22 3.90
CA THR B 246 17.20 19.61 3.45
C THR B 246 17.68 20.57 4.56
N ASN B 247 18.72 21.33 4.27
CA ASN B 247 19.19 22.34 5.22
C ASN B 247 18.31 23.57 5.21
N ARG B 248 18.49 24.42 6.22
CA ARG B 248 17.78 25.69 6.31
C ARG B 248 17.82 26.48 5.00
N SER B 249 18.97 26.49 4.34
CA SER B 249 19.14 27.26 3.10
C SER B 249 18.34 26.68 1.95
N GLY B 250 17.86 25.44 2.08
CA GLY B 250 17.17 24.75 0.99
C GLY B 250 18.06 23.79 0.24
N SER B 251 19.38 23.88 0.43
CA SER B 251 20.29 22.91 -0.21
C SER B 251 20.02 21.50 0.31
N GLN B 252 20.30 20.52 -0.53
CA GLN B 252 19.94 19.13 -0.22
C GLN B 252 21.14 18.19 -0.34
N GLN B 253 21.19 17.21 0.56
CA GLN B 253 22.27 16.22 0.61
C GLN B 253 21.69 14.84 0.78
N TRP B 254 22.18 13.87 0.02
CA TRP B 254 21.81 12.48 0.23
C TRP B 254 22.19 12.09 1.66
N ARG B 255 21.35 11.28 2.32
CA ARG B 255 21.69 10.67 3.62
C ARG B 255 21.56 9.15 3.54
N GLY B 256 22.58 8.44 3.98
CA GLY B 256 22.59 6.99 3.97
C GLY B 256 22.80 6.39 5.36
N LEU B 257 22.54 5.10 5.48
CA LEU B 257 22.73 4.38 6.74
C LEU B 257 23.43 3.04 6.48
N SER B 258 24.03 2.50 7.53
CA SER B 258 24.72 1.21 7.47
C SER B 258 23.74 0.05 7.37
N ARG B 259 24.22 -1.11 6.91
CA ARG B 259 23.40 -2.30 6.80
C ARG B 259 24.04 -3.52 7.44
N TYR B 260 23.27 -4.18 8.30
CA TYR B 260 23.68 -5.40 8.99
C TYR B 260 23.46 -6.61 8.09
N PHE B 261 24.40 -7.55 8.11
CA PHE B 261 24.28 -8.84 7.43
C PHE B 261 24.64 -9.97 8.39
N LYS B 262 23.81 -11.01 8.45
CA LYS B 262 24.18 -12.25 9.10
C LYS B 262 23.91 -13.40 8.13
N VAL B 263 24.96 -14.09 7.70
CA VAL B 263 24.83 -15.14 6.72
C VAL B 263 25.28 -16.46 7.35
N GLN B 264 24.49 -17.52 7.14
CA GLN B 264 24.85 -18.87 7.56
C GLN B 264 25.29 -19.67 6.36
N LEU B 265 26.38 -20.42 6.53
CA LEU B 265 26.94 -21.19 5.44
C LEU B 265 27.21 -22.64 5.85
N ARG B 266 27.21 -23.51 4.84
CA ARG B 266 27.52 -24.92 5.06
C ARG B 266 28.47 -25.38 3.98
N LYS B 267 29.24 -26.43 4.26
CA LYS B 267 30.18 -26.99 3.32
C LYS B 267 29.47 -27.87 2.32
N ARG B 268 29.83 -27.70 1.06
CA ARG B 268 29.23 -28.41 -0.05
C ARG B 268 30.32 -29.00 -0.95
N ARG B 269 30.23 -30.31 -1.24
CA ARG B 269 31.18 -30.90 -2.17
C ARG B 269 30.79 -30.60 -3.61
N VAL B 270 31.78 -30.37 -4.46
CA VAL B 270 31.60 -30.17 -5.90
C VAL B 270 32.71 -30.91 -6.66
N LYS B 271 32.53 -31.14 -7.97
CA LYS B 271 33.52 -31.90 -8.79
C LYS B 271 34.01 -31.12 -10.03
N GLU C 8 21.65 -25.60 27.54
CA GLU C 8 20.97 -26.64 26.75
C GLU C 8 19.48 -26.52 27.08
N VAL C 9 18.65 -26.32 26.05
CA VAL C 9 17.21 -26.27 26.24
C VAL C 9 16.64 -27.68 26.14
N LEU C 10 15.87 -28.10 27.15
CA LEU C 10 15.27 -29.43 27.16
C LEU C 10 13.75 -29.31 26.99
N GLU C 11 12.98 -30.16 27.66
CA GLU C 11 11.54 -30.25 27.38
C GLU C 11 10.70 -29.20 28.12
N VAL C 12 9.52 -28.96 27.56
CA VAL C 12 8.48 -28.13 28.13
C VAL C 12 7.70 -28.87 29.22
N LYS C 13 7.44 -28.22 30.35
CA LYS C 13 6.60 -28.81 31.39
C LYS C 13 5.15 -28.66 30.97
N THR C 14 4.32 -29.66 31.31
CA THR C 14 2.88 -29.59 31.06
C THR C 14 2.13 -29.63 32.41
N GLY C 15 0.82 -29.57 32.36
CA GLY C 15 0.00 -29.57 33.56
C GLY C 15 -0.60 -28.19 33.78
N VAL C 16 -1.60 -28.13 34.65
CA VAL C 16 -2.34 -26.90 34.92
C VAL C 16 -1.44 -25.77 35.47
N ASP C 17 -0.43 -26.16 36.26
CA ASP C 17 0.50 -25.22 36.90
C ASP C 17 1.61 -24.64 35.98
N SER C 18 1.64 -25.06 34.72
CA SER C 18 2.82 -24.89 33.87
C SER C 18 2.77 -23.70 32.91
N ILE C 19 1.69 -22.92 32.96
CA ILE C 19 1.58 -21.75 32.10
C ILE C 19 1.21 -20.53 32.94
N THR C 20 1.60 -19.35 32.45
CA THR C 20 1.23 -18.11 33.10
C THR C 20 1.12 -17.01 32.05
N GLU C 21 0.54 -15.89 32.47
CA GLU C 21 0.12 -14.86 31.56
C GLU C 21 0.51 -13.50 32.13
N VAL C 22 1.14 -12.67 31.32
CA VAL C 22 1.43 -11.29 31.73
C VAL C 22 0.60 -10.37 30.87
N GLU C 23 -0.08 -9.44 31.52
CA GLU C 23 -0.91 -8.46 30.83
C GLU C 23 -0.60 -7.09 31.45
N CYS C 24 -0.31 -6.10 30.60
CA CYS C 24 0.00 -4.75 31.08
C CYS C 24 0.10 -3.72 29.95
N PHE C 25 0.35 -2.47 30.33
CA PHE C 25 0.54 -1.42 29.37
C PHE C 25 1.77 -0.58 29.73
N LEU C 26 2.46 -0.11 28.70
CA LEU C 26 3.60 0.77 28.86
C LEU C 26 3.18 2.15 28.42
N THR C 27 3.36 3.16 29.26
CA THR C 27 3.05 4.52 28.89
C THR C 27 4.18 5.12 28.04
N PRO C 28 3.84 6.06 27.15
CA PRO C 28 4.87 6.69 26.35
C PRO C 28 5.66 7.72 27.15
N GLU C 29 6.88 7.99 26.70
CA GLU C 29 7.73 8.99 27.33
C GLU C 29 8.23 9.99 26.29
N MET C 30 7.38 10.98 26.02
CA MET C 30 7.59 11.89 24.90
C MET C 30 8.35 13.18 25.29
N GLY C 31 8.51 13.39 26.59
CA GLY C 31 9.25 14.55 27.08
C GLY C 31 8.57 15.24 28.25
N ASP C 32 7.24 15.32 28.21
CA ASP C 32 6.42 15.85 29.31
C ASP C 32 6.90 17.22 29.77
N PRO C 33 6.75 18.23 28.89
CA PRO C 33 7.34 19.56 29.17
C PRO C 33 6.75 20.28 30.38
N ASP C 34 5.52 19.99 30.76
CA ASP C 34 4.96 20.49 32.01
C ASP C 34 3.94 19.51 32.57
N GLU C 35 3.32 19.91 33.68
CA GLU C 35 2.40 19.08 34.43
C GLU C 35 1.06 18.80 33.74
N HIS C 36 0.79 19.48 32.62
CA HIS C 36 -0.44 19.22 31.85
C HIS C 36 -0.22 18.41 30.58
N LEU C 37 1.03 18.12 30.23
CA LEU C 37 1.34 17.66 28.88
C LEU C 37 1.99 16.26 28.81
N ARG C 38 1.59 15.39 29.73
CA ARG C 38 1.94 13.99 29.65
C ARG C 38 1.50 13.43 28.29
N GLY C 39 2.42 12.78 27.58
CA GLY C 39 2.14 12.23 26.26
C GLY C 39 2.61 13.12 25.12
N PHE C 40 3.01 14.34 25.45
CA PHE C 40 3.53 15.29 24.47
C PHE C 40 5.00 15.61 24.75
N SER C 41 5.73 16.01 23.70
CA SER C 41 7.04 16.61 23.87
C SER C 41 6.91 18.12 24.04
N LYS C 42 8.02 18.74 24.37
CA LYS C 42 8.15 20.17 24.23
C LYS C 42 8.05 20.53 22.76
N SER C 43 7.58 21.73 22.45
CA SER C 43 7.60 22.20 21.06
CA SER C 43 7.61 22.19 21.07
C SER C 43 9.01 22.08 20.52
N ILE C 44 9.12 21.70 19.25
CA ILE C 44 10.40 21.45 18.63
C ILE C 44 11.01 22.76 18.09
N SER C 45 12.23 23.08 18.49
CA SER C 45 13.00 24.19 17.90
C SER C 45 14.14 23.70 17.02
N ILE C 46 14.56 24.57 16.13
CA ILE C 46 15.62 24.25 15.16
C ILE C 46 16.87 25.07 15.50
N SER C 47 18.02 24.41 15.61
CA SER C 47 19.29 25.09 15.88
C SER C 47 19.71 26.00 14.72
N ASP C 48 20.49 27.03 15.03
CA ASP C 48 20.95 28.02 14.05
C ASP C 48 22.04 27.51 13.11
N THR C 49 22.76 26.48 13.55
CA THR C 49 23.79 25.84 12.73
C THR C 49 23.72 24.34 12.98
N PHE C 50 24.32 23.57 12.08
CA PHE C 50 24.42 22.12 12.27
C PHE C 50 25.21 21.76 13.52
N GLU C 51 26.33 22.44 13.75
CA GLU C 51 27.21 22.11 14.86
C GLU C 51 26.60 22.47 16.20
N SER C 52 25.69 23.44 16.25
CA SER C 52 25.08 23.88 17.51
C SER C 52 23.78 23.16 17.87
N ASP C 53 23.43 22.08 17.15
CA ASP C 53 22.29 21.25 17.53
C ASP C 53 22.38 20.89 19.00
N SER C 54 21.32 21.16 19.75
CA SER C 54 21.36 21.14 21.19
C SER C 54 19.97 20.94 21.80
N PRO C 55 19.37 19.78 21.59
CA PRO C 55 17.99 19.62 22.05
C PRO C 55 17.85 19.59 23.58
N ASN C 56 16.79 20.22 24.07
CA ASN C 56 16.39 20.08 25.47
C ASN C 56 15.87 18.68 25.74
N ARG C 57 16.02 18.26 26.99
CA ARG C 57 15.57 16.96 27.40
C ARG C 57 14.10 16.74 27.09
N ASP C 58 13.25 17.71 27.45
CA ASP C 58 11.82 17.53 27.32
C ASP C 58 11.34 17.61 25.86
N MET C 59 12.29 17.74 24.94
CA MET C 59 11.99 17.68 23.51
C MET C 59 12.33 16.32 22.87
N LEU C 60 12.90 15.41 23.66
CA LEU C 60 13.35 14.12 23.13
C LEU C 60 12.52 12.93 23.63
N PRO C 61 11.69 12.37 22.76
CA PRO C 61 11.05 11.10 23.12
C PRO C 61 12.08 10.02 23.45
N CYS C 62 11.75 9.16 24.42
CA CYS C 62 12.64 8.08 24.86
C CYS C 62 11.95 6.71 24.79
N TYR C 63 12.76 5.66 24.73
CA TYR C 63 12.24 4.28 24.77
C TYR C 63 11.57 4.07 26.12
N SER C 64 10.45 3.34 26.11
CA SER C 64 9.81 2.88 27.35
C SER C 64 10.24 1.45 27.59
N VAL C 65 10.33 1.06 28.86
CA VAL C 65 10.68 -0.28 29.26
C VAL C 65 9.98 -0.65 30.57
N ALA C 66 9.56 -1.90 30.67
CA ALA C 66 9.11 -2.47 31.95
C ALA C 66 9.74 -3.85 32.15
N ARG C 67 10.25 -4.06 33.36
CA ARG C 67 10.72 -5.34 33.82
C ARG C 67 9.61 -5.94 34.69
N ILE C 68 9.01 -7.04 34.25
CA ILE C 68 7.86 -7.65 34.92
C ILE C 68 8.24 -8.93 35.65
N PRO C 69 8.14 -8.94 36.99
CA PRO C 69 8.46 -10.17 37.75
C PRO C 69 7.48 -11.30 37.47
N LEU C 70 8.00 -12.52 37.36
CA LEU C 70 7.18 -13.70 37.06
C LEU C 70 7.12 -14.57 38.31
N PRO C 71 6.19 -15.56 38.34
CA PRO C 71 6.15 -16.48 39.49
C PRO C 71 7.51 -17.15 39.67
N ASN C 72 8.00 -17.13 40.91
CA ASN C 72 9.34 -17.59 41.22
C ASN C 72 9.45 -19.08 40.96
N LEU C 73 10.53 -19.50 40.29
CA LEU C 73 10.77 -20.88 39.96
C LEU C 73 11.96 -21.24 40.88
N ILE C 82 16.66 -27.06 36.93
CA ILE C 82 16.46 -25.65 36.58
C ILE C 82 15.33 -25.44 35.55
N LEU C 83 14.33 -24.66 35.93
CA LEU C 83 13.25 -24.26 35.04
C LEU C 83 13.30 -22.77 34.77
N MET C 84 12.87 -22.37 33.56
CA MET C 84 12.76 -20.98 33.18
C MET C 84 11.43 -20.76 32.47
N TRP C 85 10.88 -19.56 32.63
CA TRP C 85 9.71 -19.16 31.88
C TRP C 85 10.12 -18.85 30.45
N GLU C 86 9.34 -19.34 29.50
CA GLU C 86 9.59 -19.16 28.08
C GLU C 86 8.43 -18.38 27.49
N ALA C 87 8.72 -17.24 26.88
CA ALA C 87 7.66 -16.42 26.29
C ALA C 87 7.30 -17.01 24.93
N VAL C 88 6.02 -17.29 24.71
CA VAL C 88 5.58 -18.04 23.55
C VAL C 88 4.77 -17.18 22.57
N THR C 89 3.81 -16.39 23.06
CA THR C 89 2.95 -15.59 22.19
C THR C 89 2.83 -14.18 22.73
N LEU C 90 2.47 -13.27 21.83
CA LEU C 90 2.24 -11.86 22.16
C LEU C 90 0.98 -11.35 21.43
N LYS C 91 0.11 -10.68 22.17
CA LYS C 91 -0.86 -9.78 21.59
C LYS C 91 -0.47 -8.37 22.01
N THR C 92 -0.52 -7.44 21.08
CA THR C 92 -0.17 -6.07 21.40
C THR C 92 -1.01 -5.08 20.59
N GLU C 93 -1.29 -3.91 21.17
CA GLU C 93 -1.85 -2.82 20.38
C GLU C 93 -1.66 -1.46 21.04
N VAL C 94 -1.80 -0.42 20.23
CA VAL C 94 -1.71 0.94 20.70
C VAL C 94 -3.05 1.28 21.33
N ILE C 95 -3.00 1.91 22.51
CA ILE C 95 -4.20 2.23 23.28
C ILE C 95 -4.54 3.71 23.13
N GLY C 96 -5.76 3.97 22.67
CA GLY C 96 -6.27 5.33 22.57
C GLY C 96 -6.13 5.93 21.18
N VAL C 97 -6.22 5.10 20.13
CA VAL C 97 -6.02 5.58 18.77
C VAL C 97 -7.00 6.67 18.40
N THR C 98 -8.23 6.57 18.90
CA THR C 98 -9.28 7.50 18.54
C THR C 98 -9.08 8.91 19.08
N SER C 99 -8.27 9.07 20.14
CA SER C 99 -7.97 10.39 20.69
C SER C 99 -7.40 11.32 19.63
N LEU C 100 -6.77 10.75 18.60
CA LEU C 100 -6.22 11.53 17.51
C LEU C 100 -7.28 12.17 16.62
N MET C 101 -8.55 11.90 16.88
CA MET C 101 -9.65 12.58 16.20
C MET C 101 -10.02 13.93 16.82
N ASN C 102 -9.37 14.29 17.93
CA ASN C 102 -9.55 15.60 18.51
C ASN C 102 -8.89 16.63 17.61
N VAL C 103 -9.71 17.26 16.78
CA VAL C 103 -9.27 18.31 15.86
C VAL C 103 -9.86 19.67 16.22
N HIS C 104 -10.22 19.85 17.49
CA HIS C 104 -10.87 21.08 17.96
C HIS C 104 -10.09 21.78 19.09
N SER C 105 -8.92 21.27 19.44
CA SER C 105 -8.20 21.71 20.64
C SER C 105 -7.00 22.65 20.33
N ASN C 106 -7.35 23.87 19.91
CA ASN C 106 -6.37 24.94 19.58
C ASN C 106 -5.27 24.53 18.60
N GLY C 107 -5.64 23.75 17.61
CA GLY C 107 -4.74 23.34 16.53
C GLY C 107 -4.70 24.39 15.45
N GLN C 108 -3.93 24.13 14.41
CA GLN C 108 -3.85 25.01 13.24
C GLN C 108 -4.86 24.58 12.18
N ALA C 109 -5.71 25.51 11.80
CA ALA C 109 -6.75 25.25 10.83
C ALA C 109 -6.13 24.94 9.48
N THR C 110 -6.67 23.93 8.83
CA THR C 110 -6.18 23.50 7.53
C THR C 110 -6.35 24.60 6.49
N HIS C 111 -7.42 25.37 6.63
CA HIS C 111 -7.74 26.50 5.76
C HIS C 111 -8.77 27.37 6.49
N ASP C 112 -9.17 28.50 5.92
CA ASP C 112 -10.13 29.40 6.56
C ASP C 112 -11.43 28.70 6.94
N ASN C 113 -11.80 28.81 8.21
CA ASN C 113 -13.01 28.18 8.78
C ASN C 113 -12.96 26.66 8.93
N GLY C 114 -11.80 26.07 8.67
CA GLY C 114 -11.67 24.62 8.69
C GLY C 114 -11.39 24.08 10.07
N ALA C 115 -11.40 22.77 10.20
CA ALA C 115 -11.04 22.10 11.44
C ALA C 115 -9.54 22.16 11.60
N GLY C 116 -9.06 21.77 12.79
CA GLY C 116 -7.64 21.71 13.07
C GLY C 116 -6.95 20.54 12.40
N LYS C 117 -5.67 20.72 12.07
CA LYS C 117 -4.88 19.67 11.44
C LYS C 117 -4.66 18.57 12.47
N PRO C 118 -4.88 17.30 12.09
CA PRO C 118 -4.68 16.20 13.04
C PRO C 118 -3.21 15.89 13.24
N VAL C 119 -2.90 15.13 14.28
CA VAL C 119 -1.57 14.56 14.45
C VAL C 119 -1.15 13.82 13.18
N GLN C 120 0.06 14.06 12.74
CA GLN C 120 0.56 13.46 11.52
C GLN C 120 2.07 13.70 11.43
N GLY C 121 2.69 13.12 10.41
CA GLY C 121 4.13 13.23 10.23
C GLY C 121 4.89 12.08 10.88
N THR C 122 6.20 12.25 10.96
CA THR C 122 7.11 11.18 11.31
C THR C 122 6.62 10.35 12.50
N SER C 123 6.64 9.03 12.34
CA SER C 123 6.22 8.10 13.41
C SER C 123 7.24 7.00 13.56
N PHE C 124 7.37 6.50 14.79
CA PHE C 124 8.14 5.30 15.07
C PHE C 124 7.31 4.44 15.99
N HIS C 125 6.97 3.24 15.51
CA HIS C 125 6.20 2.26 16.28
C HIS C 125 7.05 1.02 16.43
N PHE C 126 7.30 0.67 17.70
CA PHE C 126 8.29 -0.33 18.05
C PHE C 126 7.86 -1.06 19.32
N PHE C 127 8.10 -2.38 19.33
CA PHE C 127 7.89 -3.16 20.53
C PHE C 127 8.79 -4.38 20.57
N SER C 128 9.17 -4.81 21.78
CA SER C 128 9.98 -6.00 21.94
C SER C 128 9.63 -6.74 23.23
N VAL C 129 9.84 -8.06 23.18
CA VAL C 129 9.64 -8.97 24.29
C VAL C 129 10.92 -9.79 24.46
N GLY C 130 11.48 -9.77 25.66
CA GLY C 130 12.71 -10.52 25.88
C GLY C 130 12.85 -11.07 27.28
N GLY C 131 13.79 -11.99 27.46
CA GLY C 131 14.12 -12.59 28.75
C GLY C 131 15.28 -11.89 29.45
N GLU C 132 15.61 -10.69 28.96
CA GLU C 132 16.63 -9.82 29.51
C GLU C 132 16.46 -8.43 28.84
N ALA C 133 17.25 -7.46 29.27
CA ALA C 133 17.12 -6.09 28.75
C ALA C 133 17.41 -6.08 27.26
N LEU C 134 16.63 -5.29 26.53
CA LEU C 134 16.89 -5.02 25.12
C LEU C 134 18.30 -4.42 24.99
N GLU C 135 19.07 -4.93 24.05
CA GLU C 135 20.41 -4.42 23.79
C GLU C 135 20.34 -3.36 22.68
N LEU C 136 21.05 -2.24 22.89
CA LEU C 136 20.99 -1.09 21.99
C LEU C 136 22.33 -0.79 21.33
N GLN C 137 22.24 -0.26 20.11
CA GLN C 137 23.36 0.29 19.37
C GLN C 137 23.07 1.75 19.10
N GLY C 138 24.07 2.60 19.31
CA GLY C 138 23.93 4.04 19.07
C GLY C 138 24.27 4.44 17.65
N VAL C 139 23.38 5.23 17.04
CA VAL C 139 23.65 5.86 15.74
C VAL C 139 23.10 7.28 15.78
N LEU C 140 23.92 8.25 15.38
CA LEU C 140 23.57 9.65 15.46
C LEU C 140 23.34 10.26 14.07
N PHE C 141 22.27 11.02 13.93
CA PHE C 141 22.09 11.83 12.75
C PHE C 141 23.26 12.79 12.57
N ASN C 142 23.67 13.42 13.67
CA ASN C 142 24.71 14.47 13.69
C ASN C 142 25.58 14.25 14.92
N TYR C 143 26.85 13.91 14.73
CA TYR C 143 27.70 13.51 15.87
C TYR C 143 28.05 14.68 16.77
N ARG C 144 27.85 15.90 16.29
CA ARG C 144 28.13 17.10 17.07
C ARG C 144 26.90 17.58 17.84
N THR C 145 25.80 16.84 17.77
CA THR C 145 24.63 17.14 18.58
C THR C 145 25.05 17.05 20.05
N LYS C 146 24.76 18.11 20.81
CA LYS C 146 24.92 18.06 22.25
C LYS C 146 23.65 17.48 22.87
N TYR C 147 23.72 16.26 23.40
CA TYR C 147 22.58 15.66 24.10
C TYR C 147 22.52 16.12 25.56
N PRO C 148 21.29 16.33 26.08
CA PRO C 148 21.16 17.03 27.35
C PRO C 148 21.33 16.16 28.60
N ASP C 149 21.69 16.80 29.69
CA ASP C 149 21.77 16.19 31.00
C ASP C 149 20.49 15.44 31.35
N GLY C 150 20.63 14.26 31.96
CA GLY C 150 19.47 13.46 32.32
C GLY C 150 19.07 12.45 31.25
N THR C 151 19.72 12.50 30.09
CA THR C 151 19.59 11.43 29.10
C THR C 151 20.85 10.57 29.08
N ILE C 152 20.70 9.36 28.54
CA ILE C 152 21.81 8.48 28.34
C ILE C 152 21.96 8.32 26.82
N PHE C 153 23.11 8.76 26.33
CA PHE C 153 23.34 8.92 24.91
C PHE C 153 24.72 8.38 24.57
N PRO C 154 24.99 8.17 23.28
CA PRO C 154 26.31 7.70 22.90
C PRO C 154 27.40 8.65 23.34
N LYS C 155 28.38 8.15 24.09
CA LYS C 155 29.51 8.93 24.61
C LYS C 155 30.74 8.80 23.69
N ASN C 156 31.61 9.81 23.73
CA ASN C 156 32.79 9.84 22.88
C ASN C 156 32.46 9.74 21.40
N ALA C 157 31.42 10.47 20.99
CA ALA C 157 30.96 10.45 19.61
C ALA C 157 32.03 10.97 18.67
N THR C 158 32.14 10.34 17.51
CA THR C 158 33.02 10.80 16.45
C THR C 158 32.20 10.86 15.17
N VAL C 159 32.83 11.26 14.07
CA VAL C 159 32.14 11.33 12.80
C VAL C 159 31.64 9.93 12.37
N GLN C 160 32.39 8.89 12.73
CA GLN C 160 31.95 7.52 12.45
C GLN C 160 30.64 7.15 13.18
N SER C 161 30.31 7.84 14.26
CA SER C 161 29.04 7.60 14.97
C SER C 161 27.83 7.91 14.08
N GLN C 162 28.03 8.70 13.03
CA GLN C 162 26.97 8.99 12.06
C GLN C 162 26.58 7.80 11.19
N VAL C 163 27.41 6.76 11.13
CA VAL C 163 27.10 5.54 10.36
C VAL C 163 27.20 4.22 11.14
N MET C 164 28.29 4.02 11.90
CA MET C 164 28.44 2.89 12.82
C MET C 164 29.71 3.03 13.64
N ASN C 165 29.56 3.22 14.94
CA ASN C 165 30.65 3.23 15.88
C ASN C 165 30.31 2.18 16.93
N THR C 166 31.05 1.06 16.92
CA THR C 166 30.75 -0.09 17.77
C THR C 166 30.97 0.17 19.27
N GLU C 167 31.58 1.28 19.63
CA GLU C 167 31.70 1.64 21.03
C GLU C 167 30.35 1.96 21.67
N HIS C 168 29.35 2.34 20.87
CA HIS C 168 28.06 2.77 21.41
C HIS C 168 27.08 1.62 21.72
N LYS C 169 27.40 0.82 22.74
CA LYS C 169 26.54 -0.27 23.21
C LYS C 169 25.89 0.09 24.53
N ALA C 170 24.64 -0.31 24.72
CA ALA C 170 23.94 -0.06 25.97
C ALA C 170 22.82 -1.07 26.17
N TYR C 171 22.26 -1.08 27.36
CA TYR C 171 21.06 -1.85 27.68
C TYR C 171 19.92 -0.88 27.95
N LEU C 172 18.74 -1.19 27.42
CA LEU C 172 17.55 -0.42 27.76
C LEU C 172 17.10 -0.83 29.16
N ASP C 173 17.72 -0.20 30.16
CA ASP C 173 17.61 -0.60 31.57
C ASP C 173 17.04 0.52 32.45
N LYS C 174 16.42 1.52 31.83
CA LYS C 174 15.93 2.67 32.56
C LYS C 174 14.92 3.46 31.73
N ASN C 175 13.88 3.95 32.40
CA ASN C 175 12.88 4.80 31.75
C ASN C 175 13.26 6.28 31.70
N LYS C 176 12.63 6.98 30.75
CA LYS C 176 12.85 8.40 30.47
C LYS C 176 14.33 8.74 30.32
N ALA C 177 15.10 7.86 29.69
CA ALA C 177 16.55 8.03 29.69
C ALA C 177 17.18 7.93 28.31
N TYR C 178 16.73 6.96 27.51
CA TYR C 178 17.34 6.61 26.24
C TYR C 178 16.60 7.24 25.06
N PRO C 179 17.15 8.32 24.47
CA PRO C 179 16.40 8.97 23.42
C PRO C 179 16.22 8.10 22.18
N VAL C 180 15.02 8.14 21.62
CA VAL C 180 14.69 7.36 20.46
C VAL C 180 15.63 7.64 19.28
N GLU C 181 15.98 8.92 19.08
CA GLU C 181 16.77 9.31 17.90
C GLU C 181 18.24 8.87 17.94
N CYS C 182 18.74 8.48 19.13
CA CYS C 182 20.13 8.02 19.32
C CYS C 182 20.36 6.55 19.22
N TRP C 183 19.32 5.76 19.51
CA TRP C 183 19.48 4.34 19.77
C TRP C 183 18.54 3.49 18.92
N VAL C 184 19.05 2.33 18.51
CA VAL C 184 18.23 1.29 17.91
C VAL C 184 18.58 -0.06 18.56
N PRO C 185 17.70 -1.06 18.39
CA PRO C 185 18.08 -2.42 18.78
C PRO C 185 19.36 -2.83 18.07
N ASP C 186 20.29 -3.42 18.81
CA ASP C 186 21.56 -3.88 18.27
C ASP C 186 21.33 -5.21 17.55
N PRO C 187 21.38 -5.21 16.20
CA PRO C 187 21.12 -6.45 15.49
C PRO C 187 22.20 -7.52 15.69
N THR C 188 23.37 -7.12 16.17
CA THR C 188 24.46 -8.07 16.41
C THR C 188 24.30 -8.80 17.74
N ARG C 189 23.31 -8.43 18.54
CA ARG C 189 23.04 -9.13 19.79
C ARG C 189 21.55 -9.43 19.84
N ASN C 190 20.92 -9.33 21.01
CA ASN C 190 19.48 -9.57 21.19
C ASN C 190 18.99 -10.98 20.79
N GLU C 191 19.82 -12.00 20.99
CA GLU C 191 19.40 -13.39 20.62
C GLU C 191 18.23 -13.83 21.51
N ASN C 192 18.16 -13.31 22.74
CA ASN C 192 17.10 -13.70 23.69
C ASN C 192 15.93 -12.70 23.77
N THR C 193 15.70 -11.98 22.68
CA THR C 193 14.65 -10.98 22.56
C THR C 193 14.04 -11.07 21.15
N ARG C 194 12.76 -10.74 21.02
CA ARG C 194 12.15 -10.58 19.71
C ARG C 194 11.71 -9.13 19.57
N TYR C 195 12.18 -8.43 18.54
CA TYR C 195 11.82 -7.01 18.36
C TYR C 195 11.24 -6.70 16.98
N PHE C 196 10.38 -5.68 16.93
CA PHE C 196 9.67 -5.27 15.72
C PHE C 196 9.49 -3.77 15.73
N GLY C 197 9.87 -3.11 14.63
CA GLY C 197 9.70 -1.66 14.52
C GLY C 197 9.58 -1.10 13.11
N THR C 198 8.83 -0.03 12.98
CA THR C 198 8.67 0.67 11.71
C THR C 198 8.82 2.19 11.92
N LEU C 199 9.74 2.78 11.17
CA LEU C 199 9.92 4.21 11.06
C LEU C 199 9.25 4.65 9.78
N THR C 200 8.27 5.56 9.87
CA THR C 200 7.63 6.17 8.70
C THR C 200 7.88 7.68 8.76
N GLY C 201 8.77 8.18 7.90
CA GLY C 201 9.22 9.59 7.96
C GLY C 201 8.60 10.52 6.93
N GLY C 202 8.44 11.78 7.25
CA GLY C 202 7.84 12.73 6.32
C GLY C 202 6.81 13.55 7.05
N GLU C 203 6.77 14.86 6.78
CA GLU C 203 5.96 15.77 7.60
C GLU C 203 4.44 15.57 7.46
N ASN C 204 4.01 14.95 6.37
CA ASN C 204 2.58 14.76 6.12
C ASN C 204 2.12 13.32 6.18
N VAL C 205 2.96 12.42 6.68
CA VAL C 205 2.57 11.04 6.77
C VAL C 205 1.31 10.87 7.65
N PRO C 206 0.31 10.17 7.12
CA PRO C 206 -0.90 9.89 7.88
C PRO C 206 -0.71 8.73 8.82
N PRO C 207 -1.10 8.87 10.10
CA PRO C 207 -1.14 7.70 10.98
C PRO C 207 -2.11 6.63 10.51
N VAL C 208 -1.66 5.38 10.49
CA VAL C 208 -2.52 4.24 10.15
C VAL C 208 -2.37 3.25 11.29
N LEU C 209 -3.37 3.21 12.17
CA LEU C 209 -3.30 2.44 13.41
C LEU C 209 -4.44 1.43 13.43
N HIS C 210 -4.07 0.16 13.49
CA HIS C 210 -5.02 -0.95 13.50
C HIS C 210 -5.18 -1.48 14.92
N ILE C 211 -6.41 -1.76 15.29
CA ILE C 211 -6.67 -2.43 16.56
C ILE C 211 -7.51 -3.69 16.33
N THR C 212 -7.22 -4.73 17.09
CA THR C 212 -8.03 -5.94 17.11
C THR C 212 -7.55 -6.86 18.24
N ASN C 213 -8.47 -7.62 18.81
CA ASN C 213 -8.08 -8.62 19.80
C ASN C 213 -7.96 -10.04 19.21
N THR C 214 -7.85 -10.14 17.89
CA THR C 214 -7.85 -11.44 17.22
C THR C 214 -6.48 -11.83 16.63
N ALA C 215 -5.47 -10.99 16.79
CA ALA C 215 -4.14 -11.21 16.17
C ALA C 215 -3.08 -11.55 17.21
N THR C 216 -2.33 -12.62 16.93
CA THR C 216 -1.30 -13.13 17.84
C THR C 216 0.03 -13.24 17.09
N THR C 217 1.11 -12.80 17.72
CA THR C 217 2.45 -13.02 17.19
C THR C 217 3.12 -14.15 17.96
N VAL C 218 3.62 -15.15 17.24
CA VAL C 218 4.35 -16.27 17.86
C VAL C 218 5.80 -15.82 18.08
N LEU C 219 6.35 -16.05 19.28
CA LEU C 219 7.68 -15.56 19.65
C LEU C 219 8.78 -16.61 19.52
N LEU C 220 8.41 -17.82 19.13
CA LEU C 220 9.37 -18.91 18.99
C LEU C 220 10.32 -18.68 17.82
N ASP C 221 11.61 -18.97 18.04
CA ASP C 221 12.59 -18.92 16.96
C ASP C 221 12.45 -20.14 16.04
N GLU C 222 13.38 -20.28 15.09
CA GLU C 222 13.36 -21.38 14.12
C GLU C 222 13.53 -22.78 14.73
N PHE C 223 14.02 -22.84 15.97
CA PHE C 223 14.14 -24.10 16.71
C PHE C 223 12.98 -24.37 17.68
N GLY C 224 11.94 -23.52 17.65
CA GLY C 224 10.79 -23.68 18.55
C GLY C 224 11.02 -23.18 19.97
N VAL C 225 11.97 -22.25 20.13
CA VAL C 225 12.30 -21.72 21.46
C VAL C 225 12.06 -20.22 21.54
N GLY C 226 11.24 -19.81 22.50
CA GLY C 226 11.00 -18.40 22.75
C GLY C 226 12.02 -17.81 23.68
N PRO C 227 11.93 -16.50 23.93
CA PRO C 227 12.78 -15.87 24.94
C PRO C 227 12.67 -16.58 26.30
N LEU C 228 13.83 -16.82 26.92
CA LEU C 228 13.91 -17.47 28.23
C LEU C 228 14.22 -16.43 29.29
N CYS C 229 13.37 -16.36 30.31
CA CYS C 229 13.40 -15.24 31.25
C CYS C 229 14.40 -15.45 32.37
N LYS C 230 15.53 -14.78 32.28
CA LYS C 230 16.58 -14.88 33.30
C LYS C 230 16.13 -14.21 34.59
N GLY C 231 16.42 -14.84 35.72
CA GLY C 231 15.99 -14.34 37.03
C GLY C 231 14.48 -14.18 37.16
N ASP C 232 13.70 -14.92 36.36
CA ASP C 232 12.24 -14.83 36.37
C ASP C 232 11.71 -13.40 36.12
N ASN C 233 12.33 -12.70 35.15
CA ASN C 233 11.85 -11.38 34.72
C ASN C 233 11.60 -11.39 33.24
N LEU C 234 10.49 -10.77 32.84
CA LEU C 234 10.13 -10.54 31.45
C LEU C 234 10.37 -9.06 31.12
N TYR C 235 11.09 -8.79 30.04
CA TYR C 235 11.38 -7.42 29.64
C TYR C 235 10.54 -7.01 28.45
N LEU C 236 9.74 -5.97 28.64
CA LEU C 236 8.91 -5.41 27.58
C LEU C 236 9.41 -3.98 27.27
N SER C 237 9.54 -3.67 25.98
CA SER C 237 9.98 -2.35 25.54
C SER C 237 9.09 -1.85 24.42
N ALA C 238 9.01 -0.52 24.26
CA ALA C 238 8.10 0.09 23.31
C ALA C 238 8.47 1.54 22.97
N VAL C 239 8.11 1.95 21.76
CA VAL C 239 8.02 3.35 21.38
C VAL C 239 6.83 3.45 20.47
N ASP C 240 5.95 4.42 20.74
CA ASP C 240 4.85 4.73 19.84
C ASP C 240 4.71 6.26 19.67
N VAL C 241 5.65 6.81 18.90
CA VAL C 241 5.59 8.20 18.48
C VAL C 241 4.65 8.23 17.28
N CYS C 242 3.46 8.79 17.47
CA CYS C 242 2.39 8.69 16.49
C CYS C 242 2.50 9.76 15.40
N GLY C 243 3.26 10.80 15.67
CA GLY C 243 3.35 11.95 14.76
C GLY C 243 3.57 13.21 15.57
N MET C 244 3.23 14.35 14.97
CA MET C 244 3.32 15.64 15.61
C MET C 244 1.99 16.35 15.64
N PHE C 245 1.69 16.99 16.77
CA PHE C 245 0.53 17.86 16.89
C PHE C 245 0.99 19.27 16.57
N THR C 246 0.26 19.96 15.69
CA THR C 246 0.56 21.36 15.35
C THR C 246 -0.40 22.29 16.08
N ASN C 247 0.13 23.20 16.87
CA ASN C 247 -0.67 24.20 17.53
C ASN C 247 -1.04 25.33 16.58
N ARG C 248 -2.01 26.16 16.99
CA ARG C 248 -2.42 27.32 16.22
C ARG C 248 -1.23 28.16 15.77
N SER C 249 -0.25 28.35 16.64
CA SER C 249 0.91 29.18 16.30
C SER C 249 1.80 28.55 15.25
N GLY C 250 1.62 27.27 14.96
CA GLY C 250 2.48 26.55 14.04
C GLY C 250 3.54 25.72 14.73
N SER C 251 3.76 25.96 16.01
CA SER C 251 4.73 25.15 16.75
CA SER C 251 4.72 25.15 16.78
C SER C 251 4.26 23.68 16.83
N GLN C 252 5.22 22.76 16.89
CA GLN C 252 4.92 21.33 16.78
C GLN C 252 5.49 20.50 17.94
N GLN C 253 4.70 19.53 18.38
CA GLN C 253 5.05 18.68 19.51
C GLN C 253 4.82 17.23 19.16
N TRP C 254 5.78 16.36 19.46
CA TRP C 254 5.56 14.92 19.33
C TRP C 254 4.36 14.50 20.18
N ARG C 255 3.53 13.58 19.67
CA ARG C 255 2.46 12.97 20.45
C ARG C 255 2.61 11.45 20.44
N GLY C 256 2.58 10.85 21.63
CA GLY C 256 2.70 9.40 21.78
C GLY C 256 1.54 8.78 22.53
N LEU C 257 1.40 7.47 22.40
CA LEU C 257 0.33 6.74 23.04
C LEU C 257 0.87 5.50 23.76
N SER C 258 0.09 4.98 24.70
CA SER C 258 0.46 3.78 25.45
C SER C 258 0.35 2.53 24.58
N ARG C 259 1.00 1.45 25.00
CA ARG C 259 0.95 0.16 24.29
C ARG C 259 0.63 -0.99 25.23
N TYR C 260 -0.39 -1.77 24.83
CA TYR C 260 -0.82 -2.96 25.53
C TYR C 260 0.06 -4.14 25.14
N PHE C 261 0.38 -4.98 26.13
CA PHE C 261 1.08 -6.25 25.92
C PHE C 261 0.33 -7.35 26.64
N LYS C 262 0.10 -8.48 25.97
CA LYS C 262 -0.32 -9.70 26.63
C LYS C 262 0.61 -10.83 26.16
N VAL C 263 1.37 -11.39 27.11
CA VAL C 263 2.34 -12.42 26.81
C VAL C 263 2.00 -13.71 27.54
N GLN C 264 1.99 -14.82 26.81
CA GLN C 264 1.76 -16.14 27.40
C GLN C 264 3.10 -16.84 27.54
N LEU C 265 3.33 -17.47 28.69
CA LEU C 265 4.59 -18.13 28.96
C LEU C 265 4.37 -19.55 29.47
N ARG C 266 5.36 -20.39 29.25
CA ARG C 266 5.33 -21.76 29.73
C ARG C 266 6.68 -22.10 30.36
N LYS C 267 6.67 -23.06 31.26
CA LYS C 267 7.88 -23.49 31.95
C LYS C 267 8.69 -24.43 31.06
N ARG C 268 9.99 -24.16 30.98
CA ARG C 268 10.91 -24.89 30.16
C ARG C 268 12.09 -25.35 31.02
N ARG C 269 12.46 -26.63 30.93
CA ARG C 269 13.66 -27.11 31.61
C ARG C 269 14.91 -26.83 30.78
N VAL C 270 15.99 -26.44 31.46
CA VAL C 270 17.30 -26.21 30.86
C VAL C 270 18.40 -26.77 31.78
N LYS C 271 19.60 -27.02 31.24
CA LYS C 271 20.69 -27.70 32.02
C LYS C 271 22.00 -26.90 32.09
N VAL D 7 -17.61 -21.08 32.96
CA VAL D 7 -18.23 -21.92 31.90
C VAL D 7 -17.17 -22.88 31.35
N GLU D 8 -17.37 -24.18 31.60
CA GLU D 8 -16.72 -25.21 30.78
C GLU D 8 -17.52 -25.31 29.48
N VAL D 9 -16.85 -25.11 28.34
CA VAL D 9 -17.48 -25.24 27.03
C VAL D 9 -17.46 -26.69 26.57
N LEU D 10 -18.63 -27.24 26.25
CA LEU D 10 -18.73 -28.62 25.83
C LEU D 10 -19.10 -28.64 24.33
N GLU D 11 -19.90 -29.62 23.90
CA GLU D 11 -20.11 -29.87 22.47
C GLU D 11 -21.15 -28.96 21.81
N VAL D 12 -21.00 -28.82 20.50
CA VAL D 12 -21.96 -28.13 19.65
C VAL D 12 -23.17 -29.01 19.35
N LYS D 13 -24.36 -28.43 19.42
CA LYS D 13 -25.60 -29.18 19.07
C LYS D 13 -25.71 -29.17 17.58
N THR D 14 -26.19 -30.27 16.99
CA THR D 14 -26.44 -30.39 15.56
C THR D 14 -27.93 -30.58 15.33
N GLY D 15 -28.35 -30.69 14.08
CA GLY D 15 -29.76 -30.83 13.73
C GLY D 15 -30.29 -29.55 13.13
N VAL D 16 -31.41 -29.65 12.43
CA VAL D 16 -31.97 -28.51 11.69
C VAL D 16 -32.20 -27.29 12.59
N ASP D 17 -32.66 -27.56 13.82
CA ASP D 17 -33.04 -26.55 14.79
C ASP D 17 -31.85 -25.79 15.45
N SER D 18 -30.62 -26.17 15.12
CA SER D 18 -29.45 -25.83 15.92
C SER D 18 -28.65 -24.61 15.44
N ILE D 19 -29.08 -23.96 14.38
CA ILE D 19 -28.41 -22.77 13.88
C ILE D 19 -29.40 -21.62 13.72
N THR D 20 -28.90 -20.40 13.75
CA THR D 20 -29.73 -19.23 13.48
C THR D 20 -28.86 -18.12 12.91
N GLU D 21 -29.52 -17.08 12.41
CA GLU D 21 -28.86 -16.05 11.64
C GLU D 21 -29.39 -14.70 12.07
N VAL D 22 -28.49 -13.74 12.29
CA VAL D 22 -28.87 -12.37 12.56
C VAL D 22 -28.40 -11.48 11.42
N GLU D 23 -29.31 -10.66 10.90
CA GLU D 23 -29.01 -9.75 9.80
C GLU D 23 -29.58 -8.38 10.13
N CYS D 24 -28.76 -7.34 10.07
CA CYS D 24 -29.21 -5.98 10.38
C CYS D 24 -28.21 -4.91 9.99
N PHE D 25 -28.56 -3.65 10.23
CA PHE D 25 -27.66 -2.53 10.00
C PHE D 25 -27.67 -1.60 11.20
N LEU D 26 -26.51 -1.00 11.47
CA LEU D 26 -26.36 0.01 12.50
C LEU D 26 -26.15 1.37 11.83
N THR D 27 -27.00 2.34 12.16
CA THR D 27 -26.85 3.69 11.62
C THR D 27 -25.74 4.47 12.36
N PRO D 28 -25.07 5.36 11.66
CA PRO D 28 -24.01 6.12 12.31
C PRO D 28 -24.59 7.20 13.22
N GLU D 29 -23.82 7.63 14.21
CA GLU D 29 -24.23 8.71 15.11
C GLU D 29 -23.14 9.76 15.13
N MET D 30 -23.22 10.67 14.17
CA MET D 30 -22.17 11.64 13.93
C MET D 30 -22.39 12.95 14.68
N GLY D 31 -23.60 13.17 15.20
CA GLY D 31 -23.93 14.38 15.95
C GLY D 31 -25.29 14.96 15.61
N ASP D 32 -25.68 14.88 14.33
CA ASP D 32 -27.01 15.25 13.84
C ASP D 32 -27.44 16.66 14.28
N PRO D 33 -26.70 17.68 13.81
CA PRO D 33 -26.87 19.04 14.32
C PRO D 33 -28.27 19.65 14.07
N ASP D 34 -28.96 19.22 13.03
CA ASP D 34 -30.35 19.62 12.84
C ASP D 34 -31.13 18.52 12.14
N GLU D 35 -32.40 18.81 11.85
CA GLU D 35 -33.35 17.82 11.28
C GLU D 35 -33.07 17.42 9.83
N HIS D 36 -32.14 18.12 9.16
CA HIS D 36 -31.75 17.79 7.79
C HIS D 36 -30.41 17.08 7.68
N LEU D 37 -29.70 16.88 8.80
CA LEU D 37 -28.29 16.50 8.73
C LEU D 37 -27.96 15.21 9.47
N ARG D 38 -28.86 14.24 9.43
CA ARG D 38 -28.53 12.88 9.87
C ARG D 38 -27.33 12.40 9.09
N GLY D 39 -26.36 11.84 9.80
CA GLY D 39 -25.16 11.32 9.17
C GLY D 39 -24.01 12.31 9.15
N PHE D 40 -24.27 13.55 9.54
CA PHE D 40 -23.26 14.58 9.63
C PHE D 40 -23.09 15.05 11.08
N SER D 41 -21.92 15.57 11.40
CA SER D 41 -21.72 16.30 12.64
C SER D 41 -22.03 17.76 12.43
N LYS D 42 -22.04 18.52 13.51
CA LYS D 42 -21.99 19.95 13.46
C LYS D 42 -20.63 20.36 12.87
N SER D 43 -20.58 21.52 12.21
CA SER D 43 -19.30 22.05 11.74
CA SER D 43 -19.30 22.05 11.75
C SER D 43 -18.31 22.15 12.91
N ILE D 44 -17.07 21.82 12.64
CA ILE D 44 -16.06 21.73 13.67
C ILE D 44 -15.45 23.12 13.94
N SER D 45 -15.48 23.55 15.20
CA SER D 45 -14.78 24.78 15.61
C SER D 45 -13.56 24.46 16.48
N ILE D 46 -12.61 25.39 16.48
CA ILE D 46 -11.35 25.22 17.18
C ILE D 46 -11.31 26.17 18.38
N SER D 47 -11.00 25.65 19.57
CA SER D 47 -10.95 26.48 20.77
C SER D 47 -9.79 27.48 20.67
N ASP D 48 -9.88 28.58 21.42
CA ASP D 48 -8.85 29.62 21.41
C ASP D 48 -7.59 29.28 22.18
N THR D 49 -7.72 28.34 23.12
CA THR D 49 -6.57 27.87 23.90
C THR D 49 -6.73 26.39 24.12
N PHE D 50 -5.62 25.70 24.42
CA PHE D 50 -5.65 24.27 24.72
C PHE D 50 -6.59 23.99 25.86
N GLU D 51 -6.49 24.76 26.95
CA GLU D 51 -7.24 24.48 28.17
C GLU D 51 -8.74 24.73 28.02
N SER D 52 -9.13 25.59 27.07
CA SER D 52 -10.55 25.90 26.86
C SER D 52 -11.24 25.00 25.83
N ASP D 53 -10.59 23.93 25.39
CA ASP D 53 -11.24 22.95 24.51
C ASP D 53 -12.58 22.51 25.10
N SER D 54 -13.64 22.64 24.32
CA SER D 54 -14.97 22.56 24.83
C SER D 54 -15.98 22.21 23.75
N PRO D 55 -15.89 20.98 23.21
CA PRO D 55 -16.75 20.65 22.07
C PRO D 55 -18.23 20.52 22.43
N ASN D 56 -19.09 21.01 21.54
CA ASN D 56 -20.53 20.77 21.62
C ASN D 56 -20.86 19.32 21.35
N ARG D 57 -21.96 18.86 21.94
CA ARG D 57 -22.40 17.50 21.77
C ARG D 57 -22.57 17.12 20.30
N ASP D 58 -23.25 17.98 19.55
CA ASP D 58 -23.56 17.64 18.16
C ASP D 58 -22.33 17.71 17.25
N MET D 59 -21.16 17.99 17.82
CA MET D 59 -19.89 17.97 17.09
C MET D 59 -19.08 16.67 17.31
N LEU D 60 -19.57 15.81 18.20
CA LEU D 60 -18.84 14.60 18.57
C LEU D 60 -19.48 13.31 18.09
N PRO D 61 -18.90 12.69 17.06
CA PRO D 61 -19.35 11.34 16.70
C PRO D 61 -19.27 10.39 17.90
N CYS D 62 -20.21 9.43 17.97
CA CYS D 62 -20.27 8.45 19.05
C CYS D 62 -20.33 7.00 18.51
N TYR D 63 -19.93 6.06 19.35
CA TYR D 63 -20.02 4.63 19.00
C TYR D 63 -21.50 4.27 18.83
N SER D 64 -21.79 3.44 17.84
CA SER D 64 -23.12 2.85 17.69
C SER D 64 -23.11 1.45 18.30
N VAL D 65 -24.26 1.04 18.83
CA VAL D 65 -24.42 -0.27 19.43
C VAL D 65 -25.85 -0.76 19.22
N ALA D 66 -26.00 -2.06 18.97
CA ALA D 66 -27.31 -2.72 19.02
C ALA D 66 -27.22 -4.04 19.80
N ARG D 67 -28.16 -4.23 20.71
CA ARG D 67 -28.34 -5.49 21.43
C ARG D 67 -29.46 -6.21 20.67
N ILE D 68 -29.16 -7.39 20.13
CA ILE D 68 -30.12 -8.15 19.33
C ILE D 68 -30.58 -9.41 20.07
N PRO D 69 -31.88 -9.50 20.38
CA PRO D 69 -32.39 -10.71 21.06
C PRO D 69 -32.37 -11.94 20.15
N LEU D 70 -32.00 -13.08 20.72
CA LEU D 70 -31.90 -14.35 19.98
C LEU D 70 -33.01 -15.28 20.43
N PRO D 71 -33.28 -16.34 19.64
CA PRO D 71 -34.29 -17.31 20.09
C PRO D 71 -33.98 -17.81 21.49
N ASN D 72 -34.99 -17.81 22.34
CA ASN D 72 -34.83 -18.13 23.77
C ASN D 72 -34.44 -19.57 23.95
N LEU D 73 -33.39 -19.81 24.76
CA LEU D 73 -32.90 -21.15 25.01
C LEU D 73 -33.33 -21.51 26.43
N ILE D 82 -27.67 -26.48 30.12
CA ILE D 82 -27.51 -25.09 29.68
C ILE D 82 -26.93 -24.97 28.27
N LEU D 83 -27.67 -24.33 27.36
CA LEU D 83 -27.22 -24.03 26.00
C LEU D 83 -27.09 -22.53 25.79
N MET D 84 -26.08 -22.14 25.00
CA MET D 84 -25.86 -20.75 24.63
C MET D 84 -25.64 -20.65 23.14
N TRP D 85 -26.06 -19.53 22.55
CA TRP D 85 -25.77 -19.25 21.15
C TRP D 85 -24.32 -18.81 21.05
N GLU D 86 -23.63 -19.36 20.05
CA GLU D 86 -22.23 -19.10 19.81
C GLU D 86 -22.10 -18.42 18.45
N ALA D 87 -21.52 -17.23 18.41
CA ALA D 87 -21.35 -16.52 17.14
C ALA D 87 -20.14 -17.10 16.42
N VAL D 88 -20.34 -17.49 15.17
CA VAL D 88 -19.32 -18.25 14.44
C VAL D 88 -18.73 -17.50 13.25
N THR D 89 -19.55 -16.79 12.46
CA THR D 89 -19.06 -16.06 11.29
C THR D 89 -19.74 -14.70 11.20
N LEU D 90 -19.06 -13.78 10.51
CA LEU D 90 -19.55 -12.42 10.26
C LEU D 90 -19.31 -12.03 8.80
N LYS D 91 -20.34 -11.50 8.16
CA LYS D 91 -20.16 -10.67 6.97
C LYS D 91 -20.54 -9.25 7.33
N THR D 92 -19.74 -8.28 6.91
CA THR D 92 -20.04 -6.90 7.21
C THR D 92 -19.63 -5.99 6.07
N GLU D 93 -20.33 -4.89 5.87
CA GLU D 93 -19.84 -3.83 4.97
C GLU D 93 -20.50 -2.48 5.20
N VAL D 94 -19.81 -1.44 4.76
CA VAL D 94 -20.32 -0.10 4.87
C VAL D 94 -21.35 0.07 3.77
N ILE D 95 -22.49 0.66 4.13
CA ILE D 95 -23.62 0.85 3.22
C ILE D 95 -23.70 2.27 2.72
N GLY D 96 -23.63 2.43 1.39
CA GLY D 96 -23.77 3.71 0.73
C GLY D 96 -22.47 4.38 0.36
N VAL D 97 -21.45 3.57 0.03
CA VAL D 97 -20.12 4.12 -0.25
C VAL D 97 -20.14 5.10 -1.43
N THR D 98 -21.01 4.85 -2.42
CA THR D 98 -21.04 5.69 -3.62
C THR D 98 -21.62 7.09 -3.40
N SER D 99 -22.34 7.30 -2.29
CA SER D 99 -22.86 8.62 -1.95
C SER D 99 -21.75 9.65 -1.82
N LEU D 100 -20.53 9.17 -1.54
CA LEU D 100 -19.35 10.04 -1.45
C LEU D 100 -18.86 10.54 -2.81
N MET D 101 -19.54 10.16 -3.89
CA MET D 101 -19.28 10.76 -5.19
C MET D 101 -20.05 12.04 -5.46
N ASN D 102 -20.95 12.41 -4.54
CA ASN D 102 -21.65 13.67 -4.70
C ASN D 102 -20.65 14.81 -4.43
N VAL D 103 -20.13 15.37 -5.52
CA VAL D 103 -19.18 16.48 -5.47
C VAL D 103 -19.79 17.77 -6.01
N HIS D 104 -21.12 17.84 -6.03
CA HIS D 104 -21.84 18.98 -6.63
C HIS D 104 -22.76 19.71 -5.64
N SER D 105 -22.73 19.33 -4.37
CA SER D 105 -23.71 19.80 -3.41
C SER D 105 -23.14 20.87 -2.44
N ASN D 106 -22.87 22.05 -2.99
CA ASN D 106 -22.35 23.20 -2.24
C ASN D 106 -21.07 22.91 -1.43
N GLY D 107 -20.16 22.17 -2.03
CA GLY D 107 -18.84 21.91 -1.45
C GLY D 107 -17.87 23.01 -1.85
N GLN D 108 -16.63 22.87 -1.41
CA GLN D 108 -15.56 23.80 -1.77
C GLN D 108 -14.79 23.33 -2.95
N ALA D 109 -14.73 24.14 -4.00
CA ALA D 109 -14.04 23.79 -5.22
C ALA D 109 -12.56 23.60 -4.94
N THR D 110 -12.01 22.55 -5.53
CA THR D 110 -10.60 22.21 -5.39
C THR D 110 -9.70 23.29 -6.00
N HIS D 111 -10.20 23.94 -7.04
CA HIS D 111 -9.53 25.05 -7.72
C HIS D 111 -10.59 25.77 -8.60
N ASP D 112 -10.19 26.86 -9.24
CA ASP D 112 -11.11 27.65 -10.06
C ASP D 112 -11.81 26.81 -11.17
N ASN D 113 -13.14 26.78 -11.14
CA ASN D 113 -14.02 25.98 -12.03
C ASN D 113 -14.03 24.48 -11.77
N GLY D 114 -13.40 24.04 -10.70
CA GLY D 114 -13.29 22.62 -10.41
C GLY D 114 -14.47 22.07 -9.64
N ALA D 115 -14.51 20.76 -9.53
CA ALA D 115 -15.57 20.10 -8.77
C ALA D 115 -15.33 20.28 -7.29
N GLY D 116 -16.34 19.99 -6.50
CA GLY D 116 -16.21 20.09 -5.06
C GLY D 116 -15.27 19.03 -4.49
N LYS D 117 -14.62 19.37 -3.39
CA LYS D 117 -13.75 18.46 -2.69
C LYS D 117 -14.57 17.31 -2.10
N PRO D 118 -14.19 16.06 -2.39
CA PRO D 118 -14.95 14.97 -1.80
C PRO D 118 -14.66 14.81 -0.31
N VAL D 119 -15.54 14.09 0.37
CA VAL D 119 -15.28 13.67 1.74
C VAL D 119 -13.91 12.99 1.83
N GLN D 120 -13.11 13.44 2.79
CA GLN D 120 -11.74 12.93 2.95
C GLN D 120 -11.20 13.37 4.31
N GLY D 121 -10.02 12.89 4.64
CA GLY D 121 -9.40 13.18 5.93
C GLY D 121 -9.67 12.08 6.95
N THR D 122 -9.40 12.40 8.20
CA THR D 122 -9.40 11.43 9.29
C THR D 122 -10.61 10.51 9.32
N SER D 123 -10.36 9.21 9.35
CA SER D 123 -11.41 8.20 9.37
C SER D 123 -11.18 7.22 10.51
N PHE D 124 -12.26 6.67 11.03
CA PHE D 124 -12.19 5.54 11.94
C PHE D 124 -13.26 4.57 11.52
N HIS D 125 -12.85 3.35 11.18
CA HIS D 125 -13.75 2.28 10.79
C HIS D 125 -13.55 1.13 11.75
N PHE D 126 -14.64 0.75 12.43
CA PHE D 126 -14.59 -0.13 13.55
C PHE D 126 -15.85 -0.97 13.62
N PHE D 127 -15.71 -2.24 14.00
CA PHE D 127 -16.87 -3.08 14.25
C PHE D 127 -16.51 -4.22 15.22
N SER D 128 -17.51 -4.63 16.00
CA SER D 128 -17.31 -5.74 16.93
C SER D 128 -18.57 -6.58 17.06
N VAL D 129 -18.36 -7.84 17.40
CA VAL D 129 -19.42 -8.80 17.66
C VAL D 129 -19.10 -9.47 18.99
N GLY D 130 -20.06 -9.45 19.91
CA GLY D 130 -19.83 -10.07 21.21
C GLY D 130 -21.07 -10.66 21.85
N GLY D 131 -20.83 -11.47 22.87
CA GLY D 131 -21.90 -12.07 23.65
C GLY D 131 -22.23 -11.29 24.91
N GLU D 132 -21.77 -10.03 24.94
CA GLU D 132 -22.03 -9.06 26.01
C GLU D 132 -21.51 -7.70 25.54
N ALA D 133 -21.82 -6.65 26.28
CA ALA D 133 -21.47 -5.29 25.87
C ALA D 133 -19.96 -5.16 25.65
N LEU D 134 -19.59 -4.44 24.61
CA LEU D 134 -18.19 -4.08 24.38
C LEU D 134 -17.67 -3.32 25.60
N GLU D 135 -16.49 -3.69 26.07
CA GLU D 135 -15.85 -3.01 27.19
C GLU D 135 -14.87 -1.93 26.69
N LEU D 136 -14.96 -0.75 27.30
CA LEU D 136 -14.22 0.42 26.84
C LEU D 136 -13.20 0.91 27.85
N GLN D 137 -12.10 1.47 27.33
CA GLN D 137 -11.09 2.17 28.10
C GLN D 137 -11.02 3.60 27.58
N GLY D 138 -10.98 4.56 28.51
CA GLY D 138 -10.90 5.97 28.18
C GLY D 138 -9.48 6.48 27.98
N VAL D 139 -9.25 7.17 26.86
CA VAL D 139 -8.01 7.89 26.62
C VAL D 139 -8.30 9.27 26.00
N LEU D 140 -7.73 10.31 26.58
CA LEU D 140 -8.03 11.66 26.14
C LEU D 140 -6.84 12.30 25.44
N PHE D 141 -7.10 12.95 24.30
CA PHE D 141 -6.08 13.78 23.68
C PHE D 141 -5.62 14.87 24.65
N ASN D 142 -6.59 15.50 25.31
CA ASN D 142 -6.37 16.66 26.19
C ASN D 142 -7.23 16.50 27.44
N TYR D 143 -6.61 16.29 28.61
CA TYR D 143 -7.39 15.96 29.81
C TYR D 143 -8.24 17.14 30.30
N ARG D 144 -7.90 18.35 29.85
CA ARG D 144 -8.66 19.53 30.24
C ARG D 144 -9.81 19.85 29.28
N THR D 145 -10.03 18.98 28.31
CA THR D 145 -11.20 19.11 27.44
C THR D 145 -12.43 19.00 28.32
N LYS D 146 -13.33 19.98 28.20
CA LYS D 146 -14.64 19.88 28.82
C LYS D 146 -15.62 19.16 27.89
N TYR D 147 -15.96 17.91 28.21
CA TYR D 147 -16.93 17.16 27.40
C TYR D 147 -18.33 17.63 27.75
N PRO D 148 -19.26 17.58 26.77
CA PRO D 148 -20.55 18.20 27.00
C PRO D 148 -21.56 17.28 27.67
N ASP D 149 -22.54 17.93 28.32
CA ASP D 149 -23.68 17.27 28.89
C ASP D 149 -24.42 16.43 27.86
N GLY D 150 -24.87 15.24 28.28
CA GLY D 150 -25.52 14.29 27.40
C GLY D 150 -24.57 13.30 26.78
N THR D 151 -23.26 13.46 27.00
CA THR D 151 -22.30 12.41 26.63
C THR D 151 -21.77 11.71 27.88
N ILE D 152 -21.28 10.50 27.68
CA ILE D 152 -20.66 9.76 28.76
C ILE D 152 -19.18 9.72 28.42
N PHE D 153 -18.38 10.28 29.30
CA PHE D 153 -16.98 10.53 29.04
C PHE D 153 -16.18 10.19 30.27
N PRO D 154 -14.86 10.03 30.14
CA PRO D 154 -14.05 9.74 31.31
C PRO D 154 -14.15 10.82 32.39
N LYS D 155 -14.55 10.40 33.61
CA LYS D 155 -14.73 11.30 34.76
C LYS D 155 -13.46 11.36 35.60
N ASN D 156 -13.31 12.44 36.36
CA ASN D 156 -12.13 12.67 37.20
C ASN D 156 -10.83 12.57 36.41
N ALA D 157 -10.83 13.17 35.23
CA ALA D 157 -9.67 13.15 34.36
C ALA D 157 -8.49 13.79 35.06
N THR D 158 -7.30 13.25 34.82
CA THR D 158 -6.05 13.86 35.26
C THR D 158 -5.11 13.84 34.08
N VAL D 159 -3.90 14.37 34.26
CA VAL D 159 -2.92 14.41 33.20
C VAL D 159 -2.56 12.99 32.73
N GLN D 160 -2.60 12.03 33.64
CA GLN D 160 -2.37 10.63 33.27
C GLN D 160 -3.43 10.09 32.29
N SER D 161 -4.63 10.68 32.27
CA SER D 161 -5.69 10.28 31.35
C SER D 161 -5.27 10.49 29.88
N GLN D 162 -4.26 11.33 29.66
CA GLN D 162 -3.70 11.54 28.31
C GLN D 162 -2.90 10.35 27.77
N VAL D 163 -2.51 9.41 28.65
CA VAL D 163 -1.79 8.19 28.22
C VAL D 163 -2.45 6.88 28.71
N MET D 164 -2.76 6.77 30.00
CA MET D 164 -3.49 5.62 30.54
C MET D 164 -3.88 5.84 31.99
N ASN D 165 -5.18 5.99 32.21
CA ASN D 165 -5.72 6.07 33.55
C ASN D 165 -6.75 4.96 33.68
N THR D 166 -6.41 3.92 34.47
CA THR D 166 -7.23 2.71 34.56
C THR D 166 -8.59 2.93 35.24
N GLU D 167 -8.81 4.09 35.83
CA GLU D 167 -10.14 4.41 36.36
C GLU D 167 -11.18 4.54 35.24
N HIS D 168 -10.77 4.85 34.02
CA HIS D 168 -11.73 5.10 32.95
C HIS D 168 -12.22 3.82 32.24
N LYS D 169 -13.04 3.04 32.93
CA LYS D 169 -13.67 1.83 32.38
C LYS D 169 -15.16 2.06 32.16
N ALA D 170 -15.70 1.50 31.10
CA ALA D 170 -17.12 1.62 30.80
C ALA D 170 -17.58 0.48 29.89
N TYR D 171 -18.89 0.35 29.77
CA TYR D 171 -19.51 -0.57 28.83
C TYR D 171 -20.16 0.26 27.74
N LEU D 172 -20.05 -0.16 26.50
CA LEU D 172 -20.82 0.44 25.43
C LEU D 172 -22.25 -0.09 25.53
N ASP D 173 -23.04 0.59 26.34
CA ASP D 173 -24.37 0.11 26.73
C ASP D 173 -25.48 1.10 26.34
N LYS D 174 -25.16 2.08 25.50
CA LYS D 174 -26.08 3.14 25.17
C LYS D 174 -25.69 3.83 23.87
N ASN D 175 -26.68 4.19 23.06
CA ASN D 175 -26.44 4.95 21.82
C ASN D 175 -26.37 6.46 22.02
N LYS D 176 -25.76 7.12 21.03
CA LYS D 176 -25.50 8.56 21.02
C LYS D 176 -24.93 9.07 22.33
N ALA D 177 -24.04 8.31 22.94
CA ALA D 177 -23.59 8.65 24.28
C ALA D 177 -22.07 8.68 24.44
N TYR D 178 -21.40 7.68 23.85
CA TYR D 178 -19.96 7.46 24.06
C TYR D 178 -19.14 8.05 22.92
N PRO D 179 -18.49 9.22 23.14
CA PRO D 179 -17.78 9.82 22.02
C PRO D 179 -16.58 8.98 21.55
N VAL D 180 -16.44 8.89 20.24
CA VAL D 180 -15.38 8.12 19.63
C VAL D 180 -13.99 8.58 20.13
N GLU D 181 -13.80 9.89 20.23
CA GLU D 181 -12.47 10.43 20.57
C GLU D 181 -12.01 10.16 22.01
N CYS D 182 -12.93 9.78 22.89
CA CYS D 182 -12.65 9.48 24.31
C CYS D 182 -12.40 8.03 24.65
N TRP D 183 -12.91 7.13 23.81
CA TRP D 183 -13.02 5.74 24.18
C TRP D 183 -12.47 4.81 23.09
N VAL D 184 -11.82 3.73 23.54
CA VAL D 184 -11.42 2.61 22.69
C VAL D 184 -11.80 1.28 23.36
N PRO D 185 -11.89 0.22 22.56
CA PRO D 185 -12.03 -1.09 23.17
C PRO D 185 -10.92 -1.31 24.18
N ASP D 186 -11.26 -1.83 25.36
CA ASP D 186 -10.31 -2.12 26.41
C ASP D 186 -9.63 -3.43 26.06
N PRO D 187 -8.33 -3.38 25.70
CA PRO D 187 -7.66 -4.63 25.34
C PRO D 187 -7.42 -5.57 26.54
N THR D 188 -7.52 -5.04 27.75
CA THR D 188 -7.33 -5.86 28.96
C THR D 188 -8.57 -6.72 29.24
N ARG D 189 -9.68 -6.44 28.59
CA ARG D 189 -10.89 -7.22 28.82
C ARG D 189 -11.41 -7.72 27.47
N ASN D 190 -12.72 -7.71 27.25
CA ASN D 190 -13.30 -8.13 25.97
C ASN D 190 -12.95 -9.56 25.50
N GLU D 191 -12.82 -10.49 26.44
CA GLU D 191 -12.50 -11.87 26.07
C GLU D 191 -13.66 -12.50 25.29
N ASN D 192 -14.90 -12.07 25.57
CA ASN D 192 -16.09 -12.63 24.93
C ASN D 192 -16.61 -11.79 23.73
N THR D 193 -15.71 -11.04 23.11
CA THR D 193 -16.02 -10.16 21.97
C THR D 193 -14.88 -10.30 20.96
N ARG D 194 -15.19 -10.08 19.69
CA ARG D 194 -14.15 -9.93 18.67
C ARG D 194 -14.27 -8.55 18.10
N TYR D 195 -13.20 -7.76 18.14
CA TYR D 195 -13.26 -6.38 17.61
C TYR D 195 -12.14 -6.06 16.62
N PHE D 196 -12.47 -5.18 15.66
CA PHE D 196 -11.57 -4.82 14.58
C PHE D 196 -11.74 -3.34 14.28
N GLY D 197 -10.64 -2.60 14.21
CA GLY D 197 -10.70 -1.18 13.88
C GLY D 197 -9.46 -0.63 13.23
N THR D 198 -9.65 0.41 12.40
CA THR D 198 -8.55 1.13 11.79
C THR D 198 -8.80 2.65 11.87
N LEU D 199 -7.83 3.37 12.44
CA LEU D 199 -7.76 4.81 12.46
C LEU D 199 -6.81 5.18 11.35
N THR D 200 -7.25 6.02 10.41
CA THR D 200 -6.38 6.61 9.40
C THR D 200 -6.47 8.14 9.54
N GLY D 201 -5.41 8.76 10.04
CA GLY D 201 -5.44 10.21 10.36
C GLY D 201 -4.78 11.08 9.29
N GLY D 202 -5.17 12.34 9.22
CA GLY D 202 -4.51 13.26 8.27
C GLY D 202 -5.57 13.94 7.46
N GLU D 203 -5.44 15.24 7.20
CA GLU D 203 -6.54 16.00 6.61
C GLU D 203 -6.87 15.61 5.18
N ASN D 204 -5.91 15.03 4.46
CA ASN D 204 -6.10 14.70 3.04
C ASN D 204 -6.20 13.22 2.75
N VAL D 205 -6.33 12.40 3.78
CA VAL D 205 -6.43 10.97 3.57
C VAL D 205 -7.64 10.65 2.67
N PRO D 206 -7.42 9.84 1.62
CA PRO D 206 -8.49 9.38 0.74
C PRO D 206 -9.25 8.18 1.31
N PRO D 207 -10.59 8.25 1.36
CA PRO D 207 -11.35 7.07 1.72
C PRO D 207 -11.10 5.90 0.74
N VAL D 208 -10.89 4.71 1.29
CA VAL D 208 -10.75 3.51 0.47
C VAL D 208 -11.73 2.51 1.05
N LEU D 209 -12.87 2.34 0.38
CA LEU D 209 -13.97 1.55 0.90
C LEU D 209 -14.28 0.40 -0.07
N HIS D 210 -14.10 -0.82 0.43
CA HIS D 210 -14.34 -2.02 -0.36
C HIS D 210 -15.69 -2.60 -0.02
N ILE D 211 -16.43 -3.04 -1.03
CA ILE D 211 -17.66 -3.77 -0.81
C ILE D 211 -17.62 -5.10 -1.58
N THR D 212 -18.14 -6.15 -0.96
CA THR D 212 -18.33 -7.44 -1.59
C THR D 212 -19.22 -8.30 -0.70
N ASN D 213 -19.97 -9.20 -1.30
CA ASN D 213 -20.74 -10.16 -0.52
C ASN D 213 -20.08 -11.53 -0.45
N THR D 214 -18.77 -11.61 -0.75
CA THR D 214 -18.05 -12.88 -0.83
C THR D 214 -17.04 -13.09 0.31
N ALA D 215 -16.94 -12.15 1.24
CA ALA D 215 -15.92 -12.19 2.30
C ALA D 215 -16.56 -12.47 3.66
N THR D 216 -15.99 -13.44 4.37
CA THR D 216 -16.49 -13.87 5.67
C THR D 216 -15.36 -13.80 6.68
N THR D 217 -15.64 -13.28 7.86
CA THR D 217 -14.70 -13.31 8.98
C THR D 217 -15.12 -14.39 9.98
N VAL D 218 -14.22 -15.31 10.29
CA VAL D 218 -14.48 -16.37 11.28
C VAL D 218 -14.27 -15.79 12.70
N LEU D 219 -15.21 -16.01 13.60
CA LEU D 219 -15.17 -15.40 14.93
C LEU D 219 -14.64 -16.31 16.02
N LEU D 220 -14.27 -17.53 15.65
CA LEU D 220 -13.73 -18.51 16.61
C LEU D 220 -12.34 -18.12 17.11
N ASP D 221 -12.11 -18.27 18.41
CA ASP D 221 -10.79 -18.05 18.97
C ASP D 221 -9.88 -19.27 18.71
N GLU D 222 -8.67 -19.23 19.25
CA GLU D 222 -7.66 -20.28 19.02
C GLU D 222 -8.09 -21.68 19.50
N PHE D 223 -9.09 -21.75 20.39
CA PHE D 223 -9.65 -23.02 20.85
C PHE D 223 -10.90 -23.46 20.08
N GLY D 224 -11.28 -22.73 19.03
CA GLY D 224 -12.48 -23.07 18.27
C GLY D 224 -13.79 -22.59 18.89
N VAL D 225 -13.73 -21.56 19.73
CA VAL D 225 -14.92 -21.06 20.43
C VAL D 225 -15.18 -19.61 20.07
N GLY D 226 -16.39 -19.33 19.60
CA GLY D 226 -16.81 -17.96 19.31
C GLY D 226 -17.42 -17.30 20.53
N PRO D 227 -17.76 -16.01 20.41
CA PRO D 227 -18.49 -15.33 21.47
C PRO D 227 -19.77 -16.08 21.89
N LEU D 228 -19.95 -16.23 23.20
CA LEU D 228 -21.10 -16.92 23.75
C LEU D 228 -22.08 -15.89 24.28
N CYS D 229 -23.32 -15.97 23.82
CA CYS D 229 -24.29 -14.90 24.06
C CYS D 229 -25.03 -15.02 25.38
N LYS D 230 -24.59 -14.23 26.36
CA LYS D 230 -25.22 -14.24 27.69
C LYS D 230 -26.63 -13.66 27.63
N GLY D 231 -27.56 -14.33 28.31
CA GLY D 231 -28.98 -13.96 28.29
C GLY D 231 -29.63 -14.01 26.92
N ASP D 232 -29.02 -14.74 25.98
CA ASP D 232 -29.52 -14.82 24.60
C ASP D 232 -29.55 -13.46 23.88
N ASN D 233 -28.50 -12.66 24.08
CA ASN D 233 -28.35 -11.40 23.36
C ASN D 233 -27.02 -11.35 22.64
N LEU D 234 -27.07 -10.86 21.40
CA LEU D 234 -25.89 -10.61 20.59
C LEU D 234 -25.62 -9.11 20.59
N TYR D 235 -24.39 -8.70 20.86
CA TYR D 235 -24.04 -7.29 20.88
C TYR D 235 -23.23 -6.93 19.65
N LEU D 236 -23.74 -5.99 18.86
CA LEU D 236 -23.04 -5.48 17.71
C LEU D 236 -22.67 -4.02 17.97
N SER D 237 -21.44 -3.62 17.60
CA SER D 237 -20.98 -2.24 17.75
C SER D 237 -20.23 -1.80 16.52
N ALA D 238 -20.22 -0.48 16.26
CA ALA D 238 -19.66 0.07 15.01
C ALA D 238 -19.36 1.56 15.08
N VAL D 239 -18.32 1.96 14.36
CA VAL D 239 -18.08 3.36 14.02
C VAL D 239 -17.61 3.36 12.58
N ASP D 240 -18.19 4.22 11.77
CA ASP D 240 -17.69 4.45 10.42
C ASP D 240 -17.69 5.93 10.10
N VAL D 241 -16.71 6.63 10.68
CA VAL D 241 -16.43 8.03 10.35
C VAL D 241 -15.60 7.98 9.09
N CYS D 242 -16.18 8.41 7.97
CA CYS D 242 -15.57 8.24 6.66
C CYS D 242 -14.57 9.33 6.33
N GLY D 243 -14.67 10.45 7.03
CA GLY D 243 -13.89 11.63 6.73
C GLY D 243 -14.70 12.88 7.02
N MET D 244 -14.28 14.00 6.44
CA MET D 244 -14.95 15.27 6.62
C MET D 244 -15.44 15.81 5.31
N PHE D 245 -16.66 16.37 5.31
CA PHE D 245 -17.18 17.09 4.18
C PHE D 245 -16.78 18.55 4.38
N THR D 246 -16.25 19.19 3.35
CA THR D 246 -15.94 20.61 3.40
C THR D 246 -16.98 21.41 2.61
N ASN D 247 -17.67 22.33 3.29
CA ASN D 247 -18.63 23.19 2.62
C ASN D 247 -17.93 24.30 1.86
N ARG D 248 -18.68 24.98 0.99
CA ARG D 248 -18.17 26.14 0.23
C ARG D 248 -17.49 27.16 1.14
N SER D 249 -18.02 27.40 2.34
CA SER D 249 -17.42 28.38 3.26
C SER D 249 -16.07 27.93 3.79
N GLY D 250 -15.75 26.64 3.68
CA GLY D 250 -14.55 26.09 4.29
C GLY D 250 -14.81 25.39 5.62
N SER D 251 -16.00 25.57 6.18
CA SER D 251 -16.34 24.84 7.40
C SER D 251 -16.39 23.32 7.11
N GLN D 252 -16.11 22.52 8.13
CA GLN D 252 -16.00 21.07 7.94
C GLN D 252 -16.86 20.27 8.92
N GLN D 253 -17.45 19.19 8.42
CA GLN D 253 -18.34 18.32 9.18
C GLN D 253 -17.97 16.86 8.98
N TRP D 254 -17.91 16.10 10.06
CA TRP D 254 -17.73 14.65 9.96
C TRP D 254 -18.89 14.02 9.16
N ARG D 255 -18.58 13.09 8.27
CA ARG D 255 -19.61 12.32 7.56
C ARG D 255 -19.44 10.84 7.89
N GLY D 256 -20.55 10.18 8.25
CA GLY D 256 -20.55 8.75 8.56
C GLY D 256 -21.55 7.98 7.71
N LEU D 257 -21.40 6.66 7.71
CA LEU D 257 -22.28 5.79 6.97
C LEU D 257 -22.71 4.60 7.83
N SER D 258 -23.82 3.97 7.45
CA SER D 258 -24.34 2.79 8.16
C SER D 258 -23.50 1.55 7.88
N ARG D 259 -23.59 0.55 8.75
CA ARG D 259 -22.85 -0.70 8.58
C ARG D 259 -23.76 -1.90 8.69
N TYR D 260 -23.65 -2.79 7.68
CA TYR D 260 -24.36 -4.06 7.63
C TYR D 260 -23.63 -5.12 8.44
N PHE D 261 -24.40 -5.95 9.14
CA PHE D 261 -23.90 -7.12 9.85
C PHE D 261 -24.75 -8.35 9.50
N LYS D 262 -24.10 -9.46 9.18
CA LYS D 262 -24.77 -10.76 9.12
C LYS D 262 -23.95 -11.74 9.94
N VAL D 263 -24.55 -12.26 11.01
CA VAL D 263 -23.86 -13.16 11.92
C VAL D 263 -24.57 -14.51 11.95
N GLN D 264 -23.80 -15.59 11.82
CA GLN D 264 -24.33 -16.95 11.95
C GLN D 264 -23.97 -17.50 13.30
N LEU D 265 -24.94 -18.15 13.95
CA LEU D 265 -24.74 -18.68 15.28
C LEU D 265 -25.18 -20.15 15.37
N ARG D 266 -24.60 -20.84 16.33
CA ARG D 266 -24.96 -22.22 16.60
C ARG D 266 -25.10 -22.43 18.11
N LYS D 267 -25.88 -23.43 18.49
CA LYS D 267 -26.09 -23.75 19.90
C LYS D 267 -24.92 -24.55 20.46
N ARG D 268 -24.46 -24.14 21.62
CA ARG D 268 -23.32 -24.73 22.28
C ARG D 268 -23.69 -25.09 23.72
N ARG D 269 -23.41 -26.31 24.15
CA ARG D 269 -23.63 -26.68 25.54
C ARG D 269 -22.47 -26.25 26.43
N VAL D 270 -22.81 -25.75 27.61
CA VAL D 270 -21.82 -25.35 28.63
C VAL D 270 -22.28 -25.84 30.01
N LYS D 271 -21.36 -25.90 30.99
CA LYS D 271 -21.68 -26.41 32.35
C LYS D 271 -21.30 -25.43 33.45
N VAL E 7 -35.26 -24.08 -3.88
CA VAL E 7 -34.28 -24.83 -4.70
C VAL E 7 -33.39 -25.72 -3.83
N GLU E 8 -33.60 -27.03 -3.90
CA GLU E 8 -32.58 -28.00 -3.48
C GLU E 8 -31.57 -28.14 -4.64
N VAL E 9 -30.30 -27.82 -4.38
CA VAL E 9 -29.25 -27.97 -5.39
C VAL E 9 -28.73 -29.40 -5.38
N LEU E 10 -28.75 -30.06 -6.53
CA LEU E 10 -28.26 -31.44 -6.61
C LEU E 10 -26.96 -31.50 -7.38
N GLU E 11 -26.73 -32.51 -8.22
CA GLU E 11 -25.42 -32.71 -8.85
C GLU E 11 -25.19 -31.90 -10.12
N VAL E 12 -23.91 -31.70 -10.42
CA VAL E 12 -23.43 -31.10 -11.65
C VAL E 12 -23.49 -32.10 -12.81
N LYS E 13 -23.95 -31.67 -13.97
CA LYS E 13 -23.88 -32.52 -15.16
C LYS E 13 -22.47 -32.50 -15.71
N THR E 14 -22.04 -33.62 -16.27
CA THR E 14 -20.75 -33.70 -16.94
C THR E 14 -21.00 -34.07 -18.40
N GLY E 15 -19.93 -34.18 -19.19
CA GLY E 15 -20.05 -34.46 -20.62
C GLY E 15 -19.73 -33.22 -21.43
N VAL E 16 -19.37 -33.42 -22.69
CA VAL E 16 -18.90 -32.32 -23.54
C VAL E 16 -19.93 -31.17 -23.64
N ASP E 17 -21.22 -31.54 -23.65
CA ASP E 17 -22.34 -30.60 -23.81
C ASP E 17 -22.66 -29.75 -22.55
N SER E 18 -21.96 -29.99 -21.45
CA SER E 18 -22.39 -29.55 -20.13
C SER E 18 -21.77 -28.24 -19.64
N ILE E 19 -20.96 -27.58 -20.47
CA ILE E 19 -20.37 -26.28 -20.12
C ILE E 19 -20.58 -25.27 -21.24
N THR E 20 -20.61 -24.00 -20.88
CA THR E 20 -20.71 -22.93 -21.86
C THR E 20 -20.01 -21.68 -21.32
N GLU E 21 -19.79 -20.74 -22.21
CA GLU E 21 -18.91 -19.62 -21.94
C GLU E 21 -19.57 -18.35 -22.44
N VAL E 22 -19.59 -17.32 -21.61
CA VAL E 22 -20.07 -15.99 -22.03
C VAL E 22 -18.90 -15.00 -22.03
N GLU E 23 -18.74 -14.31 -23.14
CA GLU E 23 -17.67 -13.33 -23.29
C GLU E 23 -18.26 -12.05 -23.88
N CYS E 24 -18.02 -10.91 -23.23
CA CYS E 24 -18.56 -9.62 -23.69
C CYS E 24 -17.92 -8.42 -22.99
N PHE E 25 -18.36 -7.22 -23.35
CA PHE E 25 -17.93 -6.00 -22.68
C PHE E 25 -19.14 -5.10 -22.40
N LEU E 26 -19.05 -4.39 -21.29
CA LEU E 26 -20.05 -3.39 -20.91
C LEU E 26 -19.43 -2.01 -21.06
N THR E 27 -20.09 -1.13 -21.82
CA THR E 27 -19.62 0.25 -22.00
C THR E 27 -20.02 1.15 -20.82
N PRO E 28 -19.18 2.13 -20.50
CA PRO E 28 -19.52 3.01 -19.40
C PRO E 28 -20.60 4.01 -19.79
N GLU E 29 -21.36 4.47 -18.80
CA GLU E 29 -22.42 5.46 -18.99
C GLU E 29 -22.17 6.64 -18.05
N MET E 30 -21.34 7.56 -18.52
CA MET E 30 -20.85 8.65 -17.69
C MET E 30 -21.69 9.92 -17.79
N GLY E 31 -22.57 9.99 -18.79
CA GLY E 31 -23.43 11.14 -18.99
C GLY E 31 -23.54 11.61 -20.43
N ASP E 32 -22.45 11.48 -21.18
CA ASP E 32 -22.42 11.74 -22.63
C ASP E 32 -23.04 13.08 -23.02
N PRO E 33 -22.43 14.19 -22.57
CA PRO E 33 -23.05 15.52 -22.69
C PRO E 33 -23.29 16.00 -24.14
N ASP E 34 -22.49 15.52 -25.09
CA ASP E 34 -22.76 15.77 -26.50
C ASP E 34 -22.29 14.60 -27.35
N GLU E 35 -22.41 14.76 -28.66
CA GLU E 35 -22.11 13.71 -29.65
C GLU E 35 -20.63 13.36 -29.79
N HIS E 36 -19.74 14.15 -29.19
CA HIS E 36 -18.30 13.89 -29.22
C HIS E 36 -17.73 13.34 -27.91
N LEU E 37 -18.56 13.20 -26.88
CA LEU E 37 -18.04 12.98 -25.53
C LEU E 37 -18.56 11.71 -24.86
N ARG E 38 -18.76 10.66 -25.65
CA ARG E 38 -19.02 9.32 -25.12
C ARG E 38 -17.87 8.96 -24.17
N GLY E 39 -18.21 8.52 -22.97
CA GLY E 39 -17.21 8.14 -21.97
C GLY E 39 -16.90 9.25 -20.97
N PHE E 40 -17.43 10.44 -21.22
CA PHE E 40 -17.26 11.57 -20.33
C PHE E 40 -18.61 12.02 -19.77
N SER E 41 -18.58 12.65 -18.60
CA SER E 41 -19.74 13.36 -18.08
C SER E 41 -19.69 14.81 -18.54
N LYS E 42 -20.79 15.52 -18.30
CA LYS E 42 -20.82 16.98 -18.39
C LYS E 42 -19.86 17.53 -17.34
N SER E 43 -19.27 18.67 -17.62
CA SER E 43 -18.46 19.34 -16.61
C SER E 43 -19.29 19.47 -15.33
N ILE E 44 -18.63 19.33 -14.19
CA ILE E 44 -19.30 19.32 -12.90
C ILE E 44 -19.45 20.74 -12.42
N SER E 45 -20.66 21.11 -12.01
CA SER E 45 -20.92 22.38 -11.33
C SER E 45 -21.37 22.14 -9.90
N ILE E 46 -21.28 23.18 -9.08
CA ILE E 46 -21.60 23.13 -7.67
C ILE E 46 -22.79 24.05 -7.35
N SER E 47 -23.81 23.54 -6.66
CA SER E 47 -24.98 24.34 -6.25
C SER E 47 -24.59 25.44 -5.24
N ASP E 48 -25.42 26.47 -5.15
CA ASP E 48 -25.20 27.62 -4.27
C ASP E 48 -25.51 27.34 -2.81
N THR E 49 -26.40 26.37 -2.57
CA THR E 49 -26.78 25.96 -1.22
C THR E 49 -26.90 24.46 -1.18
N PHE E 50 -26.87 23.91 0.03
CA PHE E 50 -27.07 22.48 0.21
C PHE E 50 -28.42 22.05 -0.33
N GLU E 51 -29.47 22.78 0.03
CA GLU E 51 -30.82 22.39 -0.29
C GLU E 51 -31.11 22.48 -1.80
N SER E 52 -30.40 23.33 -2.52
CA SER E 52 -30.64 23.52 -3.96
C SER E 52 -29.81 22.60 -4.87
N ASP E 53 -29.10 21.63 -4.30
CA ASP E 53 -28.40 20.63 -5.11
C ASP E 53 -29.33 20.03 -6.16
N SER E 54 -28.92 20.07 -7.42
CA SER E 54 -29.82 19.83 -8.54
C SER E 54 -29.07 19.37 -9.80
N PRO E 55 -28.39 18.23 -9.74
CA PRO E 55 -27.53 17.83 -10.87
C PRO E 55 -28.28 17.53 -12.17
N ASN E 56 -27.72 17.98 -13.29
CA ASN E 56 -28.22 17.64 -14.61
C ASN E 56 -28.01 16.13 -14.84
N ARG E 57 -28.84 15.55 -15.70
CA ARG E 57 -28.72 14.15 -16.05
C ARG E 57 -27.36 13.80 -16.66
N ASP E 58 -26.89 14.63 -17.57
CA ASP E 58 -25.62 14.36 -18.25
C ASP E 58 -24.39 14.59 -17.38
N MET E 59 -24.60 14.92 -16.12
CA MET E 59 -23.53 15.04 -15.14
C MET E 59 -23.42 13.83 -14.22
N LEU E 60 -24.37 12.89 -14.30
CA LEU E 60 -24.42 11.77 -13.38
C LEU E 60 -24.07 10.45 -14.03
N PRO E 61 -22.89 9.91 -13.72
CA PRO E 61 -22.59 8.53 -14.13
C PRO E 61 -23.63 7.52 -13.59
N CYS E 62 -23.95 6.49 -14.38
CA CYS E 62 -24.92 5.47 -14.01
C CYS E 62 -24.29 4.06 -14.02
N TYR E 63 -24.95 3.12 -13.36
CA TYR E 63 -24.56 1.71 -13.42
C TYR E 63 -24.82 1.19 -14.82
N SER E 64 -23.93 0.34 -15.31
CA SER E 64 -24.16 -0.40 -16.56
C SER E 64 -24.65 -1.81 -16.21
N VAL E 65 -25.47 -2.36 -17.09
CA VAL E 65 -26.00 -3.71 -16.92
C VAL E 65 -26.21 -4.36 -18.28
N ALA E 66 -25.93 -5.66 -18.37
CA ALA E 66 -26.35 -6.47 -19.51
C ALA E 66 -26.99 -7.79 -19.01
N ARG E 67 -28.11 -8.14 -19.61
CA ARG E 67 -28.77 -9.42 -19.43
C ARG E 67 -28.39 -10.28 -20.64
N ILE E 68 -27.66 -11.37 -20.40
CA ILE E 68 -27.16 -12.22 -21.48
C ILE E 68 -27.95 -13.54 -21.53
N PRO E 69 -28.63 -13.79 -22.65
CA PRO E 69 -29.35 -15.07 -22.79
C PRO E 69 -28.39 -16.26 -22.95
N LEU E 70 -28.73 -17.38 -22.30
CA LEU E 70 -27.89 -18.58 -22.30
C LEU E 70 -28.62 -19.67 -23.07
N PRO E 71 -27.88 -20.72 -23.50
CA PRO E 71 -28.57 -21.83 -24.19
C PRO E 71 -29.76 -22.34 -23.38
N ASN E 72 -30.89 -22.50 -24.05
CA ASN E 72 -32.13 -22.92 -23.42
C ASN E 72 -31.99 -24.31 -22.84
N LEU E 73 -32.50 -24.49 -21.62
CA LEU E 73 -32.42 -25.79 -20.92
C LEU E 73 -33.62 -26.72 -20.77
N ASN E 74 -34.81 -26.21 -20.45
CA ASN E 74 -35.95 -27.11 -20.17
C ASN E 74 -37.12 -26.98 -21.16
N ILE E 82 -35.26 -30.57 -13.91
CA ILE E 82 -34.90 -29.15 -14.03
C ILE E 82 -33.39 -28.88 -13.93
N LEU E 83 -32.82 -28.31 -14.98
CA LEU E 83 -31.42 -27.90 -14.99
C LEU E 83 -31.30 -26.38 -15.04
N MET E 84 -30.23 -25.85 -14.45
CA MET E 84 -29.92 -24.43 -14.50
C MET E 84 -28.45 -24.24 -14.77
N TRP E 85 -28.13 -23.16 -15.47
CA TRP E 85 -26.74 -22.77 -15.66
C TRP E 85 -26.22 -22.17 -14.36
N GLU E 86 -25.02 -22.60 -13.99
CA GLU E 86 -24.36 -22.17 -12.76
C GLU E 86 -23.09 -21.44 -13.13
N ALA E 87 -22.95 -20.17 -12.74
CA ALA E 87 -21.76 -19.41 -13.06
C ALA E 87 -20.65 -19.83 -12.10
N VAL E 88 -19.50 -20.19 -12.63
CA VAL E 88 -18.43 -20.78 -11.83
C VAL E 88 -17.19 -19.90 -11.71
N THR E 89 -16.75 -19.30 -12.81
CA THR E 89 -15.55 -18.48 -12.80
C THR E 89 -15.78 -17.19 -13.61
N LEU E 90 -14.96 -16.18 -13.29
CA LEU E 90 -14.98 -14.90 -13.97
C LEU E 90 -13.54 -14.43 -14.24
N LYS E 91 -13.29 -13.99 -15.47
CA LYS E 91 -12.17 -13.12 -15.77
C LYS E 91 -12.74 -11.76 -16.16
N THR E 92 -12.15 -10.69 -15.62
CA THR E 92 -12.61 -9.35 -15.94
C THR E 92 -11.43 -8.37 -16.00
N GLU E 93 -11.55 -7.35 -16.84
CA GLU E 93 -10.64 -6.22 -16.77
C GLU E 93 -11.17 -4.95 -17.44
N VAL E 94 -10.57 -3.84 -17.05
CA VAL E 94 -10.93 -2.56 -17.62
C VAL E 94 -10.22 -2.46 -18.96
N ILE E 95 -10.96 -2.03 -19.98
CA ILE E 95 -10.47 -1.96 -21.34
C ILE E 95 -10.08 -0.52 -21.70
N GLY E 96 -8.82 -0.35 -22.10
CA GLY E 96 -8.32 0.93 -22.58
C GLY E 96 -7.61 1.75 -21.51
N VAL E 97 -6.94 1.09 -20.58
CA VAL E 97 -6.28 1.80 -19.47
C VAL E 97 -5.23 2.80 -19.97
N THR E 98 -4.57 2.49 -21.07
CA THR E 98 -3.50 3.34 -21.59
C THR E 98 -3.99 4.67 -22.20
N SER E 99 -5.28 4.75 -22.54
CA SER E 99 -5.85 5.98 -23.05
C SER E 99 -5.62 7.14 -22.08
N LEU E 100 -5.51 6.82 -20.78
CA LEU E 100 -5.28 7.81 -19.73
C LEU E 100 -3.87 8.42 -19.78
N MET E 101 -3.05 7.98 -20.73
CA MET E 101 -1.76 8.61 -21.00
C MET E 101 -1.84 9.76 -22.00
N ASN E 102 -3.03 10.06 -22.52
CA ASN E 102 -3.16 11.23 -23.34
C ASN E 102 -3.18 12.47 -22.42
N VAL E 103 -2.02 13.11 -22.34
CA VAL E 103 -1.84 14.34 -21.55
C VAL E 103 -1.56 15.55 -22.44
N HIS E 104 -2.01 15.48 -23.69
CA HIS E 104 -1.76 16.54 -24.66
C HIS E 104 -3.04 17.11 -25.31
N SER E 105 -4.21 16.71 -24.81
CA SER E 105 -5.48 16.98 -25.44
C SER E 105 -6.27 17.95 -24.58
N ASN E 106 -5.94 19.24 -24.70
CA ASN E 106 -6.64 20.32 -24.03
C ASN E 106 -6.81 20.17 -22.53
N GLY E 107 -5.77 19.72 -21.87
CA GLY E 107 -5.84 19.61 -20.42
C GLY E 107 -5.18 20.81 -19.78
N GLN E 108 -5.25 20.85 -18.46
CA GLN E 108 -4.64 21.92 -17.69
C GLN E 108 -3.20 21.53 -17.38
N ALA E 109 -2.28 22.41 -17.69
CA ALA E 109 -0.89 22.18 -17.40
C ALA E 109 -0.65 22.13 -15.89
N THR E 110 0.15 21.16 -15.48
CA THR E 110 0.48 20.97 -14.06
C THR E 110 1.23 22.17 -13.51
N HIS E 111 2.03 22.81 -14.36
CA HIS E 111 2.79 24.02 -14.03
C HIS E 111 3.22 24.64 -15.37
N ASP E 112 3.87 25.80 -15.33
CA ASP E 112 4.27 26.49 -16.56
C ASP E 112 5.11 25.61 -17.48
N ASN E 113 4.66 25.48 -18.73
CA ASN E 113 5.31 24.65 -19.77
C ASN E 113 5.19 23.15 -19.60
N GLY E 114 4.46 22.70 -18.58
CA GLY E 114 4.33 21.29 -18.26
C GLY E 114 3.26 20.58 -19.06
N ALA E 115 3.24 19.26 -18.96
CA ALA E 115 2.24 18.45 -19.63
C ALA E 115 0.91 18.64 -18.95
N GLY E 116 -0.15 18.18 -19.60
CA GLY E 116 -1.47 18.26 -19.02
C GLY E 116 -1.65 17.29 -17.84
N LYS E 117 -2.52 17.66 -16.92
CA LYS E 117 -2.85 16.81 -15.79
C LYS E 117 -3.61 15.58 -16.24
N PRO E 118 -3.17 14.40 -15.80
CA PRO E 118 -3.90 13.21 -16.21
C PRO E 118 -5.18 13.05 -15.43
N VAL E 119 -6.07 12.19 -15.94
CA VAL E 119 -7.26 11.76 -15.20
C VAL E 119 -6.84 11.27 -13.81
N GLN E 120 -7.57 11.74 -12.80
CA GLN E 120 -7.27 11.41 -11.42
C GLN E 120 -8.41 11.88 -10.52
N GLY E 121 -8.34 11.52 -9.24
CA GLY E 121 -9.39 11.82 -8.28
C GLY E 121 -10.33 10.67 -8.04
N THR E 122 -11.49 10.96 -7.49
CA THR E 122 -12.45 9.95 -7.05
C THR E 122 -12.80 8.90 -8.10
N SER E 123 -12.68 7.64 -7.72
CA SER E 123 -12.98 6.52 -8.61
C SER E 123 -13.92 5.52 -7.94
N PHE E 124 -14.73 4.87 -8.75
CA PHE E 124 -15.51 3.73 -8.31
C PHE E 124 -15.34 2.65 -9.38
N HIS E 125 -14.84 1.50 -8.94
CA HIS E 125 -14.69 0.33 -9.80
C HIS E 125 -15.47 -0.80 -9.20
N PHE E 126 -16.41 -1.32 -9.98
CA PHE E 126 -17.41 -2.24 -9.49
C PHE E 126 -17.80 -3.22 -10.60
N PHE E 127 -18.01 -4.47 -10.20
CA PHE E 127 -18.56 -5.46 -11.11
C PHE E 127 -19.33 -6.55 -10.35
N SER E 128 -20.33 -7.12 -11.02
CA SER E 128 -21.07 -8.22 -10.44
C SER E 128 -21.53 -9.21 -11.49
N VAL E 129 -21.69 -10.46 -11.05
CA VAL E 129 -22.18 -11.54 -11.88
C VAL E 129 -23.29 -12.21 -11.10
N GLY E 130 -24.47 -12.32 -11.69
CA GLY E 130 -25.59 -12.97 -11.00
C GLY E 130 -26.54 -13.73 -11.90
N GLY E 131 -27.39 -14.53 -11.27
CA GLY E 131 -28.44 -15.29 -11.96
C GLY E 131 -29.79 -14.59 -11.94
N GLU E 132 -29.74 -13.29 -11.64
CA GLU E 132 -30.90 -12.41 -11.63
C GLU E 132 -30.39 -10.98 -11.49
N ALA E 133 -31.28 -10.00 -11.63
CA ALA E 133 -30.86 -8.60 -11.60
C ALA E 133 -30.20 -8.27 -10.26
N LEU E 134 -29.14 -7.48 -10.32
CA LEU E 134 -28.51 -6.95 -9.11
C LEU E 134 -29.55 -6.16 -8.31
N GLU E 135 -29.61 -6.43 -7.02
CA GLU E 135 -30.55 -5.73 -6.14
C GLU E 135 -29.86 -4.54 -5.47
N LEU E 136 -30.55 -3.39 -5.50
CA LEU E 136 -29.96 -2.12 -5.08
C LEU E 136 -30.64 -1.55 -3.84
N GLN E 137 -29.84 -0.86 -3.03
CA GLN E 137 -30.32 -0.09 -1.90
C GLN E 137 -29.92 1.37 -2.14
N GLY E 138 -30.85 2.28 -1.89
CA GLY E 138 -30.59 3.71 -2.07
C GLY E 138 -30.00 4.34 -0.82
N VAL E 139 -28.94 5.13 -1.02
CA VAL E 139 -28.39 5.98 0.02
C VAL E 139 -27.96 7.32 -0.57
N LEU E 140 -28.41 8.41 0.04
CA LEU E 140 -28.17 9.73 -0.52
C LEU E 140 -27.16 10.53 0.30
N PHE E 141 -26.23 11.16 -0.38
CA PHE E 141 -25.36 12.12 0.32
C PHE E 141 -26.22 13.23 0.97
N ASN E 142 -27.21 13.70 0.22
CA ASN E 142 -28.06 14.82 0.60
C ASN E 142 -29.51 14.53 0.17
N TYR E 143 -30.41 14.37 1.14
CA TYR E 143 -31.76 13.89 0.82
C TYR E 143 -32.58 14.93 0.05
N ARG E 144 -32.14 16.18 0.08
CA ARG E 144 -32.85 17.26 -0.63
C ARG E 144 -32.29 17.47 -2.03
N THR E 145 -31.35 16.64 -2.46
CA THR E 145 -30.88 16.66 -3.84
C THR E 145 -32.07 16.38 -4.76
N LYS E 146 -32.30 17.27 -5.72
CA LYS E 146 -33.29 17.04 -6.76
C LYS E 146 -32.62 16.24 -7.88
N TYR E 147 -32.98 14.97 -8.03
CA TYR E 147 -32.46 14.14 -9.13
C TYR E 147 -33.26 14.33 -10.42
N PRO E 148 -32.58 14.33 -11.57
CA PRO E 148 -33.22 14.83 -12.78
C PRO E 148 -34.13 13.83 -13.45
N ASP E 149 -35.04 14.35 -14.27
CA ASP E 149 -35.92 13.56 -15.11
C ASP E 149 -35.11 12.66 -16.04
N GLY E 150 -35.55 11.42 -16.19
CA GLY E 150 -34.82 10.43 -16.98
C GLY E 150 -33.91 9.54 -16.17
N THR E 151 -33.74 9.83 -14.88
CA THR E 151 -33.04 8.92 -13.97
C THR E 151 -34.03 8.22 -13.04
N ILE E 152 -33.61 7.08 -12.49
CA ILE E 152 -34.40 6.36 -11.51
C ILE E 152 -33.63 6.48 -10.20
N PHE E 153 -34.25 7.10 -9.22
CA PHE E 153 -33.57 7.51 -8.00
C PHE E 153 -34.49 7.22 -6.82
N PRO E 154 -33.94 7.23 -5.60
CA PRO E 154 -34.79 6.98 -4.44
C PRO E 154 -35.95 7.97 -4.29
N LYS E 155 -37.18 7.46 -4.25
CA LYS E 155 -38.38 8.29 -4.16
C LYS E 155 -38.82 8.44 -2.70
N ASN E 156 -39.55 9.51 -2.41
CA ASN E 156 -40.02 9.82 -1.05
C ASN E 156 -38.85 9.91 -0.05
N ALA E 157 -37.78 10.56 -0.47
CA ALA E 157 -36.60 10.71 0.35
C ALA E 157 -36.93 11.45 1.63
N THR E 158 -36.30 11.05 2.72
CA THR E 158 -36.38 11.76 3.99
C THR E 158 -34.96 11.94 4.52
N VAL E 159 -34.82 12.58 5.67
CA VAL E 159 -33.49 12.75 6.25
C VAL E 159 -32.84 11.42 6.62
N GLN E 160 -33.65 10.41 6.92
CA GLN E 160 -33.14 9.06 7.15
C GLN E 160 -32.51 8.43 5.89
N SER E 161 -32.89 8.90 4.71
CA SER E 161 -32.30 8.42 3.46
C SER E 161 -30.78 8.72 3.37
N GLN E 162 -30.32 9.67 4.18
CA GLN E 162 -28.89 9.97 4.27
C GLN E 162 -28.07 8.90 4.97
N VAL E 163 -28.71 8.00 5.71
CA VAL E 163 -28.01 6.89 6.38
C VAL E 163 -28.57 5.49 6.03
N MET E 164 -29.87 5.30 6.15
CA MET E 164 -30.53 4.05 5.72
C MET E 164 -32.05 4.16 5.79
N ASN E 165 -32.68 4.18 4.62
CA ASN E 165 -34.12 4.17 4.51
C ASN E 165 -34.46 2.93 3.69
N THR E 166 -35.07 1.94 4.35
CA THR E 166 -35.33 0.64 3.72
C THR E 166 -36.39 0.68 2.62
N GLU E 167 -37.10 1.80 2.48
CA GLU E 167 -38.03 1.93 1.37
C GLU E 167 -37.28 1.96 0.02
N HIS E 168 -36.02 2.39 -0.01
CA HIS E 168 -35.31 2.56 -1.27
C HIS E 168 -34.70 1.25 -1.83
N LYS E 169 -35.58 0.37 -2.33
CA LYS E 169 -35.16 -0.88 -2.98
C LYS E 169 -35.44 -0.82 -4.48
N ALA E 170 -34.53 -1.37 -5.26
CA ALA E 170 -34.70 -1.39 -6.71
C ALA E 170 -33.89 -2.53 -7.30
N TYR E 171 -34.17 -2.81 -8.57
CA TYR E 171 -33.39 -3.76 -9.36
C TYR E 171 -32.63 -2.98 -10.43
N LEU E 172 -31.37 -3.34 -10.64
CA LEU E 172 -30.62 -2.77 -11.75
C LEU E 172 -31.11 -3.44 -13.03
N ASP E 173 -32.19 -2.90 -13.59
CA ASP E 173 -32.92 -3.56 -14.66
C ASP E 173 -32.99 -2.68 -15.92
N LYS E 174 -32.14 -1.66 -16.00
CA LYS E 174 -32.18 -0.69 -17.10
C LYS E 174 -30.90 0.14 -17.18
N ASN E 175 -30.41 0.36 -18.40
CA ASN E 175 -29.22 1.20 -18.63
C ASN E 175 -29.49 2.71 -18.65
N LYS E 176 -28.40 3.45 -18.45
CA LYS E 176 -28.43 4.92 -18.38
C LYS E 176 -29.56 5.44 -17.47
N ALA E 177 -29.79 4.77 -16.36
CA ALA E 177 -30.95 5.12 -15.55
C ALA E 177 -30.64 5.29 -14.06
N TYR E 178 -29.80 4.41 -13.52
CA TYR E 178 -29.53 4.35 -12.08
C TYR E 178 -28.23 5.09 -11.74
N PRO E 179 -28.34 6.28 -11.13
CA PRO E 179 -27.10 7.00 -10.88
C PRO E 179 -26.24 6.29 -9.84
N VAL E 180 -24.93 6.29 -10.07
CA VAL E 180 -23.98 5.66 -9.17
C VAL E 180 -24.08 6.24 -7.74
N GLU E 181 -24.20 7.57 -7.66
CA GLU E 181 -24.16 8.24 -6.36
C GLU E 181 -25.36 7.95 -5.45
N CYS E 182 -26.45 7.46 -6.01
CA CYS E 182 -27.69 7.15 -5.26
C CYS E 182 -27.84 5.73 -4.78
N TRP E 183 -27.16 4.81 -5.44
CA TRP E 183 -27.44 3.38 -5.28
C TRP E 183 -26.19 2.59 -5.00
N VAL E 184 -26.33 1.57 -4.14
CA VAL E 184 -25.30 0.54 -3.92
C VAL E 184 -25.97 -0.84 -3.94
N PRO E 185 -25.17 -1.88 -4.15
CA PRO E 185 -25.70 -3.23 -3.95
C PRO E 185 -26.30 -3.37 -2.56
N ASP E 186 -27.50 -3.95 -2.49
CA ASP E 186 -28.18 -4.18 -1.23
C ASP E 186 -27.56 -5.39 -0.53
N PRO E 187 -26.79 -5.16 0.54
CA PRO E 187 -26.15 -6.30 1.20
C PRO E 187 -27.13 -7.24 1.94
N THR E 188 -28.37 -6.78 2.15
CA THR E 188 -29.39 -7.60 2.78
C THR E 188 -30.04 -8.56 1.80
N ARG E 189 -29.75 -8.44 0.51
CA ARG E 189 -30.27 -9.37 -0.49
C ARG E 189 -29.10 -9.89 -1.31
N ASN E 190 -29.28 -10.02 -2.63
CA ASN E 190 -28.21 -10.46 -3.53
C ASN E 190 -27.57 -11.83 -3.21
N GLU E 191 -28.34 -12.77 -2.68
CA GLU E 191 -27.80 -14.09 -2.37
C GLU E 191 -27.39 -14.85 -3.65
N ASN E 192 -28.05 -14.55 -4.76
CA ASN E 192 -27.77 -15.23 -6.03
C ASN E 192 -26.89 -14.40 -6.99
N THR E 193 -26.05 -13.53 -6.41
CA THR E 193 -25.14 -12.67 -7.17
C THR E 193 -23.83 -12.59 -6.39
N ARG E 194 -22.72 -12.39 -7.10
CA ARG E 194 -21.45 -12.08 -6.47
C ARG E 194 -21.07 -10.68 -6.91
N TYR E 195 -20.80 -9.79 -5.96
CA TYR E 195 -20.43 -8.40 -6.33
C TYR E 195 -19.15 -7.93 -5.64
N PHE E 196 -18.41 -7.05 -6.32
CA PHE E 196 -17.12 -6.57 -5.85
C PHE E 196 -16.99 -5.12 -6.26
N GLY E 197 -16.64 -4.24 -5.31
CA GLY E 197 -16.45 -2.83 -5.61
C GLY E 197 -15.50 -2.09 -4.68
N THR E 198 -14.82 -1.09 -5.24
CA THR E 198 -13.96 -0.21 -4.48
C THR E 198 -14.21 1.28 -4.83
N LEU E 199 -14.49 2.05 -3.80
CA LEU E 199 -14.57 3.50 -3.87
C LEU E 199 -13.24 4.04 -3.33
N THR E 200 -12.53 4.80 -4.16
CA THR E 200 -11.32 5.51 -3.71
C THR E 200 -11.59 6.99 -3.89
N GLY E 201 -11.77 7.73 -2.79
CA GLY E 201 -12.17 9.15 -2.85
C GLY E 201 -11.06 10.15 -2.57
N GLY E 202 -11.14 11.33 -3.15
CA GLY E 202 -10.10 12.36 -2.93
C GLY E 202 -9.70 12.92 -4.26
N GLU E 203 -9.51 14.25 -4.33
CA GLU E 203 -9.34 14.91 -5.64
C GLU E 203 -8.05 14.57 -6.35
N ASN E 204 -7.03 14.10 -5.62
CA ASN E 204 -5.74 13.79 -6.21
C ASN E 204 -5.41 12.31 -6.24
N VAL E 205 -6.37 11.45 -5.98
CA VAL E 205 -6.11 10.03 -6.01
C VAL E 205 -5.62 9.59 -7.39
N PRO E 206 -4.47 8.87 -7.44
CA PRO E 206 -3.93 8.33 -8.69
C PRO E 206 -4.63 7.06 -9.09
N PRO E 207 -5.09 6.96 -10.36
CA PRO E 207 -5.60 5.67 -10.85
C PRO E 207 -4.52 4.60 -10.81
N VAL E 208 -4.88 3.41 -10.35
CA VAL E 208 -3.97 2.27 -10.36
C VAL E 208 -4.75 1.15 -11.00
N LEU E 209 -4.48 0.87 -12.27
CA LEU E 209 -5.27 -0.08 -13.03
C LEU E 209 -4.36 -1.20 -13.50
N HIS E 210 -4.68 -2.42 -13.06
CA HIS E 210 -3.93 -3.61 -13.41
C HIS E 210 -4.66 -4.34 -14.53
N ILE E 211 -3.91 -4.85 -15.49
CA ILE E 211 -4.46 -5.74 -16.51
C ILE E 211 -3.62 -7.01 -16.57
N THR E 212 -4.29 -8.14 -16.78
CA THR E 212 -3.65 -9.41 -17.04
C THR E 212 -4.73 -10.39 -17.48
N ASN E 213 -4.36 -11.36 -18.34
CA ASN E 213 -5.28 -12.43 -18.70
C ASN E 213 -5.02 -13.73 -17.93
N THR E 214 -4.33 -13.63 -16.79
CA THR E 214 -3.95 -14.80 -16.01
C THR E 214 -4.68 -14.93 -14.68
N ALA E 215 -5.60 -14.02 -14.37
CA ALA E 215 -6.27 -13.99 -13.08
C ALA E 215 -7.76 -14.37 -13.22
N THR E 216 -8.20 -15.29 -12.37
CA THR E 216 -9.56 -15.82 -12.39
C THR E 216 -10.19 -15.68 -11.01
N THR E 217 -11.42 -15.21 -10.96
CA THR E 217 -12.18 -15.17 -9.72
C THR E 217 -13.18 -16.33 -9.69
N VAL E 218 -13.12 -17.14 -8.63
CA VAL E 218 -14.06 -18.24 -8.46
C VAL E 218 -15.37 -17.72 -7.84
N LEU E 219 -16.51 -18.06 -8.45
CA LEU E 219 -17.81 -17.48 -8.06
C LEU E 219 -18.64 -18.40 -7.14
N LEU E 220 -18.06 -19.53 -6.75
CA LEU E 220 -18.73 -20.46 -5.85
C LEU E 220 -18.80 -19.91 -4.44
N ASP E 221 -19.94 -20.09 -3.77
CA ASP E 221 -20.08 -19.76 -2.37
C ASP E 221 -19.47 -20.85 -1.47
N GLU E 222 -19.61 -20.68 -0.15
CA GLU E 222 -19.00 -21.60 0.82
C GLU E 222 -19.52 -23.05 0.72
N PHE E 223 -20.63 -23.27 0.04
CA PHE E 223 -21.16 -24.61 -0.21
C PHE E 223 -20.81 -25.16 -1.60
N GLY E 224 -19.96 -24.46 -2.35
CA GLY E 224 -19.57 -24.91 -3.69
C GLY E 224 -20.56 -24.58 -4.79
N VAL E 225 -21.45 -23.61 -4.55
CA VAL E 225 -22.52 -23.28 -5.49
C VAL E 225 -22.38 -21.85 -6.00
N GLY E 226 -22.32 -21.70 -7.31
CA GLY E 226 -22.28 -20.37 -7.92
C GLY E 226 -23.67 -19.82 -8.17
N PRO E 227 -23.75 -18.60 -8.70
CA PRO E 227 -25.05 -18.04 -9.11
C PRO E 227 -25.77 -18.98 -10.07
N LEU E 228 -27.07 -19.18 -9.84
CA LEU E 228 -27.90 -20.04 -10.69
C LEU E 228 -28.82 -19.16 -11.53
N CYS E 229 -28.73 -19.34 -12.85
CA CYS E 229 -29.34 -18.39 -13.79
C CYS E 229 -30.80 -18.66 -14.06
N LYS E 230 -31.66 -17.87 -13.42
CA LYS E 230 -33.11 -18.02 -13.59
C LYS E 230 -33.55 -17.63 -15.00
N GLY E 231 -34.44 -18.42 -15.59
CA GLY E 231 -34.90 -18.18 -16.95
C GLY E 231 -33.80 -18.23 -17.99
N ASP E 232 -32.66 -18.87 -17.67
CA ASP E 232 -31.49 -18.94 -18.57
C ASP E 232 -30.97 -17.54 -18.96
N ASN E 233 -30.85 -16.66 -17.97
CA ASN E 233 -30.21 -15.36 -18.18
C ASN E 233 -29.10 -15.12 -17.18
N LEU E 234 -27.98 -14.62 -17.66
CA LEU E 234 -26.87 -14.20 -16.84
C LEU E 234 -26.90 -12.66 -16.75
N TYR E 235 -26.79 -12.13 -15.54
CA TYR E 235 -26.79 -10.69 -15.35
C TYR E 235 -25.40 -10.19 -15.00
N LEU E 236 -24.88 -9.29 -15.83
CA LEU E 236 -23.58 -8.65 -15.59
C LEU E 236 -23.77 -7.16 -15.36
N SER E 237 -23.12 -6.62 -14.33
CA SER E 237 -23.21 -5.20 -13.99
C SER E 237 -21.82 -4.61 -13.73
N ALA E 238 -21.68 -3.32 -13.91
CA ALA E 238 -20.37 -2.67 -13.82
C ALA E 238 -20.44 -1.15 -13.67
N VAL E 239 -19.45 -0.60 -12.98
CA VAL E 239 -19.15 0.83 -13.00
C VAL E 239 -17.64 0.93 -12.99
N ASP E 240 -17.10 1.75 -13.88
CA ASP E 240 -15.68 2.07 -13.86
C ASP E 240 -15.46 3.57 -14.09
N VAL E 241 -15.77 4.34 -13.07
CA VAL E 241 -15.46 5.77 -13.05
C VAL E 241 -13.99 5.83 -12.66
N CYS E 242 -13.14 6.24 -13.59
CA CYS E 242 -11.69 6.18 -13.40
C CYS E 242 -11.13 7.38 -12.67
N GLY E 243 -11.89 8.46 -12.65
CA GLY E 243 -11.42 9.74 -12.13
C GLY E 243 -12.03 10.89 -12.91
N MET E 244 -11.42 12.05 -12.80
CA MET E 244 -11.88 13.22 -13.49
C MET E 244 -10.81 13.73 -14.44
N PHE E 245 -11.24 14.17 -15.61
CA PHE E 245 -10.36 14.87 -16.56
C PHE E 245 -10.52 16.35 -16.32
N THR E 246 -9.41 17.07 -16.17
CA THR E 246 -9.44 18.53 -15.99
C THR E 246 -9.09 19.20 -17.30
N ASN E 247 -10.00 20.02 -17.83
CA ASN E 247 -9.69 20.75 -19.07
C ASN E 247 -8.90 22.01 -18.73
N ARG E 248 -8.35 22.63 -19.77
CA ARG E 248 -7.55 23.85 -19.66
C ARG E 248 -8.21 24.94 -18.80
N SER E 249 -9.53 25.06 -18.89
CA SER E 249 -10.22 26.08 -18.08
C SER E 249 -10.22 25.75 -16.58
N GLY E 250 -10.01 24.49 -16.25
CA GLY E 250 -10.14 24.03 -14.88
C GLY E 250 -11.41 23.22 -14.63
N SER E 251 -12.37 23.31 -15.55
CA SER E 251 -13.60 22.53 -15.37
C SER E 251 -13.28 21.02 -15.43
N GLN E 252 -14.09 20.23 -14.76
CA GLN E 252 -13.80 18.82 -14.60
C GLN E 252 -14.94 17.93 -15.03
N GLN E 253 -14.58 16.78 -15.62
CA GLN E 253 -15.54 15.80 -16.14
C GLN E 253 -15.14 14.39 -15.69
N TRP E 254 -16.13 13.63 -15.26
CA TRP E 254 -15.88 12.19 -15.00
C TRP E 254 -15.42 11.51 -16.30
N ARG E 255 -14.44 10.62 -16.20
CA ARG E 255 -14.05 9.77 -17.33
C ARG E 255 -14.19 8.29 -16.94
N GLY E 256 -14.87 7.52 -17.79
CA GLY E 256 -15.07 6.10 -17.56
C GLY E 256 -14.54 5.25 -18.69
N LEU E 257 -14.39 3.95 -18.42
CA LEU E 257 -13.90 3.00 -19.42
C LEU E 257 -14.77 1.76 -19.42
N SER E 258 -14.73 0.99 -20.52
CA SER E 258 -15.50 -0.25 -20.65
C SER E 258 -14.90 -1.37 -19.80
N ARG E 259 -15.68 -2.42 -19.53
CA ARG E 259 -15.21 -3.58 -18.78
C ARG E 259 -15.51 -4.87 -19.49
N TYR E 260 -14.46 -5.71 -19.61
CA TYR E 260 -14.54 -7.05 -20.18
C TYR E 260 -15.00 -8.05 -19.13
N PHE E 261 -15.87 -9.00 -19.54
CA PHE E 261 -16.30 -10.13 -18.73
C PHE E 261 -16.12 -11.43 -19.53
N LYS E 262 -15.57 -12.45 -18.89
CA LYS E 262 -15.63 -13.81 -19.39
C LYS E 262 -16.09 -14.72 -18.26
N VAL E 263 -17.25 -15.33 -18.44
CA VAL E 263 -17.84 -16.19 -17.42
C VAL E 263 -17.98 -17.62 -17.94
N GLN E 264 -17.55 -18.58 -17.15
CA GLN E 264 -17.74 -19.99 -17.46
C GLN E 264 -18.86 -20.57 -16.64
N LEU E 265 -19.73 -21.32 -17.29
CA LEU E 265 -20.89 -21.87 -16.62
C LEU E 265 -20.98 -23.37 -16.84
N ARG E 266 -21.67 -24.04 -15.93
CA ARG E 266 -21.92 -25.47 -16.05
C ARG E 266 -23.38 -25.72 -15.70
N LYS E 267 -23.92 -26.84 -16.18
CA LYS E 267 -25.28 -27.23 -15.90
C LYS E 267 -25.36 -27.88 -14.53
N ARG E 268 -26.38 -27.50 -13.78
CA ARG E 268 -26.61 -27.98 -12.43
C ARG E 268 -28.05 -28.44 -12.34
N ARG E 269 -28.29 -29.63 -11.78
CA ARG E 269 -29.67 -30.07 -11.50
C ARG E 269 -30.17 -29.52 -10.18
N VAL E 270 -31.44 -29.13 -10.16
CA VAL E 270 -32.13 -28.65 -8.96
C VAL E 270 -33.53 -29.27 -8.89
N LYS E 271 -34.18 -29.23 -7.71
CA LYS E 271 -35.52 -29.86 -7.55
C LYS E 271 -36.61 -28.86 -7.12
C1 GAL F . 28.97 28.38 5.22
C2 GAL F . 27.55 27.97 4.81
C3 GAL F . 27.47 26.47 4.45
C4 GAL F . 28.53 26.11 3.42
C5 GAL F . 29.88 26.66 3.85
C6 GAL F . 30.95 26.45 2.77
O1 GAL F . 29.11 29.77 5.48
O2 GAL F . 26.60 28.27 5.80
O3 GAL F . 26.19 26.22 3.94
O4 GAL F . 28.18 26.71 2.20
O5 GAL F . 29.82 28.04 4.13
O6 GAL F . 32.21 26.38 3.39
C1 NGA F . 27.79 25.82 1.14
C2 NGA F . 26.98 26.67 0.17
C3 NGA F . 26.53 25.88 -1.05
C4 NGA F . 27.69 25.10 -1.67
C5 NGA F . 28.48 24.34 -0.60
C6 NGA F . 29.69 23.68 -1.26
C7 NGA F . 25.71 28.49 1.21
C8 NGA F . 24.45 28.85 1.93
N2 NGA F . 25.82 27.20 0.86
O3 NGA F . 25.98 26.79 -2.01
O4 NGA F . 28.57 25.99 -2.38
O5 NGA F . 28.89 25.23 0.45
O6 NGA F . 30.28 22.78 -0.32
O7 NGA F . 26.58 29.31 0.96
C1 GAL F . 24.71 26.31 -2.49
C2 GAL F . 24.11 27.35 -3.43
C3 GAL F . 22.75 26.87 -3.96
C4 GAL F . 22.71 25.39 -4.39
C5 GAL F . 23.64 24.49 -3.56
C6 GAL F . 23.98 23.15 -4.23
O2 GAL F . 23.97 28.56 -2.71
O3 GAL F . 22.37 27.72 -5.02
O4 GAL F . 22.92 25.25 -5.78
O5 GAL F . 24.85 25.12 -3.21
O6 GAL F . 25.38 23.02 -4.38
C1 SIA F . 24.32 24.97 3.36
C2 SIA F . 25.53 24.97 4.29
C3 SIA F . 25.12 25.01 5.78
C4 SIA F . 24.49 23.69 6.21
C5 SIA F . 25.44 22.53 5.91
C6 SIA F . 25.75 22.53 4.40
C7 SIA F . 26.67 21.39 3.95
C8 SIA F . 27.13 21.57 2.51
C9 SIA F . 27.80 20.31 1.95
C10 SIA F . 25.39 20.22 6.83
C11 SIA F . 24.49 19.12 7.24
N5 SIA F . 24.77 21.30 6.35
O1A SIA F . 24.43 24.51 2.20
O1B SIA F . 23.22 25.45 3.72
O4 SIA F . 24.11 23.70 7.60
O6 SIA F . 26.34 23.81 4.02
O7 SIA F . 27.85 21.35 4.75
O8 SIA F . 26.02 21.93 1.68
O9 SIA F . 27.98 20.46 0.54
O10 SIA F . 26.60 20.13 6.94
C2 BGC G . 2.49 35.16 28.66
C3 BGC G . 2.75 34.30 27.45
C4 BGC G . 1.54 33.41 27.17
C5 BGC G . 0.27 34.26 27.06
C6 BGC G . -0.96 33.38 26.90
C1 BGC G . 1.19 35.95 28.49
O1 BGC G . 0.95 36.65 29.70
O2 BGC G . 3.59 36.06 28.86
O3 BGC G . 3.93 33.52 27.69
O4 BGC G . 1.70 32.70 25.93
O5 BGC G . 0.11 35.05 28.24
O6 BGC G . -0.99 32.43 27.98
C1 GAL G . 1.91 31.29 26.13
C2 GAL G . 1.81 30.65 24.75
C3 GAL G . 2.29 29.19 24.72
C4 GAL G . 3.64 29.06 25.39
C5 GAL G . 3.56 29.68 26.78
C6 GAL G . 4.92 29.59 27.46
O2 GAL G . 0.48 30.77 24.28
O3 GAL G . 2.40 28.83 23.36
O4 GAL G . 4.61 29.78 24.66
O5 GAL G . 3.18 31.04 26.72
O6 GAL G . 4.72 29.70 28.86
C1 NGA G . 5.50 28.92 23.96
C2 NGA G . 6.09 29.64 22.76
C3 NGA G . 7.09 28.70 22.07
C4 NGA G . 8.10 28.23 23.11
C5 NGA G . 7.36 27.50 24.24
C6 NGA G . 8.35 26.85 25.22
C7 NGA G . 4.40 31.18 21.79
C8 NGA G . 3.30 31.34 20.78
N2 NGA G . 5.01 29.98 21.84
O3 NGA G . 7.76 29.26 20.91
O4 NGA G . 8.84 29.35 23.64
O5 NGA G . 6.48 28.46 24.87
O6 NGA G . 7.92 27.00 26.56
O7 NGA G . 4.69 32.10 22.53
C1 GAL G . 8.27 28.20 20.07
C2 GAL G . 8.72 28.72 18.72
C3 GAL G . 9.32 27.60 17.88
C4 GAL G . 10.36 26.82 18.67
C5 GAL G . 9.81 26.39 20.04
C6 GAL G . 10.83 25.68 20.93
O2 GAL G . 7.63 29.28 18.05
O3 GAL G . 9.93 28.17 16.75
O4 GAL G . 11.50 27.64 18.84
O5 GAL G . 9.36 27.55 20.69
O6 GAL G . 10.38 25.43 22.25
C1 SIA G . 2.43 27.44 21.52
C2 SIA G . 1.91 27.55 22.94
C3 SIA G . 0.36 27.50 22.98
C4 SIA G . -0.15 26.07 22.72
C5 SIA G . 0.56 25.04 23.61
C6 SIA G . 2.07 25.18 23.42
C7 SIA G . 2.89 24.21 24.25
C8 SIA G . 4.38 24.55 24.20
C9 SIA G . 5.19 23.42 24.82
C10 SIA G . -0.06 22.74 24.21
C11 SIA G . -0.55 21.43 23.68
N5 SIA G . 0.12 23.70 23.28
O1A SIA G . 1.69 27.71 20.54
O1B SIA G . 3.64 27.08 21.39
O4 SIA G . -1.57 26.02 22.93
O6 SIA G . 2.45 26.51 23.76
O7 SIA G . 2.47 24.19 25.61
O8 SIA G . 4.81 24.81 22.84
O9 SIA G . 6.54 23.49 24.35
O10 SIA G . 0.15 22.93 25.40
C2 BGC H . -29.13 33.78 7.75
C3 BGC H . -27.73 33.21 7.83
C4 BGC H . -27.66 32.13 6.77
C5 BGC H . -27.93 32.73 5.38
C6 BGC H . -27.98 31.68 4.28
C1 BGC H . -29.27 34.44 6.38
O1 BGC H . -30.55 35.06 6.25
O2 BGC H . -29.32 34.71 8.83
O3 BGC H . -27.47 32.73 9.16
O4 BGC H . -26.35 31.57 6.76
O5 BGC H . -29.18 33.42 5.38
O6 BGC H . -29.14 30.86 4.45
C1 GAL H . -26.38 30.17 7.08
C2 GAL H . -25.04 29.60 6.60
C3 GAL H . -24.82 28.18 7.10
C4 GAL H . -25.08 28.13 8.60
C5 GAL H . -26.47 28.67 8.93
C6 GAL H . -26.72 28.66 10.43
O2 GAL H . -24.97 29.59 5.19
O3 GAL H . -23.48 27.92 6.76
O4 GAL H . -24.12 28.92 9.25
O5 GAL H . -26.61 29.99 8.46
O6 GAL H . -28.11 28.79 10.61
C1 NGA H . -23.24 28.17 10.06
C2 NGA H . -21.97 28.98 10.22
C3 NGA H . -21.02 28.23 11.12
C4 NGA H . -21.71 27.93 12.46
C5 NGA H . -22.96 27.12 12.17
C6 NGA H . -23.66 26.73 13.47
C7 NGA H . -21.46 30.28 8.19
C8 NGA H . -20.71 30.30 6.89
N2 NGA H . -21.31 29.17 8.93
O3 NGA H . -19.82 28.99 11.24
O4 NGA H . -22.04 29.12 13.17
O5 NGA H . -23.82 27.87 11.32
O6 NGA H . -24.65 25.73 13.23
O7 NGA H . -22.16 31.23 8.53
C1 GAL H . -18.78 28.06 11.50
C2 GAL H . -17.41 28.70 11.41
C3 GAL H . -16.37 27.67 11.79
C4 GAL H . -16.71 27.05 13.15
C5 GAL H . -18.12 26.46 13.10
C6 GAL H . -18.61 25.83 14.43
O2 GAL H . -17.21 29.13 10.08
O3 GAL H . -15.09 28.27 11.87
O4 GAL H . -16.63 28.06 14.16
O5 GAL H . -18.99 27.51 12.77
O6 GAL H . -19.93 25.33 14.32
C1 SIA H . -21.70 26.53 6.62
C2 SIA H . -23.20 26.54 6.46
C3 SIA H . -23.68 26.27 5.02
C4 SIA H . -23.53 24.79 4.65
C5 SIA H . -24.18 23.85 5.69
C6 SIA H . -23.59 24.20 7.05
C7 SIA H . -24.11 23.31 8.19
C8 SIA H . -23.57 23.79 9.54
C9 SIA H . -23.72 22.72 10.59
C10 SIA H . -24.61 21.41 5.40
C11 SIA H . -24.03 20.12 4.88
N5 SIA H . -23.83 22.48 5.29
O1A SIA H . -20.96 26.87 5.65
O1B SIA H . -21.24 26.26 7.75
O4 SIA H . -24.07 24.53 3.35
O6 SIA H . -23.79 25.59 7.40
O7 SIA H . -25.53 23.32 8.20
O8 SIA H . -22.19 24.16 9.44
O9 SIA H . -22.99 23.09 11.78
O10 SIA H . -25.74 21.43 5.87
C1 GOL I . 0.48 19.91 -30.16
O1 GOL I . 0.26 21.24 -30.69
C2 GOL I . -0.87 19.20 -29.99
O2 GOL I . -1.45 19.00 -31.28
C3 GOL I . -0.76 17.85 -29.28
O3 GOL I . 0.58 17.66 -28.84
C1 EDO J . 9.19 -3.16 -11.26
O1 EDO J . 8.70 -3.07 -9.90
C2 EDO J . 8.45 -2.21 -12.20
O2 EDO J . 7.74 -2.96 -13.19
C1 EDO K . 3.13 -9.52 -11.55
O1 EDO K . 4.36 -9.47 -12.30
C2 EDO K . 2.72 -10.96 -11.25
O2 EDO K . 3.48 -11.88 -12.05
C1 EDO L . 2.93 -5.98 -13.41
O1 EDO L . 1.53 -5.76 -13.58
C2 EDO L . 3.68 -4.80 -14.01
O2 EDO L . 4.39 -4.12 -12.96
C1 EDO M . -2.30 -21.39 -24.28
O1 EDO M . -3.12 -21.75 -23.15
C2 EDO M . -1.83 -22.63 -25.01
O2 EDO M . -2.35 -22.58 -26.35
K K N . 22.32 -15.63 -17.82
K K O . -11.88 -15.20 -26.08
C1 GOL P . 27.10 21.43 -11.84
O1 GOL P . 27.48 21.70 -10.48
C2 GOL P . 27.27 19.93 -12.11
O2 GOL P . 27.69 19.74 -13.44
C3 GOL P . 25.97 19.17 -11.93
O3 GOL P . 26.26 17.98 -11.22
C1 EDO Q . 12.98 -10.26 0.34
O1 EDO Q . 13.42 -11.51 0.86
C2 EDO Q . 14.11 -9.28 0.57
O2 EDO Q . 13.59 -7.98 0.90
C1 EDO R . 13.79 -4.32 0.21
O1 EDO R . 14.36 -3.17 0.83
C2 EDO R . 14.50 -4.54 -1.12
O2 EDO R . 13.91 -5.66 -1.79
C1 EDO S . 14.45 -1.00 4.09
O1 EDO S . 15.27 -1.83 3.30
C2 EDO S . 13.92 -1.79 5.30
O2 EDO S . 12.48 -1.83 5.30
K K T . 24.79 -12.31 17.12
C1 GOL U . 17.64 24.77 19.45
O1 GOL U . 18.32 25.84 20.10
C2 GOL U . 18.50 23.50 19.55
O2 GOL U . 19.88 23.82 19.29
C3 GOL U . 18.04 22.43 18.56
O3 GOL U . 17.47 21.36 19.30
C1 EDO V . 6.10 -3.07 13.70
O1 EDO V . 6.60 -3.82 12.60
C2 EDO V . 5.36 -1.85 13.18
O2 EDO V . 4.19 -1.61 13.99
C1 EDO W . 4.20 -8.37 12.73
O1 EDO W . 4.78 -9.13 13.81
C2 EDO W . 3.51 -7.15 13.33
O2 EDO W . 4.49 -6.14 13.58
C1 EDO X . 17.29 -18.20 21.58
O1 EDO X . 16.58 -17.91 20.36
C2 EDO X . 16.61 -17.50 22.74
O2 EDO X . 15.61 -18.34 23.34
K K Y . -7.49 -10.05 29.79
C1 GOL Z . -15.20 25.53 20.24
O1 GOL Z . -15.42 26.84 20.71
C2 GOL Z . -14.64 24.62 21.35
O2 GOL Z . -14.05 25.38 22.40
C3 GOL Z . -13.64 23.60 20.79
O3 GOL Z . -14.36 22.49 20.28
C1 EDO AA . -11.55 -2.66 8.96
O1 EDO AA . -11.62 -1.28 8.63
C2 EDO AA . -11.12 -2.78 10.41
O2 EDO AA . -9.76 -3.23 10.48
C1 EDO BA . -15.99 -17.37 24.43
O1 EDO BA . -16.02 -17.30 25.86
C2 EDO BA . -15.04 -16.31 23.91
O2 EDO BA . -13.78 -16.89 23.53
K K CA . -30.03 -11.67 3.39
C1 GOL DA . -26.01 22.91 -10.43
O1 GOL DA . -25.84 22.35 -11.74
C2 GOL DA . -26.68 21.91 -9.48
O2 GOL DA . -27.66 22.58 -8.66
C3 GOL DA . -25.64 21.21 -8.59
O3 GOL DA . -25.18 20.02 -9.24
C1 EDO EA . -12.03 -9.12 -6.91
O1 EDO EA . -11.05 -8.12 -6.62
C2 EDO EA . -11.81 -10.35 -6.04
O2 EDO EA . -11.75 -11.51 -6.89
C1 EDO FA . -24.15 0.29 -21.15
O1 EDO FA . -25.38 0.78 -21.72
C2 EDO FA . -24.15 -1.24 -21.15
O2 EDO FA . -23.16 -1.74 -22.05
C1 EDO GA . -11.29 -3.63 -7.48
O1 EDO GA . -11.97 -3.35 -8.70
C2 EDO GA . -12.01 -4.79 -6.81
O2 EDO GA . -13.33 -4.37 -6.46
#